data_2RB9
#
_entry.id   2RB9
#
_cell.length_a   254.574
_cell.length_b   72.303
_cell.length_c   112.607
_cell.angle_alpha   90.000
_cell.angle_beta   115.330
_cell.angle_gamma   90.000
#
_symmetry.space_group_name_H-M   'C 1 2 1'
#
loop_
_entity.id
_entity.type
_entity.pdbx_description
1 polymer 'HypE protein'
2 water water
#
_entity_poly.entity_id   1
_entity_poly.type   'polypeptide(L)'
_entity_poly.pdbx_seq_one_letter_code
;MGSSHHHHHHGSMQQLINSLFMEAFANPWLAEQEDQARLDLAQLVAEGDRLAFSTDSYVIDPLFFPGGNIGKLAICGTAN
DVAVSGAIPRYLSCGFILEEGLPMETLKAVVTSMAETARTAGIAIVTGDTKVVQRGAADKLFINTAGMGAIPTNIHWGAQ
TLTAGDILLVSGTLGDHGATILNLREQLGLDGELVSDCAVLTPLIQTLRDIPGVKALRDATRGGVNAVVHEFAAACGCGI
EISESALPVKPAVRGVCELLGLDALNFANEGKLVIAVERNAAEQVLAALHSHPLGKDAALIGEVVERKGVRLAGLYGVKR
TLDLPHAEPLPRIC
;
_entity_poly.pdbx_strand_id   A,B,C,D
#
# COMPACT_ATOMS: atom_id res chain seq x y z
N MET A 13 19.29 -0.97 28.92
CA MET A 13 18.47 -1.40 27.74
C MET A 13 17.15 -0.62 27.66
N GLN A 14 16.49 -0.71 26.50
CA GLN A 14 15.27 0.05 26.22
C GLN A 14 14.14 -0.19 27.22
N GLN A 15 14.01 -1.43 27.69
CA GLN A 15 12.92 -1.80 28.59
C GLN A 15 13.08 -1.22 30.00
N LEU A 16 14.31 -1.11 30.47
CA LEU A 16 14.61 -0.50 31.76
C LEU A 16 14.34 1.00 31.74
N ILE A 17 14.71 1.64 30.63
CA ILE A 17 14.53 3.08 30.46
C ILE A 17 13.04 3.44 30.40
N ASN A 18 12.27 2.64 29.67
CA ASN A 18 10.83 2.84 29.56
C ASN A 18 10.14 2.62 30.91
N SER A 19 10.63 1.63 31.66
CA SER A 19 10.13 1.35 33.01
C SER A 19 10.40 2.51 33.96
N LEU A 20 11.61 3.08 33.88
CA LEU A 20 11.98 4.24 34.68
C LEU A 20 11.04 5.43 34.41
N PHE A 21 10.80 5.72 33.13
CA PHE A 21 9.89 6.78 32.71
C PHE A 21 8.50 6.60 33.32
N MET A 22 7.92 5.41 33.12
CA MET A 22 6.55 5.13 33.56
C MET A 22 6.37 5.18 35.08
N GLU A 23 7.37 4.68 35.80
N GLU A 23 7.36 4.66 35.81
CA GLU A 23 7.34 4.68 37.26
CA GLU A 23 7.32 4.69 37.27
C GLU A 23 7.47 6.11 37.81
C GLU A 23 7.47 6.11 37.81
N ALA A 24 8.47 6.84 37.32
CA ALA A 24 8.76 8.18 37.80
C ALA A 24 7.64 9.19 37.52
N PHE A 25 7.09 9.15 36.31
CA PHE A 25 6.11 10.15 35.86
C PHE A 25 4.66 9.69 36.03
N ALA A 26 4.48 8.50 36.60
CA ALA A 26 3.16 7.85 36.74
C ALA A 26 2.04 8.81 37.10
N ASN A 27 1.00 8.82 36.25
CA ASN A 27 -0.20 9.62 36.49
C ASN A 27 -1.36 9.00 35.69
N PRO A 28 -2.61 9.40 35.99
CA PRO A 28 -3.75 8.79 35.29
C PRO A 28 -3.82 9.00 33.76
N TRP A 29 -3.13 10.00 33.22
CA TRP A 29 -3.11 10.20 31.76
C TRP A 29 -2.08 9.33 31.06
N LEU A 30 -0.98 9.05 31.75
CA LEU A 30 0.11 8.25 31.22
C LEU A 30 -0.18 6.76 31.32
N ALA A 31 -0.78 6.34 32.44
CA ALA A 31 -1.16 4.95 32.67
C ALA A 31 -2.28 4.49 31.73
N GLU A 32 -2.19 3.23 31.27
CA GLU A 32 -3.16 2.64 30.35
C GLU A 32 -3.27 3.40 29.01
N GLN A 33 -2.39 4.38 28.83
CA GLN A 33 -2.35 5.17 27.60
C GLN A 33 -1.87 4.33 26.41
N GLU A 34 -2.43 4.66 25.24
CA GLU A 34 -2.07 4.05 23.96
C GLU A 34 -1.00 4.93 23.28
N ASP A 35 -1.27 5.38 22.05
CA ASP A 35 -0.30 6.19 21.29
C ASP A 35 -0.37 7.69 21.58
N GLN A 36 -1.30 8.08 22.44
CA GLN A 36 -1.52 9.50 22.72
C GLN A 36 -2.18 9.67 24.09
N ALA A 37 -1.93 10.78 24.76
CA ALA A 37 -2.68 11.15 25.95
C ALA A 37 -4.03 11.69 25.51
N ARG A 38 -5.02 11.66 26.41
CA ARG A 38 -6.35 12.16 26.11
C ARG A 38 -6.79 13.08 27.24
N LEU A 39 -6.93 14.37 26.92
CA LEU A 39 -7.10 15.42 27.91
C LEU A 39 -8.51 16.01 27.84
N ASP A 40 -9.13 16.20 29.00
CA ASP A 40 -10.50 16.75 29.09
C ASP A 40 -10.52 18.17 28.54
N LEU A 41 -11.24 18.37 27.42
CA LEU A 41 -11.30 19.70 26.81
C LEU A 41 -12.25 20.66 27.51
N ALA A 42 -13.33 20.13 28.08
CA ALA A 42 -14.30 20.95 28.84
C ALA A 42 -13.63 21.64 30.03
N GLN A 43 -12.74 20.92 30.72
CA GLN A 43 -11.98 21.48 31.84
C GLN A 43 -11.09 22.64 31.42
N LEU A 44 -10.42 22.48 30.27
CA LEU A 44 -9.56 23.55 29.74
C LEU A 44 -10.36 24.79 29.33
N VAL A 45 -11.45 24.59 28.60
CA VAL A 45 -12.25 25.72 28.12
CA VAL A 45 -12.30 25.69 28.11
C VAL A 45 -12.94 26.46 29.27
N ALA A 46 -13.17 25.77 30.39
CA ALA A 46 -13.71 26.40 31.59
C ALA A 46 -12.68 27.31 32.25
N GLU A 47 -11.40 27.05 32.02
CA GLU A 47 -10.31 27.86 32.55
C GLU A 47 -10.02 29.08 31.68
N GLY A 48 -10.20 28.94 30.37
CA GLY A 48 -9.84 29.99 29.43
C GLY A 48 -10.26 29.68 28.01
N ASP A 49 -10.10 30.67 27.14
CA ASP A 49 -10.57 30.57 25.76
C ASP A 49 -9.47 30.25 24.76
N ARG A 50 -8.22 30.38 25.19
CA ARG A 50 -7.07 30.05 24.35
C ARG A 50 -6.19 29.03 25.05
N LEU A 51 -5.65 28.09 24.28
CA LEU A 51 -4.68 27.12 24.80
C LEU A 51 -3.27 27.61 24.49
N ALA A 52 -2.50 27.87 25.54
CA ALA A 52 -1.08 28.18 25.38
C ALA A 52 -0.35 26.87 25.13
N PHE A 53 0.55 26.89 24.13
CA PHE A 53 1.26 25.70 23.71
C PHE A 53 2.67 26.08 23.29
N SER A 54 3.67 25.49 23.95
CA SER A 54 5.06 25.78 23.65
CA SER A 54 5.06 25.77 23.64
C SER A 54 5.93 24.52 23.67
N THR A 55 7.09 24.61 23.06
CA THR A 55 8.08 23.54 23.12
C THR A 55 9.49 24.12 23.21
N ASP A 56 10.37 23.39 23.88
N ASP A 56 10.37 23.38 23.89
CA ASP A 56 11.78 23.74 23.93
CA ASP A 56 11.78 23.74 24.00
C ASP A 56 12.60 22.46 24.07
C ASP A 56 12.61 22.47 24.12
N SER A 57 13.81 22.49 23.52
CA SER A 57 14.76 21.40 23.69
C SER A 57 15.85 21.87 24.63
N TYR A 58 16.46 20.91 25.33
CA TYR A 58 17.43 21.21 26.37
C TYR A 58 18.68 20.42 26.10
N VAL A 59 19.79 21.13 25.92
CA VAL A 59 21.05 20.55 25.51
C VAL A 59 22.20 21.05 26.40
N ILE A 60 21.83 21.51 27.60
CA ILE A 60 22.80 22.10 28.54
C ILE A 60 23.98 21.16 28.85
N ASP A 61 25.17 21.76 28.94
CA ASP A 61 26.39 21.08 29.37
C ASP A 61 27.03 21.99 30.41
N PRO A 62 27.26 21.48 31.64
CA PRO A 62 27.04 20.11 32.09
C PRO A 62 25.59 19.81 32.49
N LEU A 63 25.29 18.53 32.67
CA LEU A 63 23.94 18.08 33.02
C LEU A 63 23.51 18.54 34.40
N PHE A 64 24.47 18.62 35.32
CA PHE A 64 24.24 19.07 36.69
C PHE A 64 25.13 20.28 37.02
N PHE A 65 24.55 21.22 37.75
CA PHE A 65 25.15 22.53 38.03
C PHE A 65 24.54 23.09 39.30
N PRO A 66 25.23 24.03 39.97
CA PRO A 66 24.62 24.63 41.17
C PRO A 66 23.28 25.30 40.89
N GLY A 67 22.24 24.85 41.58
CA GLY A 67 20.90 25.38 41.40
C GLY A 67 20.00 24.56 40.51
N GLY A 68 20.53 23.51 39.89
CA GLY A 68 19.68 22.64 39.06
C GLY A 68 20.35 21.58 38.22
N ASN A 69 19.61 21.10 37.22
CA ASN A 69 20.08 20.10 36.28
C ASN A 69 19.20 20.12 35.05
N ILE A 70 19.61 19.39 34.01
CA ILE A 70 18.86 19.34 32.75
C ILE A 70 17.39 18.94 32.92
N GLY A 71 17.11 18.05 33.87
CA GLY A 71 15.76 17.57 34.11
C GLY A 71 14.87 18.64 34.73
N LYS A 72 15.35 19.25 35.80
CA LYS A 72 14.63 20.37 36.42
C LYS A 72 14.41 21.47 35.39
N LEU A 73 15.47 21.80 34.66
CA LEU A 73 15.45 22.82 33.62
C LEU A 73 14.38 22.55 32.54
N ALA A 74 14.28 21.29 32.11
CA ALA A 74 13.32 20.89 31.08
C ALA A 74 11.87 21.09 31.50
N ILE A 75 11.58 20.97 32.80
CA ILE A 75 10.24 21.29 33.31
C ILE A 75 10.09 22.81 33.45
N CYS A 76 11.05 23.46 34.12
CA CYS A 76 10.97 24.90 34.39
C CYS A 76 10.81 25.76 33.13
N GLY A 77 11.67 25.54 32.14
CA GLY A 77 11.69 26.36 30.93
C GLY A 77 10.39 26.30 30.17
N THR A 78 9.85 25.10 30.04
CA THR A 78 8.64 24.90 29.27
C THR A 78 7.40 25.31 30.08
N ALA A 79 7.39 25.02 31.38
CA ALA A 79 6.31 25.52 32.23
C ALA A 79 6.24 27.06 32.15
N ASN A 80 7.39 27.71 32.20
CA ASN A 80 7.45 29.18 32.12
C ASN A 80 6.98 29.77 30.79
N ASP A 81 7.38 29.14 29.69
CA ASP A 81 6.90 29.53 28.35
C ASP A 81 5.37 29.54 28.26
N VAL A 82 4.74 28.54 28.87
CA VAL A 82 3.29 28.50 29.00
C VAL A 82 2.81 29.59 29.98
N ALA A 83 3.42 29.65 31.17
CA ALA A 83 2.91 30.46 32.28
C ALA A 83 2.94 31.97 32.02
N VAL A 84 3.90 32.44 31.22
CA VAL A 84 4.00 33.87 30.91
C VAL A 84 2.86 34.39 30.03
N SER A 85 2.03 33.49 29.49
CA SER A 85 0.80 33.89 28.81
C SER A 85 -0.32 34.22 29.81
N GLY A 86 -0.14 33.86 31.08
CA GLY A 86 -1.21 33.94 32.08
C GLY A 86 -1.86 32.60 32.38
N ALA A 87 -1.58 31.59 31.55
CA ALA A 87 -2.09 30.22 31.73
C ALA A 87 -1.42 29.49 32.89
N ILE A 88 -2.16 28.65 33.59
CA ILE A 88 -1.56 27.68 34.51
C ILE A 88 -1.15 26.46 33.70
N PRO A 89 0.15 26.13 33.70
CA PRO A 89 0.60 24.93 32.98
C PRO A 89 0.03 23.68 33.66
N ARG A 90 -0.53 22.78 32.86
CA ARG A 90 -1.16 21.57 33.42
C ARG A 90 -0.58 20.27 32.86
N TYR A 91 -0.26 20.27 31.57
CA TYR A 91 0.17 19.04 30.90
C TYR A 91 1.43 19.25 30.08
N LEU A 92 2.40 18.37 30.29
CA LEU A 92 3.65 18.40 29.54
C LEU A 92 3.93 17.06 28.84
N SER A 93 4.63 17.14 27.71
CA SER A 93 5.16 15.97 27.02
C SER A 93 6.67 15.98 27.17
N CYS A 94 7.30 14.81 27.03
CA CYS A 94 8.74 14.70 27.25
C CYS A 94 9.40 13.69 26.32
N GLY A 95 10.38 14.15 25.53
CA GLY A 95 11.14 13.30 24.63
C GLY A 95 12.60 13.27 25.01
N PHE A 96 13.09 12.09 25.39
CA PHE A 96 14.50 11.91 25.74
C PHE A 96 15.29 11.38 24.56
N ILE A 97 16.48 11.95 24.34
CA ILE A 97 17.48 11.37 23.45
C ILE A 97 18.72 11.03 24.29
N LEU A 98 18.96 9.72 24.43
CA LEU A 98 20.01 9.21 25.31
CA LEU A 98 20.00 9.17 25.32
C LEU A 98 21.18 8.59 24.55
N GLU A 99 22.38 8.82 25.05
CA GLU A 99 23.57 8.21 24.48
C GLU A 99 23.73 6.85 25.14
N GLU A 100 23.85 5.80 24.32
CA GLU A 100 24.18 4.47 24.81
C GLU A 100 25.37 4.55 25.78
N GLY A 101 25.21 3.93 26.94
CA GLY A 101 26.28 3.90 27.93
C GLY A 101 26.19 4.96 29.01
N LEU A 102 25.23 5.89 28.90
CA LEU A 102 25.00 6.87 29.96
C LEU A 102 24.71 6.12 31.24
N PRO A 103 25.46 6.39 32.32
CA PRO A 103 25.23 5.69 33.58
C PRO A 103 23.77 5.79 34.00
N MET A 104 23.21 4.66 34.43
CA MET A 104 21.83 4.62 34.90
C MET A 104 21.62 5.56 36.07
N GLU A 105 22.64 5.69 36.91
CA GLU A 105 22.62 6.56 38.08
C GLU A 105 22.35 8.02 37.70
N THR A 106 22.99 8.46 36.61
CA THR A 106 22.81 9.81 36.07
C THR A 106 21.40 9.99 35.52
N LEU A 107 20.95 9.06 34.68
CA LEU A 107 19.61 9.10 34.14
C LEU A 107 18.55 9.13 35.24
N LYS A 108 18.73 8.30 36.27
N LYS A 108 18.73 8.29 36.26
CA LYS A 108 17.78 8.23 37.37
CA LYS A 108 17.83 8.21 37.40
C LYS A 108 17.69 9.56 38.12
C LYS A 108 17.70 9.53 38.13
N ALA A 109 18.85 10.19 38.37
CA ALA A 109 18.89 11.49 39.04
C ALA A 109 18.15 12.57 38.25
N VAL A 110 18.35 12.57 36.93
CA VAL A 110 17.67 13.52 36.03
C VAL A 110 16.16 13.30 36.08
N VAL A 111 15.74 12.05 35.87
CA VAL A 111 14.32 11.71 35.85
C VAL A 111 13.64 12.01 37.20
N THR A 112 14.34 11.69 38.30
CA THR A 112 13.83 11.96 39.64
C THR A 112 13.58 13.46 39.87
N SER A 113 14.52 14.28 39.41
CA SER A 113 14.40 15.73 39.52
C SER A 113 13.29 16.28 38.64
N MET A 114 13.18 15.79 37.40
CA MET A 114 12.05 16.15 36.52
C MET A 114 10.72 15.87 37.19
N ALA A 115 10.57 14.64 37.68
CA ALA A 115 9.33 14.19 38.26
C ALA A 115 8.96 15.03 39.48
N GLU A 116 9.95 15.31 40.32
CA GLU A 116 9.75 16.12 41.53
C GLU A 116 9.35 17.55 41.17
N THR A 117 10.04 18.13 40.18
CA THR A 117 9.77 19.50 39.75
C THR A 117 8.35 19.62 39.20
N ALA A 118 7.96 18.67 38.34
CA ALA A 118 6.59 18.64 37.80
C ALA A 118 5.55 18.47 38.91
N ARG A 119 5.83 17.57 39.86
CA ARG A 119 4.89 17.25 40.94
C ARG A 119 4.63 18.48 41.81
N THR A 120 5.71 19.17 42.18
CA THR A 120 5.66 20.41 42.95
C THR A 120 4.88 21.52 42.21
N ALA A 121 4.96 21.54 40.89
CA ALA A 121 4.31 22.59 40.09
C ALA A 121 2.87 22.25 39.71
N GLY A 122 2.40 21.08 40.11
CA GLY A 122 1.05 20.62 39.77
C GLY A 122 0.92 20.23 38.30
N ILE A 123 2.03 19.84 37.69
CA ILE A 123 2.09 19.52 36.27
C ILE A 123 2.18 18.00 36.06
N ALA A 124 1.37 17.49 35.15
CA ALA A 124 1.42 16.07 34.76
C ALA A 124 2.18 15.86 33.46
N ILE A 125 3.12 14.93 33.46
CA ILE A 125 3.78 14.51 32.23
C ILE A 125 2.94 13.37 31.64
N VAL A 126 2.19 13.70 30.61
CA VAL A 126 1.08 12.86 30.16
C VAL A 126 1.44 11.96 28.98
N THR A 127 2.57 12.25 28.36
CA THR A 127 3.02 11.48 27.21
C THR A 127 4.51 11.69 27.00
N GLY A 128 5.15 10.75 26.33
CA GLY A 128 6.59 10.80 26.19
C GLY A 128 7.16 9.84 25.17
N ASP A 129 8.48 9.87 25.06
CA ASP A 129 9.23 9.06 24.11
C ASP A 129 10.67 9.04 24.59
N THR A 130 11.34 7.92 24.34
CA THR A 130 12.77 7.78 24.58
C THR A 130 13.42 7.19 23.34
N LYS A 131 14.51 7.82 22.89
CA LYS A 131 15.35 7.26 21.83
C LYS A 131 16.77 7.11 22.35
N VAL A 132 17.39 5.96 22.06
CA VAL A 132 18.79 5.75 22.39
C VAL A 132 19.62 5.79 21.11
N VAL A 133 20.70 6.55 21.13
CA VAL A 133 21.65 6.57 20.01
C VAL A 133 22.97 5.95 20.46
N GLN A 134 23.85 5.60 19.51
CA GLN A 134 25.10 4.96 19.89
C GLN A 134 26.07 5.94 20.54
N ARG A 135 27.08 5.41 21.20
CA ARG A 135 28.17 6.21 21.76
C ARG A 135 28.72 7.18 20.72
N GLY A 136 28.80 8.46 21.08
CA GLY A 136 29.31 9.48 20.17
C GLY A 136 28.26 10.19 19.32
N ALA A 137 27.10 9.56 19.13
CA ALA A 137 26.02 10.16 18.32
C ALA A 137 25.19 11.22 19.07
N ALA A 138 25.30 11.25 20.39
CA ALA A 138 24.78 12.35 21.20
C ALA A 138 25.65 12.51 22.44
N ASP A 139 25.75 13.74 22.94
CA ASP A 139 26.54 14.00 24.13
C ASP A 139 25.68 13.77 25.37
N LYS A 140 25.61 12.50 25.78
CA LYS A 140 24.97 12.07 27.03
C LYS A 140 23.44 12.03 27.02
N LEU A 141 22.81 13.21 27.04
CA LEU A 141 21.36 13.32 27.24
CA LEU A 141 21.36 13.31 27.19
C LEU A 141 20.83 14.65 26.72
N PHE A 142 19.82 14.59 25.83
CA PHE A 142 19.06 15.77 25.38
C PHE A 142 17.59 15.54 25.73
N ILE A 143 16.87 16.63 26.05
CA ILE A 143 15.45 16.52 26.41
C ILE A 143 14.66 17.55 25.61
N ASN A 144 13.51 17.13 25.07
CA ASN A 144 12.51 18.07 24.59
C ASN A 144 11.26 17.96 25.42
N THR A 145 10.71 19.11 25.83
CA THR A 145 9.41 19.11 26.46
C THR A 145 8.50 20.06 25.71
N ALA A 146 7.23 19.70 25.61
CA ALA A 146 6.20 20.59 25.09
C ALA A 146 5.13 20.69 26.16
N GLY A 147 4.47 21.83 26.24
CA GLY A 147 3.55 22.07 27.35
C GLY A 147 2.34 22.88 26.99
N MET A 148 1.31 22.78 27.82
CA MET A 148 0.08 23.51 27.56
C MET A 148 -0.67 23.92 28.82
N GLY A 149 -1.50 24.95 28.67
CA GLY A 149 -2.38 25.43 29.73
C GLY A 149 -3.36 26.40 29.09
N ALA A 150 -4.47 26.65 29.76
CA ALA A 150 -5.52 27.52 29.23
C ALA A 150 -5.34 28.94 29.73
N ILE A 151 -5.37 29.91 28.81
CA ILE A 151 -5.20 31.32 29.16
C ILE A 151 -6.56 31.90 29.54
N PRO A 152 -6.69 32.43 30.77
CA PRO A 152 -7.94 33.07 31.19
C PRO A 152 -8.39 34.12 30.18
N THR A 153 -9.70 34.18 29.94
CA THR A 153 -10.26 35.02 28.89
C THR A 153 -9.91 36.51 29.10
N ASN A 154 -9.77 36.92 30.36
CA ASN A 154 -9.54 38.33 30.68
C ASN A 154 -8.07 38.76 30.67
N ILE A 155 -7.17 37.81 30.45
CA ILE A 155 -5.74 38.13 30.39
C ILE A 155 -5.29 38.30 28.94
N HIS A 156 -4.79 39.50 28.62
CA HIS A 156 -4.34 39.79 27.27
C HIS A 156 -2.95 40.42 27.26
N TRP A 157 -1.96 39.62 27.62
CA TRP A 157 -0.57 40.07 27.67
C TRP A 157 0.12 39.81 26.33
N GLY A 158 0.71 40.87 25.79
CA GLY A 158 1.44 40.81 24.52
C GLY A 158 2.18 42.11 24.26
N ALA A 159 3.32 42.02 23.58
CA ALA A 159 4.18 43.18 23.35
C ALA A 159 3.65 44.14 22.28
N GLN A 160 2.75 43.64 21.43
CA GLN A 160 2.10 44.46 20.40
CA GLN A 160 2.10 44.46 20.40
C GLN A 160 1.34 45.63 21.01
N THR A 161 0.96 45.49 22.28
CA THR A 161 0.15 46.48 22.98
C THR A 161 0.93 47.65 23.56
N LEU A 162 2.26 47.54 23.60
CA LEU A 162 3.10 48.55 24.25
C LEU A 162 3.08 49.90 23.53
N THR A 163 3.09 50.97 24.32
CA THR A 163 3.08 52.34 23.81
C THR A 163 4.03 53.22 24.62
N ALA A 164 4.43 54.35 24.05
CA ALA A 164 5.33 55.31 24.69
C ALA A 164 4.87 55.66 26.11
N GLY A 165 5.80 55.60 27.06
CA GLY A 165 5.49 55.87 28.46
C GLY A 165 5.38 54.63 29.32
N ASP A 166 5.19 53.46 28.70
CA ASP A 166 5.14 52.20 29.46
C ASP A 166 6.47 51.93 30.15
N ILE A 167 6.41 51.28 31.30
CA ILE A 167 7.59 51.04 32.13
C ILE A 167 8.06 49.57 32.02
N LEU A 168 9.38 49.38 31.99
CA LEU A 168 9.94 48.03 31.97
CA LEU A 168 10.01 48.06 31.93
C LEU A 168 10.56 47.62 33.28
N LEU A 169 10.17 46.42 33.72
CA LEU A 169 10.65 45.84 34.96
CA LEU A 169 10.63 45.84 34.97
C LEU A 169 11.31 44.51 34.70
N VAL A 170 12.18 44.10 35.62
CA VAL A 170 12.65 42.71 35.66
C VAL A 170 12.27 42.16 37.04
N SER A 171 12.00 40.86 37.12
CA SER A 171 11.53 40.26 38.37
C SER A 171 12.66 39.95 39.35
N GLY A 172 13.91 40.09 38.92
CA GLY A 172 15.05 39.81 39.79
C GLY A 172 16.37 40.05 39.10
N THR A 173 17.44 39.57 39.72
CA THR A 173 18.81 39.81 39.24
C THR A 173 19.08 39.13 37.90
N LEU A 174 19.97 39.73 37.11
CA LEU A 174 20.17 39.30 35.73
C LEU A 174 21.43 38.47 35.52
N GLY A 175 21.29 37.39 34.75
CA GLY A 175 22.44 36.65 34.26
C GLY A 175 22.97 35.54 35.16
N ASP A 176 22.24 35.24 36.24
CA ASP A 176 22.66 34.21 37.19
C ASP A 176 22.92 32.84 36.56
N HIS A 177 21.98 32.37 35.75
CA HIS A 177 22.14 31.07 35.10
C HIS A 177 23.31 31.07 34.13
N GLY A 178 23.29 31.99 33.18
CA GLY A 178 24.37 32.09 32.20
C GLY A 178 25.74 32.18 32.85
N ALA A 179 25.85 33.02 33.88
CA ALA A 179 27.13 33.21 34.58
C ALA A 179 27.59 31.93 35.27
N THR A 180 26.67 31.24 35.91
CA THR A 180 26.94 29.95 36.57
C THR A 180 27.54 28.94 35.61
N ILE A 181 26.94 28.82 34.42
CA ILE A 181 27.40 27.85 33.44
C ILE A 181 28.74 28.25 32.83
N LEU A 182 28.90 29.54 32.52
CA LEU A 182 30.17 30.07 32.03
C LEU A 182 31.32 29.80 32.99
N ASN A 183 31.07 30.04 34.28
CA ASN A 183 32.06 29.77 35.32
C ASN A 183 32.48 28.30 35.36
N LEU A 184 31.50 27.41 35.29
CA LEU A 184 31.76 25.97 35.29
C LEU A 184 32.56 25.55 34.07
N ARG A 185 32.05 25.92 32.90
CA ARG A 185 32.61 25.48 31.62
C ARG A 185 33.99 26.09 31.31
N GLU A 186 34.20 27.34 31.72
CA GLU A 186 35.45 28.04 31.41
C GLU A 186 36.37 28.14 32.62
N GLN A 187 35.96 27.49 33.72
CA GLN A 187 36.75 27.38 34.96
C GLN A 187 37.27 28.72 35.43
N LEU A 188 36.36 29.62 35.75
CA LEU A 188 36.69 31.02 36.02
C LEU A 188 37.05 31.33 37.48
N GLY A 189 37.03 30.30 38.32
CA GLY A 189 37.42 30.43 39.74
C GLY A 189 36.38 31.03 40.67
N LEU A 190 35.11 30.95 40.30
CA LEU A 190 34.04 31.47 41.17
C LEU A 190 33.08 30.37 41.67
N ASP A 191 33.58 29.14 41.74
CA ASP A 191 32.81 28.02 42.30
C ASP A 191 32.42 28.35 43.75
N GLY A 192 31.14 28.16 44.06
CA GLY A 192 30.65 28.40 45.41
C GLY A 192 29.90 29.72 45.59
N GLU A 193 30.04 30.61 44.61
CA GLU A 193 29.43 31.95 44.67
C GLU A 193 28.26 32.09 43.68
N LEU A 194 28.29 31.30 42.62
CA LEU A 194 27.29 31.38 41.55
C LEU A 194 26.29 30.23 41.60
N VAL A 195 25.02 30.56 41.45
CA VAL A 195 23.94 29.58 41.47
C VAL A 195 22.91 29.92 40.39
N SER A 196 22.47 28.90 39.64
CA SER A 196 21.38 29.05 38.68
C SER A 196 20.09 29.47 39.38
N ASP A 197 19.27 30.23 38.66
CA ASP A 197 17.98 30.68 39.18
C ASP A 197 16.82 29.81 38.71
N CYS A 198 17.16 28.66 38.11
CA CYS A 198 16.17 27.73 37.58
CA CYS A 198 16.16 27.70 37.59
C CYS A 198 14.97 27.57 38.53
N ALA A 199 13.79 27.98 38.06
CA ALA A 199 12.57 27.92 38.85
C ALA A 199 11.33 27.97 38.00
N VAL A 200 10.27 27.32 38.47
CA VAL A 200 8.96 27.46 37.86
C VAL A 200 8.36 28.76 38.38
N LEU A 201 7.92 29.62 37.46
CA LEU A 201 7.53 31.00 37.79
C LEU A 201 6.02 31.23 37.89
N THR A 202 5.23 30.18 37.65
CA THR A 202 3.77 30.28 37.77
C THR A 202 3.27 30.99 39.03
N PRO A 203 3.79 30.63 40.23
CA PRO A 203 3.26 31.28 41.43
C PRO A 203 3.56 32.79 41.47
N LEU A 204 4.72 33.19 40.94
CA LEU A 204 5.06 34.61 40.81
C LEU A 204 4.13 35.31 39.82
N ILE A 205 3.95 34.70 38.65
CA ILE A 205 3.14 35.27 37.58
C ILE A 205 1.68 35.45 38.00
N GLN A 206 1.16 34.51 38.77
CA GLN A 206 -0.22 34.58 39.22
C GLN A 206 -0.49 35.74 40.20
N THR A 207 0.56 36.28 40.82
CA THR A 207 0.42 37.51 41.63
C THR A 207 0.03 38.70 40.76
N LEU A 208 0.30 38.61 39.46
CA LEU A 208 0.04 39.69 38.51
C LEU A 208 -1.29 39.55 37.77
N ARG A 209 -1.92 38.38 37.91
CA ARG A 209 -3.10 37.97 37.13
C ARG A 209 -4.25 38.99 37.10
N ASP A 210 -4.53 39.62 38.24
CA ASP A 210 -5.67 40.54 38.35
C ASP A 210 -5.28 42.03 38.30
N ILE A 211 -4.02 42.31 37.98
CA ILE A 211 -3.54 43.70 37.88
C ILE A 211 -3.70 44.24 36.45
N PRO A 212 -4.61 45.21 36.27
CA PRO A 212 -4.98 45.72 34.94
C PRO A 212 -3.83 46.35 34.14
N GLY A 213 -2.85 46.92 34.83
CA GLY A 213 -1.75 47.63 34.17
C GLY A 213 -0.67 46.78 33.54
N VAL A 214 -0.70 45.47 33.79
CA VAL A 214 0.28 44.56 33.20
C VAL A 214 -0.02 44.37 31.72
N LYS A 215 0.97 44.66 30.86
CA LYS A 215 0.75 44.66 29.42
C LYS A 215 1.49 43.58 28.62
N ALA A 216 2.68 43.21 29.08
CA ALA A 216 3.49 42.18 28.41
C ALA A 216 4.40 41.50 29.42
N LEU A 217 4.65 40.22 29.17
CA LEU A 217 5.48 39.56 29.99
CA LEU A 217 5.47 39.37 30.04
C LEU A 217 6.17 38.35 29.21
N ARG A 218 7.48 38.22 29.42
CA ARG A 218 8.28 37.20 28.77
C ARG A 218 9.37 36.73 29.70
N ASP A 219 9.70 35.44 29.62
CA ASP A 219 10.89 34.94 30.28
C ASP A 219 12.09 35.29 29.39
N ALA A 220 13.29 35.21 29.95
CA ALA A 220 14.48 35.71 29.28
C ALA A 220 15.58 34.68 29.29
N THR A 221 15.38 33.61 28.52
CA THR A 221 16.33 32.51 28.47
C THR A 221 17.41 32.81 27.42
N ARG A 222 17.41 32.11 26.29
CA ARG A 222 18.38 32.38 25.23
C ARG A 222 18.32 33.86 24.83
N GLY A 223 19.49 34.50 24.77
CA GLY A 223 19.59 35.91 24.39
C GLY A 223 19.35 36.88 25.54
N GLY A 224 18.96 36.36 26.69
CA GLY A 224 18.77 37.14 27.92
C GLY A 224 17.79 38.28 27.78
N VAL A 225 17.94 39.29 28.64
CA VAL A 225 17.06 40.44 28.62
C VAL A 225 17.20 41.24 27.31
N ASN A 226 18.43 41.28 26.76
CA ASN A 226 18.69 42.01 25.50
C ASN A 226 17.78 41.54 24.37
N ALA A 227 17.69 40.22 24.18
CA ALA A 227 16.79 39.64 23.17
C ALA A 227 15.34 40.05 23.43
N VAL A 228 14.90 40.00 24.67
CA VAL A 228 13.52 40.34 25.01
C VAL A 228 13.18 41.80 24.70
N VAL A 229 14.04 42.73 25.10
CA VAL A 229 13.78 44.16 24.87
CA VAL A 229 13.74 44.15 24.86
C VAL A 229 13.69 44.45 23.37
N HIS A 230 14.56 43.81 22.58
CA HIS A 230 14.54 43.94 21.13
C HIS A 230 13.27 43.35 20.49
N GLU A 231 12.82 42.21 21.02
CA GLU A 231 11.54 41.61 20.64
C GLU A 231 10.37 42.53 20.99
N PHE A 232 10.40 43.14 22.18
CA PHE A 232 9.35 44.09 22.61
C PHE A 232 9.27 45.30 21.67
N ALA A 233 10.43 45.86 21.32
CA ALA A 233 10.53 47.03 20.45
C ALA A 233 10.04 46.75 19.03
N ALA A 234 10.43 45.60 18.50
CA ALA A 234 10.02 45.16 17.16
C ALA A 234 8.51 44.91 17.07
N ALA A 235 7.91 44.49 18.18
CA ALA A 235 6.49 44.15 18.22
C ALA A 235 5.55 45.37 18.31
N CYS A 236 5.98 46.41 19.01
CA CYS A 236 5.11 47.56 19.28
C CYS A 236 5.43 48.78 18.42
N GLY A 237 6.52 48.71 17.65
CA GLY A 237 6.96 49.82 16.82
C GLY A 237 7.40 51.06 17.58
N CYS A 238 7.74 50.88 18.85
CA CYS A 238 8.29 51.95 19.68
C CYS A 238 9.69 51.58 20.13
N GLY A 239 10.40 52.55 20.68
CA GLY A 239 11.74 52.31 21.18
C GLY A 239 11.75 51.94 22.64
N ILE A 240 12.87 51.39 23.10
CA ILE A 240 13.01 51.09 24.51
C ILE A 240 14.34 51.62 25.03
N GLU A 241 14.29 52.30 26.18
CA GLU A 241 15.49 52.81 26.80
C GLU A 241 15.72 52.18 28.17
N ILE A 242 16.90 51.58 28.33
CA ILE A 242 17.28 50.86 29.53
C ILE A 242 18.35 51.65 30.28
N SER A 243 18.21 51.75 31.60
CA SER A 243 19.26 52.34 32.43
C SER A 243 20.26 51.27 32.90
N GLU A 244 21.53 51.45 32.55
CA GLU A 244 22.58 50.50 32.93
C GLU A 244 22.75 50.40 34.44
N SER A 245 22.72 51.55 35.12
CA SER A 245 22.91 51.58 36.57
C SER A 245 21.72 50.99 37.34
N ALA A 246 20.55 50.91 36.69
CA ALA A 246 19.34 50.35 37.32
C ALA A 246 19.31 48.82 37.31
N LEU A 247 20.16 48.23 36.47
CA LEU A 247 20.20 46.77 36.29
C LEU A 247 20.66 46.02 37.56
N PRO A 248 19.79 45.14 38.09
CA PRO A 248 20.20 44.36 39.27
C PRO A 248 21.08 43.18 38.85
N VAL A 249 22.33 43.21 39.30
CA VAL A 249 23.32 42.20 38.92
C VAL A 249 24.08 41.79 40.19
N LYS A 250 23.99 40.50 40.55
CA LYS A 250 24.70 39.98 41.73
C LYS A 250 26.22 40.18 41.61
N PRO A 251 26.91 40.39 42.75
CA PRO A 251 28.38 40.55 42.75
C PRO A 251 29.15 39.47 42.00
N ALA A 252 28.77 38.20 42.16
CA ALA A 252 29.44 37.12 41.46
C ALA A 252 29.24 37.18 39.95
N VAL A 253 28.06 37.64 39.51
CA VAL A 253 27.81 37.82 38.07
C VAL A 253 28.64 38.99 37.52
N ARG A 254 28.69 40.09 38.27
CA ARG A 254 29.58 41.22 37.96
C ARG A 254 31.01 40.72 37.77
N GLY A 255 31.45 39.81 38.65
CA GLY A 255 32.76 39.18 38.55
C GLY A 255 32.99 38.47 37.23
N VAL A 256 32.00 37.73 36.76
CA VAL A 256 32.08 37.08 35.45
C VAL A 256 32.13 38.13 34.33
N CYS A 257 31.26 39.14 34.42
CA CYS A 257 31.28 40.26 33.48
C CYS A 257 32.67 40.89 33.38
N GLU A 258 33.29 41.13 34.54
CA GLU A 258 34.62 41.74 34.57
CA GLU A 258 34.61 41.75 34.57
C GLU A 258 35.67 40.88 33.89
N LEU A 259 35.62 39.57 34.13
CA LEU A 259 36.61 38.64 33.60
CA LEU A 259 36.61 38.65 33.60
C LEU A 259 36.47 38.43 32.10
N LEU A 260 35.24 38.35 31.62
CA LEU A 260 35.00 38.04 30.20
C LEU A 260 34.67 39.25 29.33
N GLY A 261 34.24 40.35 29.94
CA GLY A 261 33.84 41.55 29.20
C GLY A 261 32.48 41.40 28.55
N LEU A 262 31.75 40.35 28.94
CA LEU A 262 30.43 40.05 28.39
C LEU A 262 29.31 40.64 29.25
N ASP A 263 28.17 40.86 28.61
CA ASP A 263 27.04 41.63 29.16
C ASP A 263 26.06 40.73 29.92
N ALA A 264 25.73 41.10 31.16
CA ALA A 264 24.70 40.38 31.93
C ALA A 264 23.32 40.45 31.24
N LEU A 265 23.12 41.49 30.42
CA LEU A 265 21.92 41.59 29.58
C LEU A 265 21.84 40.48 28.52
N ASN A 266 22.97 39.89 28.18
CA ASN A 266 23.04 38.81 27.18
C ASN A 266 23.04 37.40 27.80
N PHE A 267 23.27 37.32 29.12
CA PHE A 267 23.31 36.02 29.80
C PHE A 267 21.92 35.42 29.98
N ALA A 268 21.76 34.15 29.63
CA ALA A 268 20.50 33.44 29.87
C ALA A 268 20.05 33.46 31.32
N ASN A 269 18.75 33.62 31.52
CA ASN A 269 18.11 33.45 32.81
C ASN A 269 17.18 32.25 32.76
N GLU A 270 16.99 31.57 33.89
CA GLU A 270 16.07 30.43 33.92
C GLU A 270 15.01 30.59 35.00
N GLY A 271 14.93 31.78 35.57
CA GLY A 271 13.91 32.09 36.58
C GLY A 271 13.61 33.58 36.69
N LYS A 272 13.62 34.28 35.55
CA LYS A 272 13.37 35.73 35.52
C LYS A 272 12.32 36.14 34.49
N LEU A 273 11.55 37.17 34.81
CA LEU A 273 10.59 37.77 33.89
C LEU A 273 11.06 39.16 33.51
N VAL A 274 10.79 39.54 32.26
CA VAL A 274 10.81 40.93 31.83
C VAL A 274 9.35 41.31 31.69
N ILE A 275 8.97 42.43 32.32
CA ILE A 275 7.57 42.83 32.41
C ILE A 275 7.40 44.27 31.94
N ALA A 276 6.43 44.49 31.06
CA ALA A 276 6.06 45.84 30.64
C ALA A 276 4.70 46.21 31.21
N VAL A 277 4.66 47.37 31.87
CA VAL A 277 3.46 47.83 32.57
C VAL A 277 3.08 49.27 32.21
N GLU A 278 1.80 49.62 32.39
CA GLU A 278 1.36 51.01 32.33
C GLU A 278 2.12 51.80 33.40
N ARG A 279 2.52 53.02 33.06
CA ARG A 279 3.29 53.87 33.99
C ARG A 279 2.69 53.93 35.40
N ASN A 280 1.38 54.10 35.49
CA ASN A 280 0.70 54.24 36.78
C ASN A 280 0.57 52.95 37.58
N ALA A 281 0.95 51.82 36.97
CA ALA A 281 0.84 50.52 37.61
C ALA A 281 2.19 50.00 38.14
N ALA A 282 3.27 50.68 37.76
CA ALA A 282 4.63 50.25 38.08
C ALA A 282 4.88 49.94 39.55
N GLU A 283 4.46 50.85 40.45
CA GLU A 283 4.69 50.62 41.87
C GLU A 283 3.82 49.49 42.45
N GLN A 284 2.61 49.33 41.91
CA GLN A 284 1.71 48.25 42.31
C GLN A 284 2.28 46.89 41.89
N VAL A 285 2.82 46.82 40.67
CA VAL A 285 3.44 45.59 40.17
C VAL A 285 4.70 45.24 40.97
N LEU A 286 5.55 46.23 41.24
CA LEU A 286 6.75 45.99 42.03
C LEU A 286 6.42 45.43 43.42
N ALA A 287 5.40 46.01 44.06
CA ALA A 287 4.95 45.55 45.37
C ALA A 287 4.48 44.09 45.34
N ALA A 288 3.75 43.73 44.29
CA ALA A 288 3.26 42.36 44.10
C ALA A 288 4.40 41.37 43.92
N LEU A 289 5.43 41.79 43.16
CA LEU A 289 6.60 40.95 42.94
C LEU A 289 7.44 40.83 44.21
N HIS A 290 7.59 41.94 44.93
CA HIS A 290 8.41 41.96 46.15
C HIS A 290 7.85 41.14 47.30
N SER A 291 6.54 40.90 47.26
CA SER A 291 5.85 40.12 48.29
C SER A 291 6.13 38.62 48.15
N HIS A 292 6.50 38.19 46.94
CA HIS A 292 6.79 36.78 46.66
C HIS A 292 8.29 36.52 46.63
N PRO A 293 8.72 35.38 47.21
CA PRO A 293 10.16 35.06 47.23
C PRO A 293 10.84 35.11 45.85
N LEU A 294 10.13 34.75 44.78
CA LEU A 294 10.74 34.70 43.43
C LEU A 294 10.87 36.09 42.81
N GLY A 295 10.22 37.09 43.43
CA GLY A 295 10.26 38.46 42.94
C GLY A 295 10.92 39.46 43.86
N LYS A 296 11.69 38.96 44.83
CA LYS A 296 12.28 39.79 45.89
C LYS A 296 13.23 40.88 45.37
N ASP A 297 13.90 40.64 44.24
CA ASP A 297 14.89 41.58 43.71
C ASP A 297 14.37 42.32 42.47
N ALA A 298 13.06 42.34 42.29
CA ALA A 298 12.44 43.01 41.14
C ALA A 298 12.83 44.48 41.11
N ALA A 299 13.07 45.01 39.91
CA ALA A 299 13.47 46.41 39.76
C ALA A 299 12.99 47.04 38.45
N LEU A 300 12.69 48.34 38.50
CA LEU A 300 12.47 49.15 37.30
C LEU A 300 13.79 49.26 36.56
N ILE A 301 13.78 49.02 35.25
CA ILE A 301 15.02 49.12 34.48
C ILE A 301 14.96 50.01 33.23
N GLY A 302 13.78 50.47 32.87
CA GLY A 302 13.63 51.20 31.61
C GLY A 302 12.24 51.67 31.26
N GLU A 303 12.10 52.16 30.02
CA GLU A 303 10.87 52.80 29.58
C GLU A 303 10.69 52.62 28.08
N VAL A 304 9.44 52.50 27.65
CA VAL A 304 9.10 52.53 26.23
C VAL A 304 8.98 54.00 25.79
N VAL A 305 9.64 54.33 24.68
CA VAL A 305 9.69 55.70 24.18
C VAL A 305 9.23 55.78 22.72
N GLU A 306 8.91 56.98 22.26
CA GLU A 306 8.46 57.17 20.87
C GLU A 306 9.58 56.87 19.86
N ARG A 307 10.79 57.34 20.16
CA ARG A 307 11.92 57.14 19.28
C ARG A 307 12.28 55.66 19.20
N LYS A 308 12.19 55.11 17.98
CA LYS A 308 12.44 53.69 17.70
C LYS A 308 13.87 53.27 18.02
N GLY A 309 14.03 51.98 18.29
CA GLY A 309 15.36 51.41 18.56
C GLY A 309 15.55 51.13 20.04
N VAL A 310 16.58 50.35 20.34
CA VAL A 310 16.88 49.99 21.72
C VAL A 310 18.17 50.71 22.14
N ARG A 311 18.10 51.42 23.25
CA ARG A 311 19.25 52.16 23.76
C ARG A 311 19.53 51.88 25.24
N LEU A 312 20.82 51.85 25.58
CA LEU A 312 21.26 51.72 26.96
C LEU A 312 21.88 53.04 27.45
N ALA A 313 21.36 53.55 28.56
CA ALA A 313 21.86 54.79 29.14
C ALA A 313 23.03 54.49 30.06
N GLY A 314 24.20 55.05 29.72
CA GLY A 314 25.41 54.86 30.49
C GLY A 314 25.69 56.05 31.38
N LEU A 315 26.97 56.39 31.53
CA LEU A 315 27.38 57.55 32.32
C LEU A 315 26.80 58.86 31.77
N TYR A 316 26.42 59.75 32.69
CA TYR A 316 25.96 61.12 32.36
C TYR A 316 24.69 61.09 31.50
N GLY A 317 23.90 60.04 31.65
CA GLY A 317 22.64 59.90 30.91
C GLY A 317 22.78 59.75 29.40
N VAL A 318 23.97 59.35 28.94
CA VAL A 318 24.19 59.17 27.50
C VAL A 318 23.50 57.89 27.02
N LYS A 319 22.58 58.06 26.06
CA LYS A 319 21.81 56.94 25.53
C LYS A 319 22.43 56.42 24.23
N ARG A 320 22.92 55.19 24.27
CA ARG A 320 23.59 54.60 23.13
C ARG A 320 22.86 53.37 22.64
N THR A 321 22.85 53.17 21.32
CA THR A 321 22.24 51.99 20.72
C THR A 321 22.81 50.72 21.34
N LEU A 322 21.92 49.83 21.75
CA LEU A 322 22.30 48.54 22.34
C LEU A 322 22.13 47.44 21.31
N ASP A 323 23.24 46.94 20.78
CA ASP A 323 23.20 45.91 19.74
C ASP A 323 22.95 44.53 20.34
N LEU A 324 22.31 43.68 19.56
CA LEU A 324 22.26 42.25 19.86
C LEU A 324 23.60 41.62 19.49
N PRO A 325 24.07 40.64 20.28
CA PRO A 325 25.33 39.98 19.95
C PRO A 325 25.15 39.03 18.76
N HIS A 326 26.27 38.62 18.16
CA HIS A 326 26.20 37.71 17.01
C HIS A 326 25.92 36.26 17.39
N ALA A 327 26.43 35.84 18.55
CA ALA A 327 26.16 34.49 19.08
C ALA A 327 26.02 34.52 20.60
N GLU A 328 25.53 33.42 21.18
CA GLU A 328 25.45 33.29 22.62
C GLU A 328 26.87 33.29 23.21
N PRO A 329 27.01 33.58 24.53
CA PRO A 329 28.34 33.62 25.13
C PRO A 329 29.11 32.31 24.92
N LEU A 330 28.38 31.21 24.83
CA LEU A 330 28.96 29.87 24.72
C LEU A 330 27.85 28.91 24.28
N PRO A 331 28.18 27.89 23.48
CA PRO A 331 27.17 26.89 23.13
C PRO A 331 26.64 26.12 24.35
N ARG A 332 25.38 25.70 24.27
CA ARG A 332 24.79 24.78 25.25
C ARG A 332 24.75 25.30 26.69
N ILE A 333 24.29 26.54 26.84
CA ILE A 333 24.07 27.11 28.17
C ILE A 333 22.66 26.76 28.66
N CYS A 334 21.79 26.32 27.74
CA CYS A 334 20.42 25.92 28.04
C CYS A 334 20.05 24.55 27.46
N MET B 13 25.83 32.48 11.97
CA MET B 13 24.61 32.72 12.80
C MET B 13 23.66 31.52 12.72
N GLN B 14 22.78 31.42 13.71
CA GLN B 14 21.66 30.47 13.64
C GLN B 14 20.33 31.21 13.44
N GLN B 15 20.43 32.50 13.13
CA GLN B 15 19.29 33.30 12.68
C GLN B 15 18.94 32.91 11.25
N LEU B 16 19.90 32.30 10.55
CA LEU B 16 19.66 31.67 9.25
C LEU B 16 18.70 30.49 9.41
N ILE B 17 18.88 29.74 10.49
CA ILE B 17 18.03 28.58 10.79
C ILE B 17 16.62 29.02 11.22
N ASN B 18 16.56 30.04 12.08
CA ASN B 18 15.29 30.61 12.52
C ASN B 18 14.49 31.24 11.38
N SER B 19 15.21 31.79 10.39
CA SER B 19 14.60 32.37 9.20
C SER B 19 14.00 31.28 8.31
N LEU B 20 14.70 30.16 8.21
CA LEU B 20 14.25 29.00 7.44
C LEU B 20 12.95 28.44 8.04
N PHE B 21 12.93 28.30 9.36
CA PHE B 21 11.76 27.85 10.12
C PHE B 21 10.53 28.72 9.85
N MET B 22 10.65 30.02 10.16
CA MET B 22 9.56 30.98 10.01
C MET B 22 9.03 31.09 8.58
N GLU B 23 9.94 31.04 7.61
CA GLU B 23 9.58 31.13 6.19
C GLU B 23 8.84 29.87 5.73
N ALA B 24 9.43 28.71 5.98
CA ALA B 24 8.89 27.44 5.49
C ALA B 24 7.56 27.05 6.15
N PHE B 25 7.45 27.28 7.46
CA PHE B 25 6.29 26.85 8.23
C PHE B 25 5.20 27.91 8.39
N ALA B 26 5.44 29.09 7.82
CA ALA B 26 4.60 30.29 8.03
C ALA B 26 3.09 30.03 8.12
N ASN B 27 2.50 30.52 9.20
CA ASN B 27 1.06 30.45 9.47
C ASN B 27 0.68 31.51 10.51
N PRO B 28 -0.63 31.81 10.65
CA PRO B 28 -1.10 32.83 11.60
C PRO B 28 -0.67 32.64 13.07
N TRP B 29 -0.44 31.39 13.49
CA TRP B 29 -0.07 31.12 14.88
C TRP B 29 1.40 31.37 15.15
N LEU B 30 2.20 31.13 14.12
CA LEU B 30 3.65 31.25 14.20
C LEU B 30 4.11 32.72 14.10
N ALA B 31 3.37 33.51 13.33
CA ALA B 31 3.68 34.93 13.13
C ALA B 31 3.30 35.80 14.33
N GLU B 32 4.18 36.75 14.66
CA GLU B 32 4.03 37.64 15.83
C GLU B 32 3.88 36.85 17.15
N GLN B 33 4.40 35.63 17.16
CA GLN B 33 4.37 34.79 18.34
C GLN B 33 5.43 35.23 19.34
N GLU B 34 5.09 35.16 20.63
CA GLU B 34 6.07 35.36 21.68
C GLU B 34 6.63 34.02 22.18
N ASP B 35 6.38 33.66 23.45
CA ASP B 35 6.98 32.43 24.02
C ASP B 35 6.17 31.15 23.83
N GLN B 36 4.98 31.28 23.22
CA GLN B 36 4.04 30.17 23.07
C GLN B 36 3.05 30.45 21.94
N ALA B 37 2.55 29.39 21.30
CA ALA B 37 1.41 29.52 20.42
C ALA B 37 0.15 29.68 21.26
N ARG B 38 -0.89 30.26 20.67
CA ARG B 38 -2.17 30.45 21.36
C ARG B 38 -3.31 29.96 20.47
N LEU B 39 -3.94 28.87 20.89
CA LEU B 39 -4.87 28.13 20.03
C LEU B 39 -6.31 28.31 20.53
N ASP B 40 -7.23 28.45 19.60
CA ASP B 40 -8.64 28.65 19.94
C ASP B 40 -9.27 27.38 20.53
N LEU B 41 -9.64 27.44 21.81
CA LEU B 41 -10.21 26.29 22.52
C LEU B 41 -11.64 25.98 22.12
N ALA B 42 -12.43 27.02 21.82
CA ALA B 42 -13.83 26.84 21.41
C ALA B 42 -13.95 25.98 20.14
N GLN B 43 -13.04 26.23 19.20
CA GLN B 43 -12.98 25.49 17.95
C GLN B 43 -12.65 23.99 18.19
N LEU B 44 -11.71 23.73 19.09
CA LEU B 44 -11.37 22.36 19.48
C LEU B 44 -12.54 21.65 20.16
N VAL B 45 -13.12 22.31 21.17
CA VAL B 45 -14.26 21.75 21.91
C VAL B 45 -15.45 21.43 21.00
N ALA B 46 -15.61 22.22 19.95
CA ALA B 46 -16.68 22.01 18.96
C ALA B 46 -16.44 20.77 18.11
N GLU B 47 -15.16 20.38 17.97
CA GLU B 47 -14.80 19.17 17.25
C GLU B 47 -14.93 17.91 18.11
N GLY B 48 -14.61 18.03 19.39
CA GLY B 48 -14.66 16.87 20.28
C GLY B 48 -14.46 17.20 21.73
N ASP B 49 -14.64 16.20 22.58
CA ASP B 49 -14.61 16.38 24.03
C ASP B 49 -13.26 16.05 24.66
N ARG B 50 -12.36 15.43 23.89
CA ARG B 50 -11.02 15.07 24.38
C ARG B 50 -9.96 15.62 23.45
N LEU B 51 -8.85 16.08 24.02
CA LEU B 51 -7.72 16.49 23.21
C LEU B 51 -6.69 15.37 23.20
N ALA B 52 -6.45 14.81 22.01
CA ALA B 52 -5.37 13.83 21.80
C ALA B 52 -4.06 14.60 21.74
N PHE B 53 -3.04 14.11 22.42
CA PHE B 53 -1.76 14.81 22.54
C PHE B 53 -0.66 13.77 22.54
N SER B 54 0.27 13.88 21.60
CA SER B 54 1.34 12.90 21.44
CA SER B 54 1.37 12.92 21.51
C SER B 54 2.67 13.60 21.16
N THR B 55 3.78 12.91 21.46
CA THR B 55 5.09 13.40 21.12
C THR B 55 5.96 12.22 20.69
N ASP B 56 6.91 12.47 19.79
CA ASP B 56 7.88 11.48 19.36
C ASP B 56 9.17 12.22 19.00
N SER B 57 10.31 11.60 19.26
CA SER B 57 11.60 12.10 18.75
C SER B 57 12.06 11.23 17.58
N TYR B 58 12.81 11.83 16.68
CA TYR B 58 13.25 11.17 15.46
C TYR B 58 14.76 11.29 15.36
N VAL B 59 15.41 10.12 15.33
CA VAL B 59 16.87 10.04 15.31
C VAL B 59 17.37 9.13 14.19
N ILE B 60 16.55 8.97 13.15
CA ILE B 60 16.83 8.01 12.08
C ILE B 60 18.17 8.26 11.39
N ASP B 61 18.85 7.17 11.08
CA ASP B 61 20.10 7.19 10.32
C ASP B 61 19.92 6.16 9.20
N PRO B 62 20.06 6.58 7.93
CA PRO B 62 20.40 7.91 7.41
C PRO B 62 19.22 8.87 7.38
N LEU B 63 19.50 10.16 7.17
CA LEU B 63 18.47 11.20 7.17
C LEU B 63 17.51 11.10 5.99
N PHE B 64 18.03 10.61 4.86
CA PHE B 64 17.23 10.41 3.67
C PHE B 64 17.33 8.94 3.26
N PHE B 65 16.21 8.38 2.80
CA PHE B 65 16.13 6.94 2.50
C PHE B 65 15.03 6.71 1.46
N PRO B 66 15.02 5.52 0.82
CA PRO B 66 13.93 5.26 -0.12
C PRO B 66 12.56 5.33 0.53
N GLY B 67 11.72 6.24 0.05
CA GLY B 67 10.38 6.41 0.58
C GLY B 67 10.19 7.55 1.56
N GLY B 68 11.26 8.22 1.96
CA GLY B 68 11.10 9.39 2.82
C GLY B 68 12.38 9.99 3.36
N ASN B 69 12.22 10.76 4.44
CA ASN B 69 13.33 11.41 5.12
C ASN B 69 12.92 11.74 6.55
N ILE B 70 13.88 12.12 7.39
CA ILE B 70 13.61 12.48 8.79
C ILE B 70 12.52 13.56 8.97
N GLY B 71 12.45 14.50 8.03
CA GLY B 71 11.46 15.58 8.08
C GLY B 71 10.03 15.09 7.86
N LYS B 72 9.81 14.40 6.73
CA LYS B 72 8.50 13.82 6.45
C LYS B 72 8.10 12.87 7.59
N LEU B 73 9.07 12.07 8.05
CA LEU B 73 8.87 11.13 9.15
C LEU B 73 8.40 11.80 10.45
N ALA B 74 9.02 12.94 10.78
CA ALA B 74 8.70 13.69 12.00
C ALA B 74 7.27 14.23 12.02
N ILE B 75 6.75 14.55 10.84
CA ILE B 75 5.34 14.93 10.69
C ILE B 75 4.45 13.68 10.75
N CYS B 76 4.77 12.68 9.91
CA CYS B 76 3.95 11.47 9.81
C CYS B 76 3.76 10.75 11.13
N GLY B 77 4.86 10.47 11.82
CA GLY B 77 4.83 9.70 13.06
C GLY B 77 3.93 10.32 14.11
N THR B 78 4.06 11.64 14.29
CA THR B 78 3.32 12.35 15.33
C THR B 78 1.87 12.59 14.91
N ALA B 79 1.65 12.89 13.63
CA ALA B 79 0.30 13.00 13.08
C ALA B 79 -0.45 11.68 13.30
N ASN B 80 0.22 10.58 12.99
CA ASN B 80 -0.39 9.25 13.14
C ASN B 80 -0.73 8.92 14.58
N ASP B 81 0.15 9.23 15.52
CA ASP B 81 -0.11 8.97 16.93
C ASP B 81 -1.35 9.72 17.43
N VAL B 82 -1.59 10.91 16.88
CA VAL B 82 -2.83 11.66 17.15
C VAL B 82 -4.03 11.03 16.43
N ALA B 83 -3.85 10.76 15.14
CA ALA B 83 -4.95 10.32 14.26
C ALA B 83 -5.55 8.97 14.63
N VAL B 84 -4.75 8.08 15.21
CA VAL B 84 -5.27 6.76 15.62
C VAL B 84 -6.30 6.82 16.75
N SER B 85 -6.44 7.98 17.38
CA SER B 85 -7.47 8.19 18.41
C SER B 85 -8.85 8.50 17.80
N GLY B 86 -8.86 8.81 16.51
CA GLY B 86 -10.07 9.32 15.85
C GLY B 86 -10.02 10.82 15.61
N ALA B 87 -9.10 11.51 16.31
CA ALA B 87 -8.90 12.95 16.11
C ALA B 87 -8.29 13.27 14.75
N ILE B 88 -8.72 14.38 14.17
CA ILE B 88 -8.01 14.97 13.03
C ILE B 88 -6.89 15.83 13.61
N PRO B 89 -5.62 15.50 13.28
CA PRO B 89 -4.50 16.32 13.72
C PRO B 89 -4.59 17.73 13.14
N ARG B 90 -4.37 18.73 13.99
CA ARG B 90 -4.48 20.14 13.58
C ARG B 90 -3.21 20.94 13.83
N TYR B 91 -2.56 20.69 14.95
CA TYR B 91 -1.44 21.52 15.40
C TYR B 91 -0.24 20.68 15.84
N LEU B 92 0.94 21.05 15.37
CA LEU B 92 2.19 20.41 15.75
C LEU B 92 3.22 21.44 16.23
N SER B 93 4.04 21.04 17.19
CA SER B 93 5.23 21.77 17.58
C SER B 93 6.43 21.02 17.00
N CYS B 94 7.55 21.74 16.82
CA CYS B 94 8.74 21.17 16.22
C CYS B 94 10.02 21.65 16.89
N GLY B 95 10.78 20.72 17.46
CA GLY B 95 12.05 21.06 18.11
C GLY B 95 13.23 20.44 17.38
N PHE B 96 14.14 21.27 16.90
CA PHE B 96 15.33 20.78 16.19
C PHE B 96 16.57 20.79 17.09
N ILE B 97 17.34 19.70 17.01
CA ILE B 97 18.69 19.67 17.57
C ILE B 97 19.64 19.44 16.40
N LEU B 98 20.50 20.44 16.15
CA LEU B 98 21.35 20.47 14.97
CA LEU B 98 21.36 20.45 14.97
C LEU B 98 22.83 20.40 15.35
N GLU B 99 23.60 19.64 14.58
CA GLU B 99 25.06 19.60 14.75
C GLU B 99 25.65 20.77 13.97
N GLU B 100 26.50 21.56 14.63
CA GLU B 100 27.19 22.66 13.97
C GLU B 100 27.90 22.13 12.71
N GLY B 101 27.71 22.83 11.59
CA GLY B 101 28.36 22.45 10.34
C GLY B 101 27.50 21.60 9.43
N LEU B 102 26.27 21.29 9.87
CA LEU B 102 25.31 20.59 9.03
C LEU B 102 25.06 21.41 7.78
N PRO B 103 25.26 20.81 6.59
CA PRO B 103 25.08 21.57 5.35
C PRO B 103 23.68 22.14 5.26
N MET B 104 23.57 23.42 4.91
CA MET B 104 22.29 24.11 4.79
C MET B 104 21.41 23.48 3.73
N GLU B 105 22.04 22.84 2.75
CA GLU B 105 21.36 22.10 1.68
C GLU B 105 20.57 20.94 2.26
N THR B 106 21.17 20.24 3.21
CA THR B 106 20.51 19.14 3.93
C THR B 106 19.33 19.67 4.75
N LEU B 107 19.58 20.66 5.60
CA LEU B 107 18.55 21.22 6.47
C LEU B 107 17.37 21.79 5.69
N LYS B 108 17.68 22.50 4.60
CA LYS B 108 16.64 23.07 3.73
C LYS B 108 15.74 21.99 3.17
N ALA B 109 16.34 20.89 2.71
CA ALA B 109 15.61 19.75 2.15
C ALA B 109 14.70 19.10 3.21
N VAL B 110 15.23 18.94 4.42
CA VAL B 110 14.46 18.42 5.55
C VAL B 110 13.27 19.31 5.86
N VAL B 111 13.52 20.61 6.02
CA VAL B 111 12.48 21.58 6.36
C VAL B 111 11.40 21.68 5.25
N THR B 112 11.83 21.65 3.99
CA THR B 112 10.89 21.71 2.86
C THR B 112 9.92 20.53 2.90
N SER B 113 10.46 19.34 3.12
CA SER B 113 9.67 18.11 3.20
C SER B 113 8.69 18.15 4.37
N MET B 114 9.15 18.61 5.53
CA MET B 114 8.28 18.82 6.69
C MET B 114 7.13 19.75 6.35
N ALA B 115 7.44 20.88 5.72
CA ALA B 115 6.45 21.89 5.39
C ALA B 115 5.39 21.35 4.43
N GLU B 116 5.84 20.65 3.39
CA GLU B 116 4.96 20.10 2.36
C GLU B 116 4.09 18.97 2.90
N THR B 117 4.66 18.11 3.76
CA THR B 117 3.91 17.03 4.39
C THR B 117 2.83 17.59 5.33
N ALA B 118 3.20 18.58 6.15
CA ALA B 118 2.23 19.27 7.03
C ALA B 118 1.12 19.96 6.22
N ARG B 119 1.51 20.73 5.21
CA ARG B 119 0.55 21.46 4.36
CA ARG B 119 0.54 21.46 4.38
C ARG B 119 -0.48 20.52 3.74
N THR B 120 0.02 19.44 3.13
CA THR B 120 -0.84 18.45 2.46
C THR B 120 -1.83 17.83 3.45
N ALA B 121 -1.38 17.61 4.69
CA ALA B 121 -2.19 17.00 5.74
C ALA B 121 -3.12 18.01 6.43
N GLY B 122 -2.96 19.30 6.11
CA GLY B 122 -3.75 20.35 6.75
C GLY B 122 -3.35 20.56 8.21
N ILE B 123 -2.07 20.36 8.48
CA ILE B 123 -1.52 20.53 9.82
C ILE B 123 -0.67 21.80 9.87
N ALA B 124 -0.88 22.61 10.90
CA ALA B 124 -0.09 23.81 11.11
C ALA B 124 1.00 23.55 12.15
N ILE B 125 2.22 23.91 11.79
CA ILE B 125 3.34 23.91 12.74
C ILE B 125 3.32 25.27 13.45
N VAL B 126 2.83 25.27 14.68
CA VAL B 126 2.43 26.50 15.38
C VAL B 126 3.49 27.06 16.31
N THR B 127 4.50 26.26 16.62
CA THR B 127 5.54 26.66 17.55
C THR B 127 6.74 25.74 17.41
N GLY B 128 7.88 26.19 17.91
CA GLY B 128 9.10 25.42 17.74
C GLY B 128 10.28 25.89 18.52
N ASP B 129 11.42 25.27 18.23
CA ASP B 129 12.68 25.58 18.86
C ASP B 129 13.80 25.01 18.02
N THR B 130 14.97 25.67 18.08
CA THR B 130 16.18 25.11 17.52
C THR B 130 17.32 25.23 18.53
N LYS B 131 18.05 24.14 18.71
CA LYS B 131 19.28 24.14 19.49
C LYS B 131 20.41 23.66 18.59
N VAL B 132 21.56 24.32 18.69
CA VAL B 132 22.73 23.90 17.93
C VAL B 132 23.81 23.43 18.90
N VAL B 133 24.36 22.25 18.65
CA VAL B 133 25.45 21.72 19.46
C VAL B 133 26.71 21.65 18.59
N GLN B 134 27.88 21.49 19.22
CA GLN B 134 29.14 21.46 18.47
C GLN B 134 29.30 20.17 17.66
N ARG B 135 30.21 20.20 16.69
CA ARG B 135 30.58 19.01 15.93
C ARG B 135 30.89 17.85 16.87
N GLY B 136 30.32 16.69 16.61
CA GLY B 136 30.53 15.51 17.44
C GLY B 136 29.56 15.32 18.59
N ALA B 137 28.86 16.39 18.97
CA ALA B 137 27.93 16.35 20.11
C ALA B 137 26.52 15.84 19.73
N ALA B 138 26.23 15.79 18.44
CA ALA B 138 25.01 15.16 17.92
C ALA B 138 25.29 14.73 16.49
N ASP B 139 24.68 13.62 16.07
CA ASP B 139 24.88 13.13 14.71
C ASP B 139 23.95 13.81 13.70
N LYS B 140 24.39 14.98 13.23
CA LYS B 140 23.74 15.76 12.17
C LYS B 140 22.45 16.49 12.58
N LEU B 141 21.38 15.73 12.85
CA LEU B 141 20.06 16.31 13.04
CA LEU B 141 20.07 16.32 13.10
C LEU B 141 19.12 15.36 13.79
N PHE B 142 18.54 15.83 14.89
CA PHE B 142 17.46 15.12 15.59
C PHE B 142 16.24 16.04 15.61
N ILE B 143 15.03 15.47 15.56
CA ILE B 143 13.80 16.26 15.60
C ILE B 143 12.84 15.71 16.64
N ASN B 144 12.26 16.57 17.46
CA ASN B 144 11.08 16.20 18.23
C ASN B 144 9.87 16.96 17.73
N THR B 145 8.75 16.25 17.58
CA THR B 145 7.47 16.90 17.31
C THR B 145 6.44 16.45 18.32
N ALA B 146 5.55 17.37 18.68
CA ALA B 146 4.38 17.05 19.50
C ALA B 146 3.15 17.54 18.76
N GLY B 147 2.04 16.82 18.87
CA GLY B 147 0.87 17.16 18.08
C GLY B 147 -0.42 16.97 18.83
N MET B 148 -1.48 17.60 18.33
CA MET B 148 -2.77 17.52 18.97
C MET B 148 -3.93 17.62 18.00
N GLY B 149 -5.08 17.13 18.44
CA GLY B 149 -6.32 17.24 17.70
C GLY B 149 -7.42 16.82 18.65
N ALA B 150 -8.65 17.21 18.34
CA ALA B 150 -9.81 16.87 19.19
C ALA B 150 -10.46 15.55 18.74
N ILE B 151 -10.72 14.66 19.69
CA ILE B 151 -11.38 13.38 19.40
C ILE B 151 -12.89 13.57 19.44
N PRO B 152 -13.59 13.27 18.32
CA PRO B 152 -15.06 13.37 18.30
C PRO B 152 -15.69 12.61 19.46
N THR B 153 -16.71 13.21 20.06
CA THR B 153 -17.35 12.65 21.26
C THR B 153 -17.87 11.23 21.06
N ASN B 154 -18.34 10.94 19.85
CA ASN B 154 -18.90 9.61 19.55
C ASN B 154 -17.87 8.51 19.19
N ILE B 155 -16.58 8.86 19.13
CA ILE B 155 -15.55 7.86 18.83
C ILE B 155 -14.87 7.39 20.11
N HIS B 156 -15.03 6.10 20.42
CA HIS B 156 -14.45 5.52 21.62
C HIS B 156 -13.53 4.35 21.30
N TRP B 157 -12.42 4.64 20.63
CA TRP B 157 -11.45 3.62 20.31
C TRP B 157 -10.47 3.46 21.45
N GLY B 158 -10.29 2.23 21.91
CA GLY B 158 -9.36 1.94 23.00
C GLY B 158 -9.12 0.46 23.16
N ALA B 159 -7.86 0.09 23.35
CA ALA B 159 -7.47 -1.31 23.51
C ALA B 159 -8.16 -1.97 24.70
N GLN B 160 -8.55 -1.18 25.70
CA GLN B 160 -9.17 -1.75 26.90
C GLN B 160 -10.55 -2.34 26.64
N THR B 161 -11.17 -1.92 25.55
CA THR B 161 -12.53 -2.36 25.17
C THR B 161 -12.59 -3.73 24.49
N LEU B 162 -11.44 -4.31 24.16
CA LEU B 162 -11.42 -5.58 23.41
C LEU B 162 -11.93 -6.75 24.24
N THR B 163 -12.65 -7.66 23.58
CA THR B 163 -13.18 -8.85 24.21
C THR B 163 -13.00 -10.08 23.31
N ALA B 164 -13.12 -11.26 23.89
CA ALA B 164 -12.98 -12.51 23.16
C ALA B 164 -13.90 -12.53 21.93
N GLY B 165 -13.33 -12.89 20.78
CA GLY B 165 -14.10 -12.92 19.54
C GLY B 165 -13.76 -11.81 18.57
N ASP B 166 -13.24 -10.69 19.07
CA ASP B 166 -12.85 -9.56 18.23
C ASP B 166 -11.77 -9.98 17.23
N ILE B 167 -11.78 -9.34 16.06
CA ILE B 167 -10.87 -9.66 14.96
CA ILE B 167 -10.85 -9.68 14.98
C ILE B 167 -9.77 -8.61 14.84
N LEU B 168 -8.53 -9.07 14.60
CA LEU B 168 -7.40 -8.18 14.36
CA LEU B 168 -7.39 -8.19 14.37
C LEU B 168 -7.01 -8.12 12.89
N LEU B 169 -6.81 -6.90 12.41
CA LEU B 169 -6.36 -6.62 11.05
C LEU B 169 -5.11 -5.77 11.09
N VAL B 170 -4.32 -5.84 10.01
CA VAL B 170 -3.29 -4.82 9.75
C VAL B 170 -3.67 -4.12 8.45
N SER B 171 -3.27 -2.85 8.31
CA SER B 171 -3.72 -2.05 7.17
C SER B 171 -2.83 -2.22 5.93
N GLY B 172 -1.75 -3.00 6.07
CA GLY B 172 -0.86 -3.24 4.94
C GLY B 172 0.26 -4.20 5.31
N THR B 173 1.25 -4.32 4.41
CA THR B 173 2.35 -5.26 4.58
C THR B 173 3.24 -4.82 5.75
N LEU B 174 3.83 -5.80 6.43
CA LEU B 174 4.63 -5.55 7.63
C LEU B 174 6.12 -5.43 7.37
N GLY B 175 6.72 -4.45 8.04
CA GLY B 175 8.17 -4.38 8.16
C GLY B 175 8.91 -3.69 7.04
N ASP B 176 8.19 -3.07 6.11
CA ASP B 176 8.79 -2.35 4.98
C ASP B 176 9.79 -1.28 5.41
N HIS B 177 9.41 -0.47 6.38
CA HIS B 177 10.29 0.60 6.84
C HIS B 177 11.56 0.03 7.49
N GLY B 178 11.38 -0.81 8.50
CA GLY B 178 12.50 -1.40 9.23
C GLY B 178 13.45 -2.12 8.29
N ALA B 179 12.90 -2.93 7.41
CA ALA B 179 13.68 -3.69 6.43
C ALA B 179 14.46 -2.78 5.48
N THR B 180 13.83 -1.70 5.02
CA THR B 180 14.48 -0.71 4.16
C THR B 180 15.72 -0.13 4.85
N ILE B 181 15.57 0.31 6.09
CA ILE B 181 16.69 0.86 6.86
C ILE B 181 17.75 -0.21 7.17
N LEU B 182 17.32 -1.41 7.54
CA LEU B 182 18.26 -2.51 7.79
C LEU B 182 19.10 -2.83 6.55
N ASN B 183 18.46 -2.88 5.38
CA ASN B 183 19.18 -3.11 4.12
C ASN B 183 20.20 -2.02 3.81
N LEU B 184 19.82 -0.76 4.07
CA LEU B 184 20.71 0.38 3.86
C LEU B 184 21.90 0.35 4.82
N ARG B 185 21.61 0.17 6.10
CA ARG B 185 22.62 0.25 7.15
C ARG B 185 23.56 -0.96 7.18
N GLU B 186 23.02 -2.14 6.90
CA GLU B 186 23.80 -3.36 6.98
C GLU B 186 24.26 -3.84 5.59
N GLN B 187 23.88 -3.08 4.56
CA GLN B 187 24.26 -3.36 3.16
C GLN B 187 24.00 -4.82 2.77
N LEU B 188 22.72 -5.18 2.75
CA LEU B 188 22.30 -6.57 2.56
C LEU B 188 22.11 -6.97 1.09
N GLY B 189 22.24 -6.00 0.19
CA GLY B 189 22.22 -6.27 -1.25
C GLY B 189 20.84 -6.29 -1.89
N LEU B 190 19.95 -5.43 -1.40
CA LEU B 190 18.57 -5.40 -1.88
C LEU B 190 18.10 -3.99 -2.27
N ASP B 191 19.05 -3.10 -2.56
CA ASP B 191 18.74 -1.72 -2.96
C ASP B 191 17.81 -1.68 -4.17
N GLY B 192 16.83 -0.79 -4.13
CA GLY B 192 15.86 -0.65 -5.22
C GLY B 192 14.65 -1.56 -5.13
N GLU B 193 14.65 -2.49 -4.17
CA GLU B 193 13.53 -3.39 -3.96
C GLU B 193 12.67 -2.98 -2.75
N LEU B 194 13.30 -2.29 -1.80
CA LEU B 194 12.66 -1.92 -0.54
C LEU B 194 12.39 -0.43 -0.48
N VAL B 195 11.21 -0.05 0.01
CA VAL B 195 10.84 1.35 0.17
C VAL B 195 10.11 1.52 1.51
N SER B 196 10.44 2.58 2.26
CA SER B 196 9.71 2.91 3.49
C SER B 196 8.26 3.25 3.19
N ASP B 197 7.37 2.96 4.13
CA ASP B 197 5.93 3.20 3.99
C ASP B 197 5.49 4.49 4.68
N CYS B 198 6.45 5.32 5.06
CA CYS B 198 6.21 6.59 5.74
CA CYS B 198 6.14 6.54 5.80
C CYS B 198 5.07 7.38 5.11
N ALA B 199 3.99 7.63 5.85
CA ALA B 199 2.81 8.34 5.33
C ALA B 199 1.91 8.83 6.47
N VAL B 200 1.22 9.93 6.22
CA VAL B 200 0.21 10.43 7.16
C VAL B 200 -1.05 9.59 6.94
N LEU B 201 -1.54 8.95 7.99
CA LEU B 201 -2.60 7.95 7.86
C LEU B 201 -4.02 8.48 8.09
N THR B 202 -4.13 9.76 8.41
CA THR B 202 -5.43 10.37 8.70
C THR B 202 -6.51 10.06 7.63
N PRO B 203 -6.18 10.21 6.32
CA PRO B 203 -7.18 9.90 5.30
C PRO B 203 -7.62 8.41 5.30
N LEU B 204 -6.71 7.49 5.59
CA LEU B 204 -7.07 6.07 5.70
C LEU B 204 -7.93 5.83 6.94
N ILE B 205 -7.51 6.41 8.07
CA ILE B 205 -8.22 6.25 9.33
C ILE B 205 -9.66 6.77 9.24
N GLN B 206 -9.84 7.87 8.52
CA GLN B 206 -11.16 8.47 8.38
C GLN B 206 -12.15 7.63 7.54
N THR B 207 -11.67 6.61 6.82
CA THR B 207 -12.57 5.61 6.20
C THR B 207 -13.30 4.79 7.27
N LEU B 208 -12.73 4.74 8.46
CA LEU B 208 -13.22 3.89 9.55
C LEU B 208 -14.04 4.66 10.56
N ARG B 209 -13.97 5.98 10.48
CA ARG B 209 -14.60 6.88 11.46
C ARG B 209 -16.05 6.52 11.76
N ASP B 210 -16.82 6.25 10.71
CA ASP B 210 -18.25 6.01 10.85
C ASP B 210 -18.63 4.54 10.82
N ILE B 211 -17.65 3.64 10.87
CA ILE B 211 -17.93 2.20 10.93
C ILE B 211 -18.14 1.77 12.39
N PRO B 212 -19.33 1.25 12.73
N PRO B 212 -19.38 1.33 12.69
CA PRO B 212 -19.67 1.04 14.16
CA PRO B 212 -19.66 0.65 13.94
C PRO B 212 -18.75 0.07 14.93
C PRO B 212 -18.97 -0.70 13.90
N GLY B 213 -18.28 -0.98 14.26
N GLY B 213 -18.28 -1.02 14.99
CA GLY B 213 -17.60 -2.09 14.94
CA GLY B 213 -17.51 -2.24 15.02
C GLY B 213 -16.10 -1.96 15.17
C GLY B 213 -16.02 -1.99 15.20
N VAL B 214 -15.54 -0.81 14.82
CA VAL B 214 -14.12 -0.51 15.02
C VAL B 214 -13.90 -0.24 16.51
N LYS B 215 -13.00 -0.99 17.14
CA LYS B 215 -12.85 -0.93 18.60
C LYS B 215 -11.54 -0.33 19.10
N ALA B 216 -10.45 -0.53 18.36
CA ALA B 216 -9.14 -0.02 18.77
C ALA B 216 -8.24 0.11 17.57
N LEU B 217 -7.42 1.16 17.57
N LEU B 217 -7.33 1.08 17.64
CA LEU B 217 -6.42 1.40 16.52
CA LEU B 217 -6.45 1.43 16.53
C LEU B 217 -5.13 1.80 17.17
C LEU B 217 -5.11 1.95 17.03
N ARG B 218 -4.03 1.29 16.63
CA ARG B 218 -2.69 1.74 16.99
C ARG B 218 -1.81 1.73 15.75
N ASP B 219 -0.82 2.62 15.72
CA ASP B 219 0.18 2.49 14.68
C ASP B 219 1.25 1.53 15.20
N ALA B 220 2.10 1.05 14.32
CA ALA B 220 3.00 -0.03 14.70
C ALA B 220 4.44 0.34 14.41
N THR B 221 4.94 1.34 15.14
CA THR B 221 6.30 1.83 14.95
C THR B 221 7.31 0.98 15.72
N ARG B 222 7.90 1.51 16.80
CA ARG B 222 8.91 0.78 17.58
C ARG B 222 8.33 -0.51 18.15
N GLY B 223 9.03 -1.61 17.90
CA GLY B 223 8.55 -2.92 18.37
C GLY B 223 7.52 -3.56 17.44
N GLY B 224 7.10 -2.81 16.42
CA GLY B 224 6.24 -3.36 15.36
C GLY B 224 4.89 -3.88 15.82
N VAL B 225 4.31 -4.79 15.04
CA VAL B 225 3.02 -5.40 15.35
C VAL B 225 3.09 -6.23 16.64
N ASN B 226 4.23 -6.89 16.84
CA ASN B 226 4.45 -7.68 18.05
C ASN B 226 4.22 -6.85 19.32
N ALA B 227 4.79 -5.64 19.39
CA ALA B 227 4.56 -4.75 20.54
C ALA B 227 3.07 -4.33 20.67
N VAL B 228 2.43 -4.02 19.56
CA VAL B 228 1.00 -3.64 19.60
C VAL B 228 0.12 -4.75 20.17
N VAL B 229 0.27 -5.97 19.67
CA VAL B 229 -0.59 -7.07 20.14
C VAL B 229 -0.36 -7.39 21.61
N HIS B 230 0.89 -7.28 22.05
CA HIS B 230 1.20 -7.41 23.49
C HIS B 230 0.53 -6.31 24.32
N GLU B 231 0.54 -5.09 23.79
CA GLU B 231 -0.11 -3.95 24.45
C GLU B 231 -1.61 -4.10 24.49
N PHE B 232 -2.20 -4.56 23.38
CA PHE B 232 -3.62 -4.91 23.31
C PHE B 232 -3.99 -5.96 24.36
N ALA B 233 -3.25 -7.08 24.37
CA ALA B 233 -3.50 -8.17 25.32
C ALA B 233 -3.47 -7.69 26.77
N ALA B 234 -2.46 -6.90 27.13
CA ALA B 234 -2.32 -6.34 28.48
C ALA B 234 -3.47 -5.40 28.86
N ALA B 235 -3.91 -4.59 27.90
CA ALA B 235 -4.97 -3.60 28.15
C ALA B 235 -6.33 -4.23 28.41
N CYS B 236 -6.63 -5.34 27.73
CA CYS B 236 -7.99 -5.90 27.79
C CYS B 236 -8.12 -7.16 28.65
N GLY B 237 -7.00 -7.71 29.09
CA GLY B 237 -7.01 -8.94 29.91
C GLY B 237 -7.48 -10.16 29.14
N CYS B 238 -7.35 -10.12 27.81
CA CYS B 238 -7.66 -11.27 26.95
C CYS B 238 -6.41 -11.63 26.16
N GLY B 239 -6.37 -12.85 25.62
CA GLY B 239 -5.24 -13.28 24.82
C GLY B 239 -5.43 -12.89 23.37
N ILE B 240 -4.36 -13.00 22.59
CA ILE B 240 -4.41 -12.73 21.16
C ILE B 240 -3.69 -13.84 20.40
N GLU B 241 -4.35 -14.37 19.37
CA GLU B 241 -3.76 -15.42 18.54
C GLU B 241 -3.68 -14.94 17.09
N ILE B 242 -2.48 -15.06 16.52
CA ILE B 242 -2.14 -14.53 15.19
C ILE B 242 -1.80 -15.69 14.26
N SER B 243 -2.28 -15.64 13.02
CA SER B 243 -1.95 -16.65 12.02
C SER B 243 -0.67 -16.25 11.30
N GLU B 244 0.38 -17.06 11.44
CA GLU B 244 1.65 -16.74 10.79
C GLU B 244 1.53 -16.63 9.27
N SER B 245 0.82 -17.55 8.65
CA SER B 245 0.68 -17.56 7.19
C SER B 245 -0.12 -16.37 6.67
N ALA B 246 -1.04 -15.85 7.48
CA ALA B 246 -1.86 -14.69 7.12
C ALA B 246 -1.11 -13.34 7.13
N LEU B 247 0.04 -13.28 7.80
CA LEU B 247 0.81 -12.03 7.85
C LEU B 247 1.26 -11.60 6.46
N PRO B 248 0.83 -10.39 6.03
CA PRO B 248 1.26 -9.89 4.71
C PRO B 248 2.67 -9.34 4.77
N VAL B 249 3.60 -9.97 4.04
CA VAL B 249 5.01 -9.55 4.02
C VAL B 249 5.49 -9.57 2.57
N LYS B 250 5.97 -8.43 2.08
CA LYS B 250 6.50 -8.31 0.72
C LYS B 250 7.73 -9.22 0.50
N PRO B 251 7.92 -9.71 -0.75
CA PRO B 251 9.08 -10.58 -1.06
C PRO B 251 10.43 -10.05 -0.57
N ALA B 252 10.74 -8.76 -0.79
CA ALA B 252 12.02 -8.20 -0.36
C ALA B 252 12.20 -8.16 1.16
N VAL B 253 11.11 -7.93 1.90
CA VAL B 253 11.17 -7.99 3.37
C VAL B 253 11.41 -9.44 3.83
N ARG B 254 10.72 -10.38 3.20
CA ARG B 254 10.98 -11.81 3.44
C ARG B 254 12.46 -12.14 3.25
N GLY B 255 13.07 -11.50 2.26
CA GLY B 255 14.50 -11.65 1.97
C GLY B 255 15.37 -11.19 3.12
N VAL B 256 15.01 -10.06 3.75
CA VAL B 256 15.69 -9.58 4.97
C VAL B 256 15.52 -10.56 6.14
N CYS B 257 14.28 -10.99 6.37
CA CYS B 257 14.00 -12.06 7.35
C CYS B 257 14.86 -13.31 7.15
N GLU B 258 15.00 -13.75 5.89
CA GLU B 258 15.78 -14.94 5.57
C GLU B 258 17.26 -14.74 5.90
N LEU B 259 17.77 -13.55 5.59
CA LEU B 259 19.19 -13.24 5.80
C LEU B 259 19.55 -13.08 7.28
N LEU B 260 18.66 -12.45 8.04
CA LEU B 260 18.98 -12.11 9.42
C LEU B 260 18.28 -12.98 10.48
N GLY B 261 17.28 -13.76 10.06
CA GLY B 261 16.48 -14.58 10.98
C GLY B 261 15.52 -13.77 11.84
N LEU B 262 15.41 -12.46 11.55
CA LEU B 262 14.59 -11.53 12.32
C LEU B 262 13.16 -11.50 11.81
N ASP B 263 12.24 -11.07 12.67
CA ASP B 263 10.81 -11.23 12.48
C ASP B 263 10.21 -9.92 11.94
N ALA B 264 9.46 -9.99 10.84
CA ALA B 264 8.75 -8.80 10.33
C ALA B 264 7.76 -8.23 11.36
N LEU B 265 7.28 -9.08 12.27
CA LEU B 265 6.41 -8.65 13.38
C LEU B 265 7.09 -7.68 14.32
N ASN B 266 8.42 -7.72 14.34
CA ASN B 266 9.21 -6.83 15.19
C ASN B 266 9.68 -5.56 14.45
N PHE B 267 9.72 -5.61 13.12
CA PHE B 267 10.24 -4.49 12.32
C PHE B 267 9.33 -3.27 12.45
N ALA B 268 9.93 -2.09 12.58
CA ALA B 268 9.16 -0.85 12.65
C ALA B 268 8.40 -0.55 11.35
N ASN B 269 7.18 -0.04 11.50
CA ASN B 269 6.38 0.46 10.38
C ASN B 269 6.18 1.95 10.55
N GLU B 270 6.13 2.69 9.45
CA GLU B 270 5.89 4.13 9.55
C GLU B 270 4.66 4.56 8.77
N GLY B 271 3.87 3.58 8.31
CA GLY B 271 2.60 3.86 7.65
C GLY B 271 1.62 2.70 7.75
N LYS B 272 1.57 2.04 8.90
CA LYS B 272 0.69 0.87 9.08
C LYS B 272 -0.15 0.96 10.36
N LEU B 273 -1.37 0.45 10.29
CA LEU B 273 -2.26 0.35 11.44
C LEU B 273 -2.48 -1.09 11.84
N VAL B 274 -2.68 -1.30 13.13
CA VAL B 274 -3.25 -2.53 13.65
C VAL B 274 -4.64 -2.14 14.17
N ILE B 275 -5.65 -2.84 13.70
CA ILE B 275 -7.04 -2.50 13.99
C ILE B 275 -7.72 -3.70 14.63
N ALA B 276 -8.44 -3.45 15.72
CA ALA B 276 -9.26 -4.47 16.35
C ALA B 276 -10.72 -4.12 16.12
N VAL B 277 -11.51 -5.10 15.72
CA VAL B 277 -12.91 -4.85 15.33
C VAL B 277 -13.84 -5.93 15.88
N GLU B 278 -15.11 -5.58 16.05
CA GLU B 278 -16.15 -6.57 16.36
C GLU B 278 -16.14 -7.57 15.23
N ARG B 279 -16.32 -8.85 15.58
CA ARG B 279 -16.24 -9.95 14.62
CA ARG B 279 -16.26 -9.95 14.62
C ARG B 279 -17.09 -9.69 13.37
N ASN B 280 -18.32 -9.21 13.56
CA ASN B 280 -19.24 -9.00 12.44
CA ASN B 280 -19.24 -9.00 12.44
C ASN B 280 -18.85 -7.84 11.51
N ALA B 281 -17.93 -6.99 11.97
CA ALA B 281 -17.53 -5.81 11.18
C ALA B 281 -16.30 -6.05 10.31
N ALA B 282 -15.67 -7.21 10.46
CA ALA B 282 -14.39 -7.48 9.79
C ALA B 282 -14.41 -7.29 8.26
N GLU B 283 -15.46 -7.82 7.61
CA GLU B 283 -15.56 -7.73 6.14
C GLU B 283 -15.75 -6.29 5.67
N GLN B 284 -16.62 -5.56 6.37
CA GLN B 284 -16.85 -4.13 6.07
C GLN B 284 -15.57 -3.31 6.24
N VAL B 285 -14.87 -3.53 7.35
CA VAL B 285 -13.63 -2.80 7.62
C VAL B 285 -12.55 -3.11 6.57
N LEU B 286 -12.38 -4.38 6.23
CA LEU B 286 -11.41 -4.77 5.21
C LEU B 286 -11.70 -4.11 3.85
N ALA B 287 -12.97 -4.10 3.46
CA ALA B 287 -13.38 -3.47 2.20
C ALA B 287 -13.12 -1.96 2.22
N ALA B 288 -13.42 -1.32 3.34
CA ALA B 288 -13.15 0.12 3.52
C ALA B 288 -11.65 0.43 3.39
N LEU B 289 -10.81 -0.38 4.03
CA LEU B 289 -9.36 -0.21 3.91
C LEU B 289 -8.87 -0.42 2.47
N HIS B 290 -9.36 -1.47 1.82
CA HIS B 290 -8.98 -1.79 0.46
C HIS B 290 -9.39 -0.72 -0.56
N SER B 291 -10.31 0.15 -0.15
CA SER B 291 -10.84 1.20 -1.01
C SER B 291 -9.92 2.42 -1.06
N HIS B 292 -8.96 2.49 -0.14
CA HIS B 292 -8.04 3.62 -0.05
C HIS B 292 -6.63 3.21 -0.48
N PRO B 293 -5.91 4.10 -1.20
CA PRO B 293 -4.55 3.81 -1.67
C PRO B 293 -3.59 3.34 -0.58
N LEU B 294 -3.80 3.76 0.67
CA LEU B 294 -2.91 3.37 1.76
C LEU B 294 -3.28 2.05 2.45
N GLY B 295 -4.45 1.50 2.13
CA GLY B 295 -4.93 0.26 2.74
C GLY B 295 -5.13 -0.90 1.79
N LYS B 296 -4.54 -0.80 0.58
CA LYS B 296 -4.69 -1.83 -0.45
C LYS B 296 -4.28 -3.23 -0.02
N ASP B 297 -3.26 -3.33 0.83
CA ASP B 297 -2.72 -4.62 1.28
C ASP B 297 -3.23 -5.06 2.66
N ALA B 298 -4.29 -4.42 3.13
CA ALA B 298 -4.89 -4.73 4.43
C ALA B 298 -5.28 -6.22 4.51
N ALA B 299 -5.23 -6.79 5.71
CA ALA B 299 -5.50 -8.21 5.90
C ALA B 299 -5.90 -8.55 7.33
N LEU B 300 -6.79 -9.53 7.44
N LEU B 300 -6.87 -9.47 7.51
CA LEU B 300 -7.07 -10.13 8.74
CA LEU B 300 -7.21 -10.06 8.84
C LEU B 300 -5.86 -10.98 9.14
C LEU B 300 -6.01 -10.97 9.19
N ILE B 301 -5.47 -10.86 10.41
CA ILE B 301 -4.29 -11.62 10.86
C ILE B 301 -4.50 -12.42 12.14
N GLY B 302 -5.59 -12.16 12.86
CA GLY B 302 -5.82 -12.89 14.08
C GLY B 302 -7.11 -12.55 14.80
N GLU B 303 -7.20 -13.01 16.05
N GLU B 303 -7.19 -12.97 16.07
CA GLU B 303 -8.39 -12.78 16.87
CA GLU B 303 -8.39 -12.75 16.87
C GLU B 303 -8.02 -12.64 18.35
C GLU B 303 -8.08 -12.73 18.36
N VAL B 304 -8.93 -12.02 19.10
CA VAL B 304 -8.83 -11.94 20.55
C VAL B 304 -9.53 -13.17 21.12
N VAL B 305 -8.93 -13.79 22.13
CA VAL B 305 -9.45 -15.03 22.70
C VAL B 305 -9.49 -14.93 24.23
N GLU B 306 -10.18 -15.86 24.88
CA GLU B 306 -10.29 -15.83 26.36
C GLU B 306 -8.97 -16.15 27.06
N ARG B 307 -8.27 -17.19 26.59
CA ARG B 307 -7.00 -17.58 27.18
C ARG B 307 -5.96 -16.47 27.01
N LYS B 308 -5.46 -15.98 28.13
CA LYS B 308 -4.52 -14.86 28.16
C LYS B 308 -3.20 -15.22 27.48
N GLY B 309 -2.47 -14.19 27.05
CA GLY B 309 -1.18 -14.38 26.39
C GLY B 309 -1.25 -14.12 24.90
N VAL B 310 -0.09 -13.98 24.26
CA VAL B 310 -0.04 -13.77 22.82
C VAL B 310 0.60 -15.02 22.20
N ARG B 311 -0.10 -15.61 21.23
CA ARG B 311 0.38 -16.82 20.55
C ARG B 311 0.38 -16.65 19.04
N LEU B 312 1.35 -17.31 18.40
CA LEU B 312 1.48 -17.34 16.95
C LEU B 312 1.21 -18.76 16.45
N ALA B 313 0.21 -18.89 15.57
CA ALA B 313 -0.15 -20.19 14.98
C ALA B 313 0.72 -20.50 13.76
N GLY B 314 1.48 -21.60 13.85
CA GLY B 314 2.41 -22.01 12.79
C GLY B 314 1.88 -23.22 12.03
N LEU B 315 2.78 -24.10 11.61
CA LEU B 315 2.39 -25.32 10.92
C LEU B 315 1.43 -26.17 11.73
N TYR B 316 0.44 -26.73 11.04
CA TYR B 316 -0.55 -27.67 11.62
C TYR B 316 -1.38 -27.02 12.71
N GLY B 317 -1.50 -25.70 12.68
CA GLY B 317 -2.30 -24.96 13.67
C GLY B 317 -1.68 -24.96 15.06
N VAL B 318 -0.38 -25.25 15.15
CA VAL B 318 0.29 -25.23 16.46
C VAL B 318 0.44 -23.78 16.95
N LYS B 319 -0.11 -23.51 18.13
CA LYS B 319 -0.08 -22.16 18.70
C LYS B 319 1.01 -22.04 19.75
N ARG B 320 2.00 -21.18 19.49
CA ARG B 320 3.14 -21.04 20.39
C ARG B 320 3.20 -19.62 20.91
N THR B 321 3.53 -19.47 22.19
CA THR B 321 3.74 -18.15 22.78
C THR B 321 4.68 -17.32 21.90
N LEU B 322 4.26 -16.09 21.63
CA LEU B 322 5.06 -15.16 20.86
C LEU B 322 5.71 -14.18 21.83
N ASP B 323 7.02 -14.30 22.00
CA ASP B 323 7.75 -13.45 22.94
C ASP B 323 8.14 -12.14 22.28
N LEU B 324 8.26 -11.09 23.10
CA LEU B 324 8.87 -9.84 22.65
C LEU B 324 10.39 -10.04 22.59
N PRO B 325 11.06 -9.39 21.62
CA PRO B 325 12.51 -9.45 21.57
C PRO B 325 13.14 -8.57 22.67
N HIS B 326 14.41 -8.82 22.98
CA HIS B 326 15.12 -8.03 24.00
C HIS B 326 15.49 -6.62 23.55
N ALA B 327 15.84 -6.46 22.27
CA ALA B 327 16.21 -5.16 21.72
C ALA B 327 15.57 -4.90 20.34
N GLU B 328 15.65 -3.66 19.88
CA GLU B 328 15.30 -3.34 18.49
C GLU B 328 16.34 -3.99 17.57
N PRO B 329 15.95 -4.31 16.31
CA PRO B 329 16.86 -4.99 15.39
C PRO B 329 18.19 -4.24 15.17
N LEU B 330 18.16 -2.91 15.34
CA LEU B 330 19.30 -2.02 15.11
C LEU B 330 18.91 -0.63 15.65
N PRO B 331 19.89 0.11 16.21
CA PRO B 331 19.57 1.48 16.66
C PRO B 331 19.18 2.41 15.52
N ARG B 332 18.38 3.43 15.85
CA ARG B 332 18.09 4.56 14.95
C ARG B 332 17.39 4.16 13.64
N ILE B 333 16.44 3.25 13.75
CA ILE B 333 15.56 2.90 12.63
C ILE B 333 14.46 3.96 12.47
N CYS B 334 14.18 4.72 13.54
CA CYS B 334 13.13 5.75 13.55
C CYS B 334 13.57 7.10 14.14
N MET C 13 -29.38 -21.46 -24.12
CA MET C 13 -29.50 -22.09 -22.78
C MET C 13 -28.21 -22.83 -22.39
N GLN C 14 -27.69 -22.48 -21.21
CA GLN C 14 -26.43 -23.01 -20.67
C GLN C 14 -26.30 -24.54 -20.68
N GLN C 15 -27.41 -25.24 -20.49
CA GLN C 15 -27.43 -26.70 -20.47
C GLN C 15 -27.17 -27.30 -21.85
N LEU C 16 -27.73 -26.67 -22.88
CA LEU C 16 -27.54 -27.09 -24.27
C LEU C 16 -26.12 -26.82 -24.78
N ILE C 17 -25.56 -25.68 -24.39
CA ILE C 17 -24.22 -25.27 -24.80
C ILE C 17 -23.15 -26.16 -24.18
N ASN C 18 -23.29 -26.43 -22.89
CA ASN C 18 -22.38 -27.31 -22.15
C ASN C 18 -22.40 -28.73 -22.74
N SER C 19 -23.59 -29.20 -23.13
CA SER C 19 -23.76 -30.50 -23.77
C SER C 19 -22.99 -30.56 -25.09
N LEU C 20 -23.14 -29.50 -25.89
CA LEU C 20 -22.47 -29.40 -27.18
C LEU C 20 -20.93 -29.41 -27.06
N PHE C 21 -20.43 -28.59 -26.13
CA PHE C 21 -19.02 -28.54 -25.77
C PHE C 21 -18.45 -29.94 -25.49
N MET C 22 -19.11 -30.64 -24.55
CA MET C 22 -18.65 -31.97 -24.13
C MET C 22 -18.77 -33.02 -25.23
N GLU C 23 -19.85 -32.97 -26.01
CA GLU C 23 -20.04 -33.85 -27.16
C GLU C 23 -18.95 -33.64 -28.21
N ALA C 24 -18.77 -32.39 -28.64
CA ALA C 24 -17.85 -32.04 -29.73
C ALA C 24 -16.37 -32.20 -29.37
N PHE C 25 -15.99 -31.75 -28.17
CA PHE C 25 -14.58 -31.72 -27.79
C PHE C 25 -14.10 -32.98 -27.07
N ALA C 26 -15.04 -33.88 -26.81
CA ALA C 26 -14.82 -35.09 -25.99
C ALA C 26 -13.41 -35.66 -26.03
N ASN C 27 -12.81 -35.76 -24.85
CA ASN C 27 -11.49 -36.35 -24.68
C ASN C 27 -11.35 -36.78 -23.21
N PRO C 28 -10.28 -37.54 -22.88
CA PRO C 28 -10.10 -38.03 -21.50
C PRO C 28 -9.92 -36.92 -20.45
N TRP C 29 -9.41 -35.76 -20.87
CA TRP C 29 -9.17 -34.66 -19.94
C TRP C 29 -10.45 -33.93 -19.53
N LEU C 30 -11.42 -33.90 -20.44
CA LEU C 30 -12.71 -33.27 -20.19
C LEU C 30 -13.66 -34.17 -19.40
N ALA C 31 -13.56 -35.48 -19.63
CA ALA C 31 -14.44 -36.45 -18.99
C ALA C 31 -14.22 -36.51 -17.47
N GLU C 32 -15.32 -36.38 -16.73
CA GLU C 32 -15.31 -36.38 -15.25
C GLU C 32 -14.45 -35.26 -14.65
N GLN C 33 -14.24 -34.20 -15.44
CA GLN C 33 -13.48 -33.05 -14.98
C GLN C 33 -14.27 -32.27 -13.94
N GLU C 34 -13.57 -31.77 -12.92
CA GLU C 34 -14.15 -30.86 -11.96
C GLU C 34 -13.78 -29.42 -12.37
N ASP C 35 -13.00 -28.70 -11.56
CA ASP C 35 -12.77 -27.28 -11.85
C ASP C 35 -11.57 -26.96 -12.74
N GLN C 36 -10.78 -28.00 -13.06
CA GLN C 36 -9.56 -27.84 -13.86
C GLN C 36 -9.23 -29.11 -14.61
N ALA C 37 -8.52 -28.95 -15.74
CA ALA C 37 -7.89 -30.09 -16.41
C ALA C 37 -6.63 -30.47 -15.63
N ARG C 38 -6.21 -31.73 -15.73
CA ARG C 38 -4.99 -32.19 -15.05
C ARG C 38 -4.10 -32.90 -16.07
N LEU C 39 -2.98 -32.27 -16.40
CA LEU C 39 -2.15 -32.68 -17.55
C LEU C 39 -0.86 -33.33 -17.08
N ASP C 40 -0.45 -34.40 -17.75
CA ASP C 40 0.77 -35.11 -17.36
C ASP C 40 2.03 -34.27 -17.62
N LEU C 41 2.72 -33.91 -16.55
CA LEU C 41 3.92 -33.07 -16.63
C LEU C 41 5.16 -33.79 -17.13
N ALA C 42 5.32 -35.06 -16.74
CA ALA C 42 6.48 -35.86 -17.19
C ALA C 42 6.51 -35.97 -18.71
N GLN C 43 5.32 -36.11 -19.30
CA GLN C 43 5.18 -36.21 -20.75
C GLN C 43 5.64 -34.91 -21.43
N LEU C 44 5.34 -33.78 -20.80
CA LEU C 44 5.75 -32.47 -21.33
C LEU C 44 7.25 -32.24 -21.19
N VAL C 45 7.79 -32.53 -20.00
CA VAL C 45 9.21 -32.29 -19.76
CA VAL C 45 9.22 -32.37 -19.70
C VAL C 45 10.09 -33.23 -20.61
N ALA C 46 9.57 -34.41 -20.97
CA ALA C 46 10.28 -35.33 -21.87
C ALA C 46 10.38 -34.75 -23.29
N GLU C 47 9.43 -33.89 -23.64
CA GLU C 47 9.40 -33.24 -24.94
C GLU C 47 10.28 -31.98 -25.03
N GLY C 48 10.40 -31.25 -23.91
CA GLY C 48 11.22 -30.05 -23.87
C GLY C 48 11.32 -29.43 -22.49
N ASP C 49 12.14 -28.40 -22.37
CA ASP C 49 12.46 -27.80 -21.08
C ASP C 49 11.65 -26.55 -20.74
N ARG C 50 10.93 -26.01 -21.72
CA ARG C 50 10.12 -24.80 -21.52
C ARG C 50 8.71 -25.04 -22.02
N LEU C 51 7.72 -24.50 -21.31
CA LEU C 51 6.33 -24.60 -21.75
C LEU C 51 5.95 -23.28 -22.43
N ALA C 52 5.65 -23.36 -23.73
CA ALA C 52 5.11 -22.20 -24.45
C ALA C 52 3.65 -22.06 -24.06
N PHE C 53 3.24 -20.82 -23.79
CA PHE C 53 1.89 -20.54 -23.27
C PHE C 53 1.42 -19.23 -23.88
N SER C 54 0.29 -19.31 -24.58
CA SER C 54 -0.25 -18.14 -25.25
CA SER C 54 -0.26 -18.17 -25.31
CA SER C 54 -0.25 -18.16 -25.29
C SER C 54 -1.76 -18.04 -25.08
N THR C 55 -2.30 -16.84 -25.30
CA THR C 55 -3.74 -16.65 -25.28
C THR C 55 -4.09 -15.60 -26.32
N ASP C 56 -5.28 -15.74 -26.91
CA ASP C 56 -5.82 -14.72 -27.80
C ASP C 56 -7.33 -14.72 -27.66
N SER C 57 -7.95 -13.56 -27.82
CA SER C 57 -9.42 -13.48 -27.94
C SER C 57 -9.78 -13.22 -29.39
N TYR C 58 -10.97 -13.68 -29.77
CA TYR C 58 -11.42 -13.62 -31.15
C TYR C 58 -12.78 -12.96 -31.17
N VAL C 59 -12.85 -11.85 -31.90
CA VAL C 59 -14.06 -11.04 -31.97
C VAL C 59 -14.43 -10.70 -33.42
N ILE C 60 -14.00 -11.54 -34.36
CA ILE C 60 -14.20 -11.30 -35.79
C ILE C 60 -15.68 -11.18 -36.17
N ASP C 61 -15.97 -10.30 -37.12
CA ASP C 61 -17.30 -10.09 -37.66
C ASP C 61 -17.10 -9.94 -39.18
N PRO C 62 -17.80 -10.74 -40.00
CA PRO C 62 -18.78 -11.79 -39.65
C PRO C 62 -18.15 -13.06 -39.06
N LEU C 63 -19.00 -13.92 -38.50
CA LEU C 63 -18.55 -15.16 -37.84
C LEU C 63 -18.05 -16.19 -38.83
N PHE C 64 -18.59 -16.14 -40.06
CA PHE C 64 -18.14 -16.99 -41.17
C PHE C 64 -17.76 -16.06 -42.31
N PHE C 65 -16.67 -16.39 -42.99
CA PHE C 65 -16.05 -15.52 -44.01
C PHE C 65 -15.31 -16.37 -45.03
N PRO C 66 -14.90 -15.78 -46.17
CA PRO C 66 -14.16 -16.58 -47.14
C PRO C 66 -12.87 -17.16 -46.55
N GLY C 67 -12.79 -18.49 -46.51
CA GLY C 67 -11.60 -19.17 -46.02
C GLY C 67 -11.62 -19.57 -44.54
N GLY C 68 -12.71 -19.26 -43.84
CA GLY C 68 -12.85 -19.76 -42.48
C GLY C 68 -13.99 -19.24 -41.66
N ASN C 69 -13.87 -19.41 -40.35
CA ASN C 69 -14.90 -18.95 -39.43
C ASN C 69 -14.25 -18.70 -38.08
N ILE C 70 -14.98 -18.10 -37.15
CA ILE C 70 -14.42 -17.75 -35.84
C ILE C 70 -13.92 -18.97 -35.04
N GLY C 71 -14.58 -20.11 -35.22
CA GLY C 71 -14.18 -21.33 -34.54
C GLY C 71 -12.83 -21.84 -35.00
N LYS C 72 -12.69 -22.03 -36.32
CA LYS C 72 -11.41 -22.44 -36.91
C LYS C 72 -10.30 -21.44 -36.54
N LEU C 73 -10.62 -20.16 -36.64
CA LEU C 73 -9.70 -19.09 -36.29
C LEU C 73 -9.22 -19.15 -34.84
N ALA C 74 -10.13 -19.45 -33.91
CA ALA C 74 -9.80 -19.48 -32.48
C ALA C 74 -8.78 -20.57 -32.17
N ILE C 75 -8.83 -21.67 -32.92
CA ILE C 75 -7.84 -22.74 -32.83
C ILE C 75 -6.54 -22.34 -33.50
N CYS C 76 -6.63 -21.86 -34.75
CA CYS C 76 -5.45 -21.53 -35.56
C CYS C 76 -4.55 -20.50 -34.90
N GLY C 77 -5.13 -19.36 -34.52
CA GLY C 77 -4.35 -18.24 -34.00
C GLY C 77 -3.58 -18.60 -32.74
N THR C 78 -4.23 -19.37 -31.86
CA THR C 78 -3.60 -19.74 -30.59
C THR C 78 -2.59 -20.87 -30.79
N ALA C 79 -2.94 -21.88 -31.58
CA ALA C 79 -1.96 -22.91 -31.96
C ALA C 79 -0.72 -22.28 -32.59
N ASN C 80 -0.92 -21.33 -33.50
CA ASN C 80 0.21 -20.63 -34.16
C ASN C 80 1.10 -19.87 -33.18
N ASP C 81 0.50 -19.15 -32.24
CA ASP C 81 1.27 -18.41 -31.26
C ASP C 81 2.15 -19.35 -30.42
N VAL C 82 1.67 -20.56 -30.18
CA VAL C 82 2.47 -21.59 -29.49
C VAL C 82 3.53 -22.16 -30.44
N ALA C 83 3.11 -22.50 -31.67
CA ALA C 83 3.95 -23.21 -32.63
C ALA C 83 5.18 -22.42 -33.08
N VAL C 84 5.09 -21.10 -33.10
CA VAL C 84 6.23 -20.26 -33.53
C VAL C 84 7.39 -20.26 -32.54
N SER C 85 7.19 -20.81 -31.34
CA SER C 85 8.29 -21.01 -30.39
C SER C 85 9.11 -22.25 -30.73
N GLY C 86 8.58 -23.10 -31.61
CA GLY C 86 9.19 -24.42 -31.86
C GLY C 86 8.44 -25.56 -31.20
N ALA C 87 7.58 -25.22 -30.22
CA ALA C 87 6.73 -26.23 -29.55
C ALA C 87 5.66 -26.78 -30.47
N ILE C 88 5.32 -28.06 -30.29
CA ILE C 88 4.12 -28.65 -30.87
C ILE C 88 2.94 -28.38 -29.92
N PRO C 89 1.92 -27.66 -30.40
CA PRO C 89 0.75 -27.38 -29.55
C PRO C 89 0.03 -28.68 -29.18
N ARG C 90 -0.31 -28.84 -27.90
CA ARG C 90 -0.92 -30.07 -27.41
C ARG C 90 -2.25 -29.86 -26.73
N TYR C 91 -2.36 -28.76 -25.98
CA TYR C 91 -3.51 -28.54 -25.11
C TYR C 91 -4.02 -27.11 -25.24
N LEU C 92 -5.34 -27.00 -25.35
CA LEU C 92 -6.00 -25.71 -25.49
CA LEU C 92 -6.02 -25.74 -25.55
C LEU C 92 -7.18 -25.61 -24.55
N SER C 93 -7.41 -24.40 -24.05
CA SER C 93 -8.62 -24.09 -23.28
C SER C 93 -9.47 -23.16 -24.13
N CYS C 94 -10.78 -23.15 -23.90
CA CYS C 94 -11.70 -22.35 -24.70
CA CYS C 94 -11.66 -22.28 -24.67
C CYS C 94 -12.81 -21.72 -23.85
N GLY C 95 -12.88 -20.39 -23.86
CA GLY C 95 -13.93 -19.67 -23.13
C GLY C 95 -14.81 -18.94 -24.12
N PHE C 96 -16.09 -19.29 -24.11
CA PHE C 96 -17.08 -18.65 -24.97
C PHE C 96 -17.82 -17.57 -24.21
N ILE C 97 -18.06 -16.45 -24.88
CA ILE C 97 -19.03 -15.46 -24.41
C ILE C 97 -20.11 -15.36 -25.50
N LEU C 98 -21.33 -15.75 -25.12
CA LEU C 98 -22.45 -15.86 -26.06
C LEU C 98 -23.54 -14.86 -25.76
N GLU C 99 -24.13 -14.32 -26.83
CA GLU C 99 -25.29 -13.46 -26.71
C GLU C 99 -26.54 -14.33 -26.63
N GLU C 100 -27.41 -14.03 -25.67
CA GLU C 100 -28.69 -14.75 -25.55
C GLU C 100 -29.43 -14.66 -26.88
N GLY C 101 -29.93 -15.80 -27.36
CA GLY C 101 -30.68 -15.83 -28.63
C GLY C 101 -29.85 -16.15 -29.86
N LEU C 102 -28.53 -16.31 -29.70
CA LEU C 102 -27.68 -16.78 -30.79
C LEU C 102 -28.23 -18.11 -31.33
N PRO C 103 -28.48 -18.19 -32.66
CA PRO C 103 -29.03 -19.44 -33.18
C PRO C 103 -28.15 -20.66 -32.91
N MET C 104 -28.75 -21.74 -32.43
CA MET C 104 -28.02 -22.97 -32.11
C MET C 104 -27.30 -23.55 -33.32
N GLU C 105 -27.86 -23.36 -34.50
CA GLU C 105 -27.23 -23.84 -35.74
C GLU C 105 -25.92 -23.13 -36.03
N THR C 106 -25.83 -21.84 -35.69
CA THR C 106 -24.58 -21.07 -35.82
C THR C 106 -23.54 -21.62 -34.84
N LEU C 107 -23.94 -21.73 -33.57
CA LEU C 107 -23.05 -22.20 -32.52
C LEU C 107 -22.57 -23.61 -32.80
N LYS C 108 -23.47 -24.49 -33.24
CA LYS C 108 -23.13 -25.85 -33.58
C LYS C 108 -22.07 -25.90 -34.67
N ALA C 109 -22.24 -25.06 -35.71
CA ALA C 109 -21.30 -24.96 -36.82
C ALA C 109 -19.92 -24.47 -36.36
N VAL C 110 -19.89 -23.47 -35.49
CA VAL C 110 -18.63 -22.94 -34.93
C VAL C 110 -17.91 -24.01 -34.11
N VAL C 111 -18.66 -24.64 -33.21
CA VAL C 111 -18.11 -25.67 -32.33
C VAL C 111 -17.58 -26.87 -33.13
N THR C 112 -18.33 -27.31 -34.13
CA THR C 112 -17.90 -28.42 -34.99
C THR C 112 -16.59 -28.07 -35.73
N SER C 113 -16.51 -26.84 -36.22
CA SER C 113 -15.29 -26.40 -36.91
C SER C 113 -14.09 -26.35 -35.96
N MET C 114 -14.30 -25.84 -34.74
CA MET C 114 -13.25 -25.87 -33.71
C MET C 114 -12.74 -27.28 -33.46
N ALA C 115 -13.69 -28.20 -33.26
CA ALA C 115 -13.40 -29.60 -32.95
C ALA C 115 -12.61 -30.29 -34.04
N GLU C 116 -13.03 -30.09 -35.29
CA GLU C 116 -12.37 -30.67 -36.46
CA GLU C 116 -12.34 -30.70 -36.43
C GLU C 116 -10.97 -30.08 -36.66
N THR C 117 -10.86 -28.75 -36.54
CA THR C 117 -9.55 -28.09 -36.67
C THR C 117 -8.55 -28.60 -35.63
N ALA C 118 -8.99 -28.69 -34.38
CA ALA C 118 -8.13 -29.18 -33.31
C ALA C 118 -7.77 -30.66 -33.52
N ARG C 119 -8.75 -31.48 -33.88
CA ARG C 119 -8.51 -32.91 -34.10
C ARG C 119 -7.47 -33.13 -35.22
N THR C 120 -7.67 -32.47 -36.36
CA THR C 120 -6.70 -32.53 -37.46
C THR C 120 -5.30 -32.13 -37.02
N ALA C 121 -5.22 -31.15 -36.13
CA ALA C 121 -3.95 -30.61 -35.68
C ALA C 121 -3.33 -31.40 -34.53
N GLY C 122 -4.06 -32.39 -34.02
CA GLY C 122 -3.60 -33.18 -32.89
C GLY C 122 -3.63 -32.40 -31.58
N ILE C 123 -4.58 -31.48 -31.45
CA ILE C 123 -4.68 -30.64 -30.26
C ILE C 123 -5.93 -31.03 -29.49
N ALA C 124 -5.77 -31.24 -28.18
CA ALA C 124 -6.89 -31.54 -27.30
C ALA C 124 -7.41 -30.26 -26.65
N ILE C 125 -8.71 -30.06 -26.70
CA ILE C 125 -9.37 -28.99 -25.98
C ILE C 125 -9.73 -29.57 -24.61
N VAL C 126 -8.98 -29.17 -23.59
CA VAL C 126 -8.95 -29.90 -22.32
C VAL C 126 -9.83 -29.29 -21.26
N THR C 127 -10.20 -28.03 -21.45
CA THR C 127 -10.98 -27.33 -20.44
C THR C 127 -11.66 -26.14 -21.09
N GLY C 128 -12.71 -25.65 -20.45
CA GLY C 128 -13.46 -24.56 -21.04
C GLY C 128 -14.36 -23.81 -20.10
N ASP C 129 -15.10 -22.87 -20.67
CA ASP C 129 -16.09 -22.09 -19.94
C ASP C 129 -17.05 -21.49 -20.94
N THR C 130 -18.28 -21.22 -20.50
CA THR C 130 -19.24 -20.51 -21.29
C THR C 130 -19.94 -19.49 -20.40
N LYS C 131 -20.01 -18.25 -20.87
CA LYS C 131 -20.84 -17.22 -20.27
C LYS C 131 -21.87 -16.73 -21.29
N VAL C 132 -23.11 -16.56 -20.83
CA VAL C 132 -24.17 -16.02 -21.66
C VAL C 132 -24.55 -14.64 -21.13
N VAL C 133 -24.53 -13.65 -22.01
CA VAL C 133 -24.97 -12.29 -21.68
C VAL C 133 -26.29 -11.99 -22.40
N GLN C 134 -26.98 -10.94 -21.96
CA GLN C 134 -28.29 -10.58 -22.52
CA GLN C 134 -28.28 -10.58 -22.52
C GLN C 134 -28.14 -10.07 -23.95
N ARG C 135 -29.24 -10.13 -24.71
CA ARG C 135 -29.30 -9.51 -26.03
C ARG C 135 -28.76 -8.09 -25.94
N GLY C 136 -27.90 -7.73 -26.88
CA GLY C 136 -27.30 -6.39 -26.88
C GLY C 136 -26.01 -6.23 -26.10
N ALA C 137 -25.74 -7.15 -25.17
CA ALA C 137 -24.55 -7.04 -24.30
C ALA C 137 -23.26 -7.63 -24.91
N ALA C 138 -23.42 -8.44 -25.95
CA ALA C 138 -22.30 -8.94 -26.77
C ALA C 138 -22.83 -9.13 -28.17
N ASP C 139 -21.99 -8.91 -29.17
CA ASP C 139 -22.41 -9.11 -30.55
C ASP C 139 -22.20 -10.57 -30.97
N LYS C 140 -23.22 -11.38 -30.68
CA LYS C 140 -23.29 -12.80 -31.07
C LYS C 140 -22.39 -13.77 -30.29
N LEU C 141 -21.08 -13.73 -30.56
CA LEU C 141 -20.15 -14.74 -30.06
CA LEU C 141 -20.15 -14.72 -30.04
C LEU C 141 -18.72 -14.21 -30.02
N PHE C 142 -18.09 -14.28 -28.84
CA PHE C 142 -16.64 -14.02 -28.70
C PHE C 142 -16.02 -15.29 -28.14
N ILE C 143 -14.75 -15.54 -28.48
CA ILE C 143 -14.04 -16.73 -28.02
C ILE C 143 -12.67 -16.31 -27.51
N ASN C 144 -12.27 -16.84 -26.35
CA ASN C 144 -10.87 -16.81 -25.96
C ASN C 144 -10.34 -18.23 -25.93
N THR C 145 -9.13 -18.43 -26.45
CA THR C 145 -8.47 -19.70 -26.30
C THR C 145 -7.08 -19.44 -25.73
N ALA C 146 -6.61 -20.36 -24.90
CA ALA C 146 -5.24 -20.31 -24.42
C ALA C 146 -4.64 -21.66 -24.75
N GLY C 147 -3.37 -21.68 -25.14
CA GLY C 147 -2.75 -22.93 -25.54
C GLY C 147 -1.34 -23.11 -25.04
N MET C 148 -0.88 -24.36 -25.06
CA MET C 148 0.46 -24.69 -24.59
C MET C 148 1.08 -25.88 -25.33
N GLY C 149 2.41 -25.95 -25.28
CA GLY C 149 3.18 -27.09 -25.78
C GLY C 149 4.61 -26.93 -25.31
N ALA C 150 5.39 -28.01 -25.33
CA ALA C 150 6.75 -27.96 -24.82
C ALA C 150 7.76 -27.62 -25.93
N ILE C 151 8.65 -26.68 -25.63
CA ILE C 151 9.66 -26.26 -26.60
C ILE C 151 10.86 -27.19 -26.45
N PRO C 152 11.24 -27.91 -27.52
CA PRO C 152 12.44 -28.77 -27.46
C PRO C 152 13.66 -28.00 -26.96
N THR C 153 14.49 -28.64 -26.16
CA THR C 153 15.63 -27.98 -25.54
C THR C 153 16.62 -27.41 -26.56
N ASN C 154 16.70 -28.05 -27.72
CA ASN C 154 17.63 -27.65 -28.78
C ASN C 154 17.17 -26.47 -29.65
N ILE C 155 15.93 -26.03 -29.47
CA ILE C 155 15.38 -24.95 -30.28
C ILE C 155 15.46 -23.64 -29.50
N HIS C 156 16.25 -22.69 -30.00
N HIS C 156 16.30 -22.74 -30.02
CA HIS C 156 16.38 -21.41 -29.29
CA HIS C 156 16.54 -21.43 -29.44
C HIS C 156 16.05 -20.18 -30.12
C HIS C 156 16.14 -20.37 -30.47
N TRP C 157 14.84 -20.20 -30.68
CA TRP C 157 14.34 -19.14 -31.53
C TRP C 157 13.98 -17.91 -30.71
N GLY C 158 14.46 -16.75 -31.15
CA GLY C 158 14.18 -15.51 -30.44
C GLY C 158 14.64 -14.28 -31.18
N ALA C 159 13.78 -13.27 -31.20
CA ALA C 159 14.05 -11.99 -31.84
C ALA C 159 15.35 -11.35 -31.33
N GLN C 160 15.67 -11.57 -30.05
CA GLN C 160 16.88 -11.01 -29.42
C GLN C 160 18.18 -11.49 -30.08
N THR C 161 18.10 -12.62 -30.78
CA THR C 161 19.29 -13.27 -31.35
C THR C 161 19.73 -12.71 -32.71
N LEU C 162 18.93 -11.83 -33.29
CA LEU C 162 19.21 -11.31 -34.64
C LEU C 162 20.44 -10.41 -34.65
N THR C 163 21.24 -10.54 -35.70
CA THR C 163 22.43 -9.70 -35.88
C THR C 163 22.47 -9.22 -37.32
N ALA C 164 23.24 -8.16 -37.58
CA ALA C 164 23.36 -7.56 -38.92
C ALA C 164 23.79 -8.60 -39.95
N GLY C 165 23.20 -8.54 -41.14
CA GLY C 165 23.43 -9.55 -42.16
C GLY C 165 22.34 -10.60 -42.27
N ASP C 166 21.62 -10.86 -41.17
CA ASP C 166 20.50 -11.81 -41.17
C ASP C 166 19.42 -11.40 -42.19
N ILE C 167 18.73 -12.39 -42.72
CA ILE C 167 17.78 -12.18 -43.81
C ILE C 167 16.35 -12.37 -43.30
N LEU C 168 15.42 -11.54 -43.78
CA LEU C 168 14.02 -11.63 -43.42
CA LEU C 168 14.02 -11.63 -43.42
C LEU C 168 13.18 -12.20 -44.56
N LEU C 169 12.40 -13.22 -44.25
CA LEU C 169 11.50 -13.88 -45.19
C LEU C 169 10.09 -13.77 -44.66
N VAL C 170 9.11 -13.85 -45.57
CA VAL C 170 7.72 -14.18 -45.19
C VAL C 170 7.33 -15.50 -45.85
N SER C 171 6.39 -16.23 -45.23
CA SER C 171 6.03 -17.56 -45.69
C SER C 171 4.95 -17.53 -46.77
N GLY C 172 4.42 -16.34 -47.06
CA GLY C 172 3.40 -16.22 -48.10
C GLY C 172 3.00 -14.78 -48.34
N THR C 173 1.94 -14.59 -49.12
CA THR C 173 1.52 -13.25 -49.49
C THR C 173 0.96 -12.49 -48.28
N LEU C 174 1.06 -11.17 -48.33
CA LEU C 174 0.68 -10.36 -47.17
C LEU C 174 -0.71 -9.77 -47.27
N GLY C 175 -1.42 -9.73 -46.14
CA GLY C 175 -2.63 -8.95 -46.01
C GLY C 175 -3.92 -9.61 -46.50
N ASP C 176 -3.83 -10.88 -46.89
CA ASP C 176 -4.98 -11.62 -47.42
C ASP C 176 -6.18 -11.64 -46.47
N HIS C 177 -5.92 -11.94 -45.20
CA HIS C 177 -6.99 -12.00 -44.23
C HIS C 177 -7.63 -10.63 -44.01
N GLY C 178 -6.81 -9.63 -43.70
CA GLY C 178 -7.31 -8.28 -43.45
C GLY C 178 -8.08 -7.73 -44.64
N ALA C 179 -7.50 -7.87 -45.83
CA ALA C 179 -8.15 -7.47 -47.09
C ALA C 179 -9.50 -8.17 -47.33
N THR C 180 -9.55 -9.47 -47.07
CA THR C 180 -10.77 -10.26 -47.23
C THR C 180 -11.91 -9.69 -46.38
N ILE C 181 -11.60 -9.41 -45.11
CA ILE C 181 -12.60 -8.89 -44.18
C ILE C 181 -12.95 -7.44 -44.49
N LEU C 182 -11.95 -6.63 -44.82
CA LEU C 182 -12.20 -5.24 -45.25
C LEU C 182 -13.11 -5.21 -46.47
N ASN C 183 -12.84 -6.06 -47.45
CA ASN C 183 -13.66 -6.15 -48.66
C ASN C 183 -15.11 -6.50 -48.35
N LEU C 184 -15.32 -7.50 -47.50
CA LEU C 184 -16.65 -7.90 -47.07
C LEU C 184 -17.34 -6.78 -46.29
N ARG C 185 -16.71 -6.32 -45.21
CA ARG C 185 -17.32 -5.34 -44.29
C ARG C 185 -17.60 -3.97 -44.92
N GLU C 186 -16.72 -3.52 -45.82
CA GLU C 186 -16.85 -2.20 -46.42
C GLU C 186 -17.42 -2.22 -47.86
N GLN C 187 -17.76 -3.41 -48.35
N GLN C 187 -17.75 -3.42 -48.34
CA GLN C 187 -18.37 -3.59 -49.68
CA GLN C 187 -18.34 -3.62 -49.67
C GLN C 187 -17.52 -2.97 -50.80
C GLN C 187 -17.51 -2.95 -50.78
N LEU C 188 -16.26 -3.37 -50.86
CA LEU C 188 -15.29 -2.76 -51.80
C LEU C 188 -15.38 -3.28 -53.23
N GLY C 189 -16.04 -4.43 -53.40
CA GLY C 189 -16.30 -4.97 -54.73
C GLY C 189 -15.15 -5.66 -55.41
N LEU C 190 -14.07 -5.94 -54.66
CA LEU C 190 -12.93 -6.65 -55.23
C LEU C 190 -13.24 -8.11 -55.51
N ASP C 191 -12.72 -8.59 -56.64
CA ASP C 191 -12.84 -9.99 -57.01
C ASP C 191 -11.47 -10.58 -57.30
N GLY C 192 -11.43 -11.87 -57.61
CA GLY C 192 -10.18 -12.59 -57.77
C GLY C 192 -9.92 -13.44 -56.54
N GLU C 193 -8.65 -13.82 -56.36
CA GLU C 193 -8.25 -14.64 -55.23
C GLU C 193 -8.21 -13.77 -53.96
N LEU C 194 -9.35 -13.70 -53.27
CA LEU C 194 -9.46 -12.99 -52.00
C LEU C 194 -10.11 -13.86 -50.92
N VAL C 195 -9.26 -14.59 -50.18
CA VAL C 195 -9.68 -15.55 -49.17
CA VAL C 195 -9.73 -15.48 -49.12
C VAL C 195 -8.80 -15.40 -47.92
N SER C 196 -9.38 -15.61 -46.74
CA SER C 196 -8.58 -15.63 -45.53
C SER C 196 -7.55 -16.76 -45.65
N ASP C 197 -6.38 -16.54 -45.06
CA ASP C 197 -5.33 -17.55 -45.06
C ASP C 197 -5.30 -18.35 -43.75
N CYS C 198 -6.35 -18.21 -42.94
CA CYS C 198 -6.47 -18.89 -41.66
CA CYS C 198 -6.37 -18.87 -41.64
C CYS C 198 -6.06 -20.37 -41.75
N ALA C 199 -5.01 -20.76 -41.03
CA ALA C 199 -4.53 -22.14 -41.04
C ALA C 199 -3.66 -22.40 -39.82
N VAL C 200 -3.60 -23.64 -39.40
CA VAL C 200 -2.66 -24.08 -38.37
C VAL C 200 -1.31 -24.27 -39.04
N LEU C 201 -0.29 -23.57 -38.53
CA LEU C 201 1.01 -23.49 -39.21
C LEU C 201 2.03 -24.49 -38.70
N THR C 202 1.66 -25.26 -37.68
CA THR C 202 2.55 -26.28 -37.12
C THR C 202 3.21 -27.16 -38.20
N PRO C 203 2.42 -27.68 -39.17
CA PRO C 203 3.08 -28.50 -40.20
C PRO C 203 4.06 -27.71 -41.07
N LEU C 204 3.79 -26.43 -41.32
CA LEU C 204 4.73 -25.59 -42.07
C LEU C 204 5.99 -25.33 -41.25
N ILE C 205 5.81 -25.01 -39.97
CA ILE C 205 6.92 -24.74 -39.04
C ILE C 205 7.80 -25.98 -38.83
N GLN C 206 7.16 -27.14 -38.92
CA GLN C 206 7.84 -28.45 -38.92
C GLN C 206 8.95 -28.56 -39.97
N THR C 207 8.73 -27.98 -41.16
CA THR C 207 9.75 -27.95 -42.22
C THR C 207 11.02 -27.17 -41.80
N LEU C 208 10.87 -26.24 -40.85
CA LEU C 208 11.94 -25.33 -40.45
C LEU C 208 12.65 -25.76 -39.18
N ARG C 209 11.92 -26.55 -38.39
CA ARG C 209 12.23 -26.77 -36.98
C ARG C 209 13.69 -27.13 -36.70
N ASP C 210 14.24 -28.00 -37.53
CA ASP C 210 15.58 -28.50 -37.31
C ASP C 210 16.69 -27.80 -38.13
N ILE C 211 16.32 -26.86 -38.99
CA ILE C 211 17.30 -26.10 -39.80
C ILE C 211 18.10 -25.13 -38.92
N PRO C 212 19.43 -25.32 -38.83
N PRO C 212 19.41 -25.39 -38.75
CA PRO C 212 20.29 -24.55 -37.92
CA PRO C 212 20.26 -24.49 -37.99
C PRO C 212 20.19 -23.02 -38.08
C PRO C 212 20.45 -23.22 -38.78
N GLY C 213 20.13 -22.54 -39.31
N GLY C 213 20.35 -22.07 -38.13
CA GLY C 213 20.20 -21.12 -39.59
CA GLY C 213 20.38 -20.83 -38.87
C GLY C 213 18.94 -20.29 -39.37
C GLY C 213 19.02 -20.14 -38.93
N VAL C 214 17.93 -20.89 -38.74
CA VAL C 214 16.64 -20.23 -38.48
C VAL C 214 16.77 -19.60 -37.09
N LYS C 215 16.59 -18.29 -37.00
CA LYS C 215 16.87 -17.56 -35.75
C LYS C 215 15.65 -17.03 -34.99
N ALA C 216 14.61 -16.64 -35.70
CA ALA C 216 13.39 -16.13 -35.06
C ALA C 216 12.18 -16.32 -35.96
N LEU C 217 11.05 -16.58 -35.33
CA LEU C 217 9.80 -16.80 -36.04
CA LEU C 217 9.78 -16.80 -36.04
C LEU C 217 8.66 -16.08 -35.33
N ARG C 218 7.83 -15.37 -36.09
CA ARG C 218 6.62 -14.79 -35.53
C ARG C 218 5.49 -14.87 -36.52
N ASP C 219 4.26 -15.04 -36.04
CA ASP C 219 3.13 -14.85 -36.92
C ASP C 219 2.82 -13.35 -36.98
N ALA C 220 2.12 -12.95 -38.04
CA ALA C 220 1.97 -11.52 -38.29
C ALA C 220 0.49 -11.18 -38.26
N THR C 221 -0.07 -11.25 -37.05
N THR C 221 -0.13 -11.27 -37.07
CA THR C 221 -1.49 -11.07 -36.82
CA THR C 221 -1.57 -11.04 -36.96
C THR C 221 -1.83 -9.57 -36.73
C THR C 221 -1.95 -9.55 -36.79
N ARG C 222 -2.30 -9.12 -35.57
CA ARG C 222 -2.65 -7.69 -35.35
C ARG C 222 -1.42 -6.81 -35.61
N GLY C 223 -1.59 -5.78 -36.42
CA GLY C 223 -0.47 -4.91 -36.75
C GLY C 223 0.40 -5.43 -37.88
N GLY C 224 0.16 -6.68 -38.28
CA GLY C 224 0.78 -7.26 -39.49
C GLY C 224 2.28 -7.38 -39.44
N VAL C 225 2.92 -7.41 -40.61
CA VAL C 225 4.37 -7.54 -40.72
C VAL C 225 5.09 -6.31 -40.13
N ASN C 226 4.51 -5.13 -40.33
CA ASN C 226 5.07 -3.89 -39.80
C ASN C 226 5.31 -3.96 -38.28
N ALA C 227 4.33 -4.48 -37.53
CA ALA C 227 4.49 -4.69 -36.08
C ALA C 227 5.60 -5.69 -35.77
N VAL C 228 5.65 -6.79 -36.53
CA VAL C 228 6.68 -7.80 -36.30
C VAL C 228 8.08 -7.21 -36.48
N VAL C 229 8.30 -6.48 -37.57
CA VAL C 229 9.64 -5.94 -37.84
C VAL C 229 10.05 -4.88 -36.82
N HIS C 230 9.10 -4.10 -36.33
CA HIS C 230 9.40 -3.17 -35.22
C HIS C 230 9.79 -3.90 -33.94
N GLU C 231 9.10 -5.00 -33.65
CA GLU C 231 9.39 -5.82 -32.47
C GLU C 231 10.75 -6.52 -32.59
N PHE C 232 11.05 -7.03 -33.79
CA PHE C 232 12.37 -7.60 -34.09
C PHE C 232 13.49 -6.58 -33.84
N ALA C 233 13.34 -5.40 -34.44
CA ALA C 233 14.33 -4.31 -34.33
C ALA C 233 14.59 -3.90 -32.89
N ALA C 234 13.51 -3.74 -32.12
CA ALA C 234 13.61 -3.35 -30.71
C ALA C 234 14.26 -4.43 -29.85
N ALA C 235 14.01 -5.70 -30.18
CA ALA C 235 14.57 -6.81 -29.41
C ALA C 235 16.06 -7.00 -29.63
N CYS C 236 16.51 -6.86 -30.88
CA CYS C 236 17.90 -7.17 -31.20
C CYS C 236 18.82 -5.94 -31.22
N GLY C 237 18.22 -4.75 -31.19
CA GLY C 237 18.98 -3.49 -31.21
C GLY C 237 19.69 -3.25 -32.53
N CYS C 238 19.23 -3.92 -33.58
CA CYS C 238 19.71 -3.68 -34.92
C CYS C 238 18.56 -3.12 -35.75
N GLY C 239 18.89 -2.58 -36.91
CA GLY C 239 17.88 -2.05 -37.81
C GLY C 239 17.34 -3.12 -38.73
N ILE C 240 16.23 -2.83 -39.38
CA ILE C 240 15.66 -3.73 -40.38
C ILE C 240 15.27 -2.92 -41.60
N GLU C 241 15.70 -3.40 -42.76
CA GLU C 241 15.37 -2.76 -44.02
C GLU C 241 14.58 -3.71 -44.91
N ILE C 242 13.40 -3.24 -45.32
CA ILE C 242 12.46 -4.01 -46.13
CA ILE C 242 12.44 -4.01 -46.13
C ILE C 242 12.37 -3.44 -47.54
N SER C 243 12.33 -4.32 -48.53
CA SER C 243 12.17 -3.90 -49.93
C SER C 243 10.70 -3.88 -50.33
N GLU C 244 10.18 -2.71 -50.65
CA GLU C 244 8.76 -2.59 -51.03
C GLU C 244 8.42 -3.46 -52.25
N SER C 245 9.31 -3.47 -53.24
CA SER C 245 9.07 -4.21 -54.47
C SER C 245 9.12 -5.73 -54.26
N ALA C 246 9.79 -6.17 -53.20
CA ALA C 246 9.89 -7.59 -52.87
C ALA C 246 8.65 -8.17 -52.14
N LEU C 247 7.79 -7.31 -51.62
CA LEU C 247 6.63 -7.78 -50.84
C LEU C 247 5.65 -8.56 -51.71
N PRO C 248 5.38 -9.83 -51.34
CA PRO C 248 4.39 -10.60 -52.11
C PRO C 248 2.97 -10.18 -51.75
N VAL C 249 2.28 -9.60 -52.72
CA VAL C 249 0.93 -9.08 -52.49
C VAL C 249 0.06 -9.50 -53.66
N LYS C 250 -1.01 -10.24 -53.36
CA LYS C 250 -1.94 -10.72 -54.39
C LYS C 250 -2.70 -9.54 -55.03
N PRO C 251 -3.09 -9.67 -56.32
CA PRO C 251 -3.81 -8.61 -57.05
C PRO C 251 -5.02 -8.05 -56.31
N ALA C 252 -5.82 -8.88 -55.66
CA ALA C 252 -7.03 -8.37 -55.00
C ALA C 252 -6.66 -7.58 -53.74
N VAL C 253 -5.58 -7.96 -53.08
CA VAL C 253 -5.09 -7.19 -51.92
C VAL C 253 -4.51 -5.84 -52.39
N ARG C 254 -3.77 -5.85 -53.49
CA ARG C 254 -3.33 -4.61 -54.14
C ARG C 254 -4.53 -3.72 -54.45
N GLY C 255 -5.64 -4.35 -54.85
CA GLY C 255 -6.89 -3.64 -55.15
C GLY C 255 -7.45 -2.91 -53.96
N VAL C 256 -7.39 -3.56 -52.79
CA VAL C 256 -7.86 -2.98 -51.53
C VAL C 256 -6.95 -1.81 -51.10
N CYS C 257 -5.63 -2.02 -51.16
CA CYS C 257 -4.67 -0.95 -50.92
C CYS C 257 -4.91 0.27 -51.80
N GLU C 258 -5.19 0.04 -53.08
CA GLU C 258 -5.43 1.12 -54.05
CA GLU C 258 -5.43 1.12 -54.04
C GLU C 258 -6.67 1.93 -53.68
N LEU C 259 -7.73 1.25 -53.26
CA LEU C 259 -8.98 1.90 -52.89
CA LEU C 259 -8.98 1.91 -52.90
C LEU C 259 -8.90 2.65 -51.57
N LEU C 260 -8.21 2.06 -50.59
CA LEU C 260 -8.18 2.60 -49.24
C LEU C 260 -6.94 3.40 -48.90
N GLY C 261 -5.87 3.19 -49.67
CA GLY C 261 -4.57 3.80 -49.36
C GLY C 261 -3.87 3.17 -48.17
N LEU C 262 -4.42 2.08 -47.65
CA LEU C 262 -3.85 1.40 -46.50
C LEU C 262 -2.78 0.39 -46.92
N ASP C 263 -1.95 -0.02 -45.96
CA ASP C 263 -0.73 -0.79 -46.21
C ASP C 263 -0.93 -2.28 -45.94
N ALA C 264 -0.63 -3.13 -46.93
CA ALA C 264 -0.59 -4.58 -46.72
C ALA C 264 0.37 -4.98 -45.58
N LEU C 265 1.35 -4.13 -45.29
CA LEU C 265 2.28 -4.39 -44.17
C LEU C 265 1.59 -4.28 -42.82
N ASN C 266 0.46 -3.58 -42.79
CA ASN C 266 -0.33 -3.40 -41.57
C ASN C 266 -1.51 -4.37 -41.47
N PHE C 267 -1.98 -4.91 -42.60
CA PHE C 267 -3.13 -5.83 -42.60
C PHE C 267 -2.81 -7.09 -41.81
N ALA C 268 -3.82 -7.57 -41.07
CA ALA C 268 -3.70 -8.82 -40.33
C ALA C 268 -3.52 -10.02 -41.26
N ASN C 269 -2.68 -10.96 -40.81
CA ASN C 269 -2.53 -12.25 -41.46
C ASN C 269 -2.93 -13.33 -40.48
N GLU C 270 -3.57 -14.40 -40.95
CA GLU C 270 -3.95 -15.48 -40.04
C GLU C 270 -3.33 -16.83 -40.40
N GLY C 271 -2.40 -16.81 -41.34
CA GLY C 271 -1.65 -18.02 -41.69
C GLY C 271 -0.31 -17.70 -42.32
N LYS C 272 0.39 -16.71 -41.77
CA LYS C 272 1.69 -16.28 -42.32
C LYS C 272 2.75 -16.17 -41.24
N LEU C 273 3.98 -16.48 -41.61
CA LEU C 273 5.16 -16.36 -40.74
C LEU C 273 6.08 -15.28 -41.24
N VAL C 274 6.66 -14.55 -40.31
CA VAL C 274 7.85 -13.74 -40.59
C VAL C 274 9.00 -14.51 -39.96
N ILE C 275 10.05 -14.74 -40.75
CA ILE C 275 11.15 -15.59 -40.36
C ILE C 275 12.48 -14.84 -40.54
N ALA C 276 13.31 -14.86 -39.51
CA ALA C 276 14.66 -14.32 -39.62
C ALA C 276 15.64 -15.49 -39.64
N VAL C 277 16.54 -15.46 -40.62
CA VAL C 277 17.48 -16.56 -40.85
C VAL C 277 18.89 -16.05 -41.13
N GLU C 278 19.90 -16.88 -40.83
CA GLU C 278 21.26 -16.61 -41.27
C GLU C 278 21.28 -16.54 -42.79
N ARG C 279 22.09 -15.62 -43.32
CA ARG C 279 22.15 -15.40 -44.77
C ARG C 279 22.35 -16.69 -45.56
N ASN C 280 23.26 -17.54 -45.09
CA ASN C 280 23.58 -18.80 -45.79
C ASN C 280 22.48 -19.87 -45.71
N ALA C 281 21.44 -19.63 -44.91
CA ALA C 281 20.35 -20.58 -44.76
C ALA C 281 19.11 -20.18 -45.58
N ALA C 282 19.16 -19.00 -46.19
CA ALA C 282 18.01 -18.44 -46.89
C ALA C 282 17.44 -19.33 -48.00
N GLU C 283 18.30 -19.86 -48.87
CA GLU C 283 17.82 -20.73 -49.95
C GLU C 283 17.23 -22.05 -49.45
N GLN C 284 17.82 -22.65 -48.42
CA GLN C 284 17.27 -23.91 -47.89
C GLN C 284 15.90 -23.64 -47.27
N VAL C 285 15.80 -22.56 -46.51
CA VAL C 285 14.55 -22.23 -45.82
C VAL C 285 13.43 -21.96 -46.83
N LEU C 286 13.73 -21.18 -47.88
CA LEU C 286 12.76 -20.93 -48.95
C LEU C 286 12.28 -22.22 -49.60
N ALA C 287 13.22 -23.11 -49.91
CA ALA C 287 12.89 -24.38 -50.55
C ALA C 287 12.00 -25.21 -49.63
N ALA C 288 12.33 -25.21 -48.33
CA ALA C 288 11.56 -25.96 -47.33
C ALA C 288 10.12 -25.47 -47.31
N LEU C 289 9.95 -24.15 -47.25
CA LEU C 289 8.62 -23.54 -47.26
C LEU C 289 7.87 -23.81 -48.55
N HIS C 290 8.55 -23.66 -49.69
CA HIS C 290 7.96 -23.94 -51.00
C HIS C 290 7.51 -25.39 -51.19
N SER C 291 8.09 -26.31 -50.43
CA SER C 291 7.72 -27.73 -50.52
C SER C 291 6.36 -28.05 -49.87
N HIS C 292 5.79 -27.07 -49.15
CA HIS C 292 4.52 -27.23 -48.42
C HIS C 292 3.42 -26.33 -49.01
N PRO C 293 2.18 -26.82 -49.11
CA PRO C 293 1.08 -26.00 -49.65
C PRO C 293 0.90 -24.64 -48.94
N LEU C 294 1.29 -24.56 -47.66
CA LEU C 294 1.11 -23.32 -46.90
C LEU C 294 2.25 -22.32 -47.12
N GLY C 295 3.35 -22.79 -47.72
CA GLY C 295 4.52 -21.93 -47.94
C GLY C 295 4.86 -21.66 -49.40
N LYS C 296 3.94 -22.01 -50.31
CA LYS C 296 4.19 -21.89 -51.75
C LYS C 296 4.67 -20.50 -52.21
N ASP C 297 4.17 -19.44 -51.58
CA ASP C 297 4.51 -18.07 -51.97
C ASP C 297 5.57 -17.40 -51.10
N ALA C 298 6.34 -18.18 -50.35
CA ALA C 298 7.37 -17.63 -49.47
C ALA C 298 8.36 -16.78 -50.26
N ALA C 299 8.85 -15.71 -49.65
CA ALA C 299 9.73 -14.75 -50.33
C ALA C 299 10.65 -14.00 -49.37
N LEU C 300 11.85 -13.70 -49.85
CA LEU C 300 12.78 -12.80 -49.16
C LEU C 300 12.26 -11.38 -49.27
N ILE C 301 12.24 -10.66 -48.15
CA ILE C 301 11.71 -9.29 -48.19
C ILE C 301 12.63 -8.25 -47.55
N GLY C 302 13.72 -8.70 -46.92
CA GLY C 302 14.60 -7.75 -46.27
C GLY C 302 15.78 -8.32 -45.52
N GLU C 303 16.40 -7.45 -44.73
CA GLU C 303 17.67 -7.73 -44.09
C GLU C 303 17.78 -7.01 -42.76
N VAL C 304 18.54 -7.59 -41.84
CA VAL C 304 18.91 -6.96 -40.58
C VAL C 304 20.22 -6.19 -40.82
N VAL C 305 20.27 -4.95 -40.35
CA VAL C 305 21.41 -4.06 -40.60
C VAL C 305 21.90 -3.41 -39.29
N GLU C 306 23.15 -2.92 -39.31
CA GLU C 306 23.72 -2.26 -38.13
C GLU C 306 22.95 -1.01 -37.73
N ARG C 307 22.61 -0.18 -38.72
CA ARG C 307 21.90 1.08 -38.46
C ARG C 307 20.49 0.89 -37.91
N LYS C 308 20.25 1.39 -36.70
CA LYS C 308 18.98 1.20 -36.00
C LYS C 308 17.79 1.79 -36.74
N GLY C 309 16.60 1.29 -36.42
CA GLY C 309 15.38 1.77 -37.05
C GLY C 309 14.84 0.81 -38.08
N VAL C 310 13.60 1.04 -38.48
CA VAL C 310 12.94 0.24 -39.51
C VAL C 310 12.71 1.13 -40.73
N ARG C 311 13.20 0.69 -41.88
CA ARG C 311 13.07 1.43 -43.13
C ARG C 311 12.50 0.60 -44.28
N LEU C 312 11.76 1.27 -45.15
CA LEU C 312 11.20 0.64 -46.34
C LEU C 312 11.87 1.25 -47.57
N ALA C 313 12.41 0.40 -48.44
CA ALA C 313 13.07 0.86 -49.66
C ALA C 313 12.04 0.96 -50.77
N GLY C 314 11.83 2.18 -51.26
CA GLY C 314 10.89 2.44 -52.35
C GLY C 314 11.66 2.58 -53.65
N LEU C 315 11.20 3.48 -54.51
CA LEU C 315 11.82 3.72 -55.81
C LEU C 315 13.27 4.19 -55.69
N TYR C 316 14.09 3.73 -56.63
CA TYR C 316 15.50 4.15 -56.76
C TYR C 316 16.33 3.81 -55.52
N GLY C 317 15.94 2.74 -54.82
CA GLY C 317 16.67 2.29 -53.63
C GLY C 317 16.60 3.23 -52.45
N VAL C 318 15.64 4.16 -52.45
CA VAL C 318 15.50 5.14 -51.37
C VAL C 318 14.88 4.51 -50.13
N LYS C 319 15.63 4.54 -49.03
CA LYS C 319 15.18 3.91 -47.77
C LYS C 319 14.61 4.95 -46.82
N ARG C 320 13.31 4.82 -46.53
CA ARG C 320 12.59 5.77 -45.68
C ARG C 320 12.10 5.08 -44.43
N THR C 321 12.18 5.77 -43.30
CA THR C 321 11.64 5.27 -42.04
C THR C 321 10.20 4.78 -42.24
N LEU C 322 9.94 3.57 -41.75
CA LEU C 322 8.62 2.97 -41.81
C LEU C 322 7.94 3.09 -40.45
N ASP C 323 6.96 3.99 -40.37
CA ASP C 323 6.25 4.23 -39.12
C ASP C 323 5.15 3.21 -38.90
N LEU C 324 4.90 2.89 -37.63
CA LEU C 324 3.70 2.14 -37.24
C LEU C 324 2.49 3.05 -37.39
N PRO C 325 1.33 2.49 -37.78
CA PRO C 325 0.18 3.37 -38.01
C PRO C 325 -0.36 3.96 -36.71
N HIS C 326 -0.77 5.22 -36.76
CA HIS C 326 -1.32 5.90 -35.60
C HIS C 326 -2.81 5.58 -35.48
N ALA C 327 -3.44 5.34 -36.62
CA ALA C 327 -4.86 5.04 -36.67
C ALA C 327 -5.17 3.65 -36.11
N GLU C 328 -6.33 3.53 -35.45
CA GLU C 328 -6.87 2.24 -35.09
C GLU C 328 -7.50 1.63 -36.35
N PRO C 329 -7.10 0.39 -36.70
CA PRO C 329 -7.64 -0.30 -37.88
C PRO C 329 -9.15 -0.56 -37.71
N LEU C 330 -9.81 -0.98 -38.80
CA LEU C 330 -11.22 -1.38 -38.70
C LEU C 330 -11.35 -2.41 -37.57
N PRO C 331 -12.33 -2.21 -36.68
CA PRO C 331 -12.51 -3.16 -35.60
C PRO C 331 -12.91 -4.53 -36.11
N ARG C 332 -12.53 -5.55 -35.36
CA ARG C 332 -13.07 -6.90 -35.50
C ARG C 332 -12.66 -7.62 -36.79
N ILE C 333 -11.39 -7.49 -37.12
CA ILE C 333 -10.79 -8.21 -38.24
C ILE C 333 -10.33 -9.59 -37.79
N CYS C 334 -10.10 -9.73 -36.48
CA CYS C 334 -9.64 -10.99 -35.88
C CYS C 334 -10.41 -11.34 -34.59
N SER D 12 -1.37 6.29 -30.30
CA SER D 12 -2.35 5.19 -30.62
C SER D 12 -3.01 4.63 -29.36
N MET D 13 -4.33 4.49 -29.40
CA MET D 13 -5.10 3.98 -28.27
C MET D 13 -4.75 2.53 -27.95
N GLN D 14 -4.57 1.71 -28.97
CA GLN D 14 -4.20 0.31 -28.81
C GLN D 14 -2.86 0.18 -28.10
N GLN D 15 -1.93 1.08 -28.41
CA GLN D 15 -0.61 1.10 -27.76
C GLN D 15 -0.67 1.67 -26.33
N LEU D 16 -1.63 2.56 -26.07
CA LEU D 16 -1.87 3.06 -24.71
C LEU D 16 -2.31 1.92 -23.80
N ILE D 17 -3.27 1.15 -24.29
CA ILE D 17 -3.80 -0.02 -23.57
C ILE D 17 -2.71 -1.08 -23.39
N ASN D 18 -1.97 -1.36 -24.46
CA ASN D 18 -0.85 -2.29 -24.40
CA ASN D 18 -0.82 -2.27 -24.41
C ASN D 18 0.22 -1.81 -23.41
N SER D 19 0.46 -0.50 -23.37
CA SER D 19 1.42 0.08 -22.43
C SER D 19 0.97 -0.14 -20.99
N LEU D 20 -0.33 0.07 -20.75
CA LEU D 20 -0.94 -0.13 -19.44
C LEU D 20 -0.79 -1.57 -18.95
N PHE D 21 -1.10 -2.51 -19.83
CA PHE D 21 -0.95 -3.94 -19.57
C PHE D 21 0.48 -4.28 -19.18
N MET D 22 1.43 -3.85 -20.01
CA MET D 22 2.85 -4.19 -19.84
C MET D 22 3.45 -3.59 -18.56
N GLU D 23 3.07 -2.35 -18.24
CA GLU D 23 3.59 -1.68 -17.06
CA GLU D 23 3.60 -1.69 -17.05
C GLU D 23 3.01 -2.27 -15.77
N ALA D 24 1.68 -2.44 -15.75
CA ALA D 24 1.01 -2.96 -14.55
C ALA D 24 1.42 -4.40 -14.22
N PHE D 25 1.49 -5.24 -15.24
CA PHE D 25 1.73 -6.67 -15.03
C PHE D 25 3.20 -7.06 -15.07
N ALA D 26 4.08 -6.08 -15.31
CA ALA D 26 5.51 -6.30 -15.57
C ALA D 26 6.14 -7.40 -14.71
N ASN D 27 6.72 -8.38 -15.39
CA ASN D 27 7.46 -9.48 -14.76
C ASN D 27 8.44 -10.07 -15.78
N PRO D 28 9.33 -10.99 -15.34
CA PRO D 28 10.35 -11.55 -16.25
C PRO D 28 9.80 -12.31 -17.46
N TRP D 29 8.65 -12.96 -17.32
CA TRP D 29 8.05 -13.72 -18.43
C TRP D 29 7.39 -12.83 -19.47
N LEU D 30 6.89 -11.69 -19.02
CA LEU D 30 6.24 -10.73 -19.89
C LEU D 30 7.25 -9.78 -20.56
N ALA D 31 8.35 -9.49 -19.87
CA ALA D 31 9.40 -8.57 -20.35
C ALA D 31 9.71 -8.65 -21.85
N GLU D 32 10.40 -9.70 -22.26
CA GLU D 32 10.69 -9.93 -23.68
C GLU D 32 9.63 -10.88 -24.26
N GLN D 33 8.40 -10.37 -24.35
CA GLN D 33 7.31 -11.14 -24.94
C GLN D 33 7.53 -11.31 -26.44
N GLU D 34 7.48 -12.57 -26.84
CA GLU D 34 7.36 -12.99 -28.24
C GLU D 34 5.85 -13.10 -28.48
N ASP D 35 5.42 -14.14 -29.21
CA ASP D 35 3.99 -14.46 -29.34
C ASP D 35 3.46 -15.34 -28.19
N GLN D 36 4.35 -15.72 -27.27
CA GLN D 36 4.02 -16.65 -26.19
C GLN D 36 4.95 -16.43 -24.99
N ALA D 37 4.47 -16.76 -23.80
CA ALA D 37 5.32 -16.87 -22.61
C ALA D 37 6.09 -18.18 -22.67
N ARG D 38 7.20 -18.25 -21.94
CA ARG D 38 8.01 -19.46 -21.91
C ARG D 38 8.36 -19.79 -20.46
N LEU D 39 7.78 -20.88 -19.97
CA LEU D 39 7.83 -21.22 -18.55
C LEU D 39 8.71 -22.44 -18.28
N ASP D 40 9.46 -22.39 -17.19
CA ASP D 40 10.38 -23.45 -16.79
C ASP D 40 9.63 -24.73 -16.38
N LEU D 41 9.78 -25.80 -17.17
CA LEU D 41 9.07 -27.04 -16.88
C LEU D 41 9.67 -27.85 -15.73
N ALA D 42 10.99 -27.81 -15.58
CA ALA D 42 11.66 -28.52 -14.48
C ALA D 42 11.16 -28.03 -13.11
N GLN D 43 10.98 -26.72 -12.97
CA GLN D 43 10.43 -26.13 -11.75
C GLN D 43 9.06 -26.70 -11.41
N LEU D 44 8.19 -26.77 -12.43
CA LEU D 44 6.84 -27.29 -12.26
C LEU D 44 6.83 -28.76 -11.87
N VAL D 45 7.62 -29.57 -12.58
CA VAL D 45 7.64 -31.00 -12.31
CA VAL D 45 7.73 -31.02 -12.34
C VAL D 45 8.26 -31.33 -10.93
N ALA D 46 9.10 -30.44 -10.42
CA ALA D 46 9.67 -30.57 -9.07
C ALA D 46 8.58 -30.39 -8.01
N GLU D 47 7.55 -29.60 -8.35
CA GLU D 47 6.43 -29.35 -7.44
C GLU D 47 5.39 -30.46 -7.45
N GLY D 48 5.16 -31.06 -8.61
CA GLY D 48 4.16 -32.10 -8.73
C GLY D 48 4.14 -32.76 -10.09
N ASP D 49 3.29 -33.75 -10.25
CA ASP D 49 3.33 -34.59 -11.45
C ASP D 49 2.23 -34.26 -12.46
N ARG D 50 1.27 -33.44 -12.06
CA ARG D 50 0.16 -33.04 -12.94
C ARG D 50 0.08 -31.52 -13.01
N LEU D 51 -0.18 -30.98 -14.21
CA LEU D 51 -0.42 -29.55 -14.36
C LEU D 51 -1.92 -29.28 -14.34
N ALA D 52 -2.39 -28.60 -13.28
CA ALA D 52 -3.76 -28.10 -13.23
C ALA D 52 -3.86 -26.93 -14.19
N PHE D 53 -4.90 -26.93 -15.01
CA PHE D 53 -5.06 -25.90 -16.04
C PHE D 53 -6.54 -25.57 -16.11
N SER D 54 -6.88 -24.29 -15.92
CA SER D 54 -8.27 -23.87 -15.94
CA SER D 54 -8.28 -23.85 -15.92
CA SER D 54 -8.27 -23.84 -15.89
C SER D 54 -8.46 -22.55 -16.67
N THR D 55 -9.69 -22.29 -17.11
CA THR D 55 -10.03 -21.00 -17.70
C THR D 55 -11.42 -20.59 -17.28
N ASP D 56 -11.66 -19.29 -17.18
N ASP D 56 -11.63 -19.29 -17.16
CA ASP D 56 -12.99 -18.76 -16.92
CA ASP D 56 -12.95 -18.71 -16.89
C ASP D 56 -13.09 -17.38 -17.54
C ASP D 56 -13.06 -17.38 -17.62
N SER D 57 -14.28 -17.03 -18.02
CA SER D 57 -14.56 -15.69 -18.50
C SER D 57 -15.38 -14.95 -17.46
N TYR D 58 -15.22 -13.64 -17.42
CA TYR D 58 -15.87 -12.80 -16.43
C TYR D 58 -16.62 -11.70 -17.16
N VAL D 59 -17.92 -11.64 -16.89
CA VAL D 59 -18.84 -10.71 -17.56
C VAL D 59 -19.74 -10.02 -16.53
N ILE D 60 -19.25 -9.94 -15.29
CA ILE D 60 -20.06 -9.38 -14.20
C ILE D 60 -20.56 -7.94 -14.48
N ASP D 61 -21.79 -7.70 -14.04
CA ASP D 61 -22.41 -6.38 -14.09
C ASP D 61 -22.99 -6.14 -12.69
N PRO D 62 -22.57 -5.07 -11.99
CA PRO D 62 -21.65 -4.00 -12.35
C PRO D 62 -20.17 -4.41 -12.28
N LEU D 63 -19.31 -3.58 -12.86
CA LEU D 63 -17.85 -3.85 -12.87
C LEU D 63 -17.20 -3.71 -11.49
N PHE D 64 -17.76 -2.84 -10.65
CA PHE D 64 -17.27 -2.60 -9.27
C PHE D 64 -18.40 -2.81 -8.28
N PHE D 65 -18.07 -3.33 -7.11
CA PHE D 65 -19.07 -3.73 -6.10
C PHE D 65 -18.35 -3.82 -4.76
N PRO D 66 -19.11 -3.74 -3.64
CA PRO D 66 -18.41 -3.87 -2.36
C PRO D 66 -17.64 -5.18 -2.24
N GLY D 67 -16.35 -5.07 -1.97
CA GLY D 67 -15.49 -6.25 -1.81
C GLY D 67 -14.67 -6.61 -3.03
N GLY D 68 -14.89 -5.92 -4.16
CA GLY D 68 -14.09 -6.21 -5.35
C GLY D 68 -14.52 -5.53 -6.65
N ASN D 69 -14.06 -6.10 -7.75
CA ASN D 69 -14.34 -5.60 -9.09
C ASN D 69 -14.02 -6.71 -10.07
N ILE D 70 -14.37 -6.51 -11.34
CA ILE D 70 -14.17 -7.52 -12.37
C ILE D 70 -12.71 -8.01 -12.48
N GLY D 71 -11.77 -7.11 -12.27
CA GLY D 71 -10.34 -7.44 -12.34
C GLY D 71 -9.87 -8.34 -11.20
N LYS D 72 -10.18 -7.93 -9.97
CA LYS D 72 -9.90 -8.76 -8.79
C LYS D 72 -10.51 -10.15 -8.99
N LEU D 73 -11.77 -10.16 -9.41
CA LEU D 73 -12.52 -11.38 -9.68
C LEU D 73 -11.88 -12.30 -10.72
N ALA D 74 -11.39 -11.71 -11.81
CA ALA D 74 -10.73 -12.47 -12.88
C ALA D 74 -9.48 -13.21 -12.38
N ILE D 75 -8.79 -12.60 -11.41
CA ILE D 75 -7.65 -13.27 -10.75
C ILE D 75 -8.13 -14.35 -9.78
N CYS D 76 -9.02 -13.98 -8.85
CA CYS D 76 -9.48 -14.91 -7.80
C CYS D 76 -10.12 -16.17 -8.35
N GLY D 77 -11.07 -16.01 -9.28
CA GLY D 77 -11.83 -17.15 -9.75
C GLY D 77 -10.95 -18.20 -10.42
N THR D 78 -10.00 -17.74 -11.23
CA THR D 78 -9.15 -18.65 -11.97
C THR D 78 -8.03 -19.23 -11.09
N ALA D 79 -7.45 -18.41 -10.21
CA ALA D 79 -6.53 -18.91 -9.19
C ALA D 79 -7.22 -20.01 -8.38
N ASN D 80 -8.48 -19.78 -7.99
CA ASN D 80 -9.22 -20.76 -7.18
C ASN D 80 -9.50 -22.07 -7.89
N ASP D 81 -9.88 -21.99 -9.18
CA ASP D 81 -10.10 -23.19 -9.99
C ASP D 81 -8.83 -24.05 -10.07
N VAL D 82 -7.66 -23.40 -10.14
CA VAL D 82 -6.37 -24.10 -10.06
C VAL D 82 -6.12 -24.64 -8.65
N ALA D 83 -6.23 -23.76 -7.65
CA ALA D 83 -5.89 -24.08 -6.26
C ALA D 83 -6.67 -25.23 -5.65
N VAL D 84 -7.94 -25.40 -6.02
CA VAL D 84 -8.76 -26.49 -5.44
C VAL D 84 -8.28 -27.90 -5.85
N SER D 85 -7.35 -27.98 -6.81
CA SER D 85 -6.72 -29.26 -7.15
C SER D 85 -5.64 -29.63 -6.13
N GLY D 86 -5.19 -28.66 -5.34
CA GLY D 86 -4.04 -28.84 -4.45
C GLY D 86 -2.80 -28.12 -4.98
N ALA D 87 -2.85 -27.70 -6.24
CA ALA D 87 -1.76 -26.94 -6.86
C ALA D 87 -1.64 -25.52 -6.32
N ILE D 88 -0.41 -25.02 -6.24
CA ILE D 88 -0.21 -23.58 -6.02
C ILE D 88 -0.25 -22.90 -7.40
N PRO D 89 -1.21 -21.97 -7.61
CA PRO D 89 -1.23 -21.26 -8.88
C PRO D 89 0.03 -20.42 -9.09
N ARG D 90 0.61 -20.50 -10.29
CA ARG D 90 1.86 -19.79 -10.54
C ARG D 90 1.76 -18.80 -11.68
N TYR D 91 1.02 -19.18 -12.73
CA TYR D 91 1.02 -18.42 -13.98
C TYR D 91 -0.39 -18.26 -14.49
N LEU D 92 -0.71 -17.04 -14.91
CA LEU D 92 -2.01 -16.69 -15.50
CA LEU D 92 -2.01 -16.75 -15.53
C LEU D 92 -1.85 -16.00 -16.85
N SER D 93 -2.83 -16.18 -17.74
CA SER D 93 -2.94 -15.42 -18.98
C SER D 93 -4.18 -14.55 -18.85
N CYS D 94 -4.24 -13.43 -19.57
CA CYS D 94 -5.37 -12.51 -19.48
CA CYS D 94 -5.39 -12.51 -19.48
CA CYS D 94 -5.45 -12.62 -19.53
C CYS D 94 -5.80 -11.97 -20.86
N GLY D 95 -7.04 -12.18 -21.23
CA GLY D 95 -7.57 -11.67 -22.50
C GLY D 95 -8.68 -10.68 -22.20
N PHE D 96 -8.49 -9.43 -22.60
CA PHE D 96 -9.51 -8.40 -22.41
C PHE D 96 -10.33 -8.22 -23.67
N ILE D 97 -11.64 -8.04 -23.51
CA ILE D 97 -12.51 -7.54 -24.59
C ILE D 97 -13.14 -6.24 -24.11
N LEU D 98 -12.80 -5.15 -24.79
CA LEU D 98 -13.13 -3.79 -24.36
C LEU D 98 -14.10 -3.13 -25.33
N GLU D 99 -15.08 -2.40 -24.79
CA GLU D 99 -15.97 -1.60 -25.62
C GLU D 99 -15.27 -0.27 -25.91
N GLU D 100 -15.26 0.13 -27.19
CA GLU D 100 -14.67 1.43 -27.55
C GLU D 100 -15.35 2.52 -26.72
N GLY D 101 -14.55 3.44 -26.18
CA GLY D 101 -15.08 4.52 -25.35
C GLY D 101 -15.16 4.20 -23.86
N LEU D 102 -14.81 2.98 -23.48
CA LEU D 102 -14.67 2.65 -22.04
C LEU D 102 -13.70 3.65 -21.42
N PRO D 103 -14.13 4.37 -20.36
CA PRO D 103 -13.26 5.36 -19.72
C PRO D 103 -11.94 4.74 -19.28
N MET D 104 -10.83 5.41 -19.60
N MET D 104 -10.85 5.42 -19.61
CA MET D 104 -9.51 4.89 -19.27
CA MET D 104 -9.50 4.98 -19.28
C MET D 104 -9.28 4.80 -17.76
C MET D 104 -9.30 4.80 -17.78
N GLU D 105 -9.97 5.64 -16.99
CA GLU D 105 -9.88 5.57 -15.53
C GLU D 105 -10.54 4.30 -14.97
N THR D 106 -11.58 3.81 -15.67
CA THR D 106 -12.20 2.53 -15.34
C THR D 106 -11.25 1.39 -15.66
N LEU D 107 -10.68 1.39 -16.88
CA LEU D 107 -9.72 0.38 -17.26
C LEU D 107 -8.48 0.35 -16.35
N LYS D 108 -7.94 1.52 -16.03
CA LYS D 108 -6.77 1.59 -15.13
C LYS D 108 -7.07 0.99 -13.78
N ALA D 109 -8.25 1.28 -13.24
CA ALA D 109 -8.67 0.74 -11.94
C ALA D 109 -8.75 -0.78 -11.95
N VAL D 110 -9.33 -1.34 -13.03
CA VAL D 110 -9.47 -2.79 -13.18
C VAL D 110 -8.10 -3.45 -13.29
N VAL D 111 -7.26 -2.92 -14.18
CA VAL D 111 -5.91 -3.43 -14.43
C VAL D 111 -5.04 -3.34 -13.16
N THR D 112 -5.11 -2.21 -12.47
CA THR D 112 -4.37 -2.04 -11.21
C THR D 112 -4.81 -3.10 -10.16
N SER D 113 -6.11 -3.32 -10.05
CA SER D 113 -6.62 -4.32 -9.10
C SER D 113 -6.16 -5.74 -9.46
N MET D 114 -6.19 -6.09 -10.74
CA MET D 114 -5.67 -7.39 -11.20
C MET D 114 -4.21 -7.58 -10.82
N ALA D 115 -3.40 -6.54 -11.08
CA ALA D 115 -1.96 -6.62 -10.82
C ALA D 115 -1.68 -6.77 -9.32
N GLU D 116 -2.36 -5.98 -8.50
CA GLU D 116 -2.20 -6.05 -7.03
C GLU D 116 -2.65 -7.39 -6.45
N THR D 117 -3.79 -7.90 -6.92
CA THR D 117 -4.32 -9.18 -6.47
C THR D 117 -3.36 -10.31 -6.84
N ALA D 118 -2.86 -10.27 -8.08
CA ALA D 118 -1.93 -11.30 -8.54
C ALA D 118 -0.61 -11.24 -7.76
N ARG D 119 -0.13 -10.02 -7.54
CA ARG D 119 1.13 -9.82 -6.82
C ARG D 119 1.02 -10.33 -5.38
N THR D 120 -0.07 -9.99 -4.71
CA THR D 120 -0.34 -10.48 -3.35
C THR D 120 -0.36 -12.00 -3.27
N ALA D 121 -0.92 -12.64 -4.31
CA ALA D 121 -1.03 -14.10 -4.39
C ALA D 121 0.24 -14.81 -4.90
N GLY D 122 1.23 -14.05 -5.33
CA GLY D 122 2.47 -14.62 -5.88
C GLY D 122 2.23 -15.25 -7.26
N ILE D 123 1.27 -14.68 -7.99
CA ILE D 123 0.93 -15.17 -9.33
C ILE D 123 1.45 -14.21 -10.39
N ALA D 124 2.13 -14.75 -11.39
CA ALA D 124 2.60 -13.92 -12.51
C ALA D 124 1.62 -13.95 -13.69
N ILE D 125 1.28 -12.78 -14.21
CA ILE D 125 0.51 -12.70 -15.42
C ILE D 125 1.51 -12.65 -16.58
N VAL D 126 1.58 -13.75 -17.33
CA VAL D 126 2.75 -13.97 -18.22
C VAL D 126 2.47 -13.69 -19.68
N THR D 127 1.19 -13.63 -20.04
CA THR D 127 0.81 -13.42 -21.42
C THR D 127 -0.60 -12.85 -21.47
N GLY D 128 -0.93 -12.16 -22.55
CA GLY D 128 -2.23 -11.52 -22.63
C GLY D 128 -2.63 -11.12 -24.02
N ASP D 129 -3.81 -10.51 -24.11
CA ASP D 129 -4.37 -10.02 -25.37
C ASP D 129 -5.43 -8.99 -25.06
N THR D 130 -5.61 -8.03 -25.95
CA THR D 130 -6.70 -7.07 -25.85
C THR D 130 -7.35 -6.92 -27.21
N LYS D 131 -8.67 -6.99 -27.22
CA LYS D 131 -9.47 -6.73 -28.41
C LYS D 131 -10.43 -5.60 -28.06
N VAL D 132 -10.58 -4.66 -28.98
CA VAL D 132 -11.56 -3.59 -28.80
C VAL D 132 -12.69 -3.79 -29.80
N VAL D 133 -13.92 -3.70 -29.33
CA VAL D 133 -15.08 -3.77 -30.22
C VAL D 133 -15.78 -2.40 -30.25
N GLN D 134 -16.70 -2.21 -31.19
CA GLN D 134 -17.39 -0.94 -31.35
C GLN D 134 -18.34 -0.72 -30.18
N ARG D 135 -18.68 0.54 -29.92
CA ARG D 135 -19.75 0.87 -28.99
C ARG D 135 -20.97 0.00 -29.29
N GLY D 136 -21.50 -0.62 -28.24
CA GLY D 136 -22.69 -1.45 -28.35
C GLY D 136 -22.42 -2.92 -28.61
N ALA D 137 -21.20 -3.25 -29.04
CA ALA D 137 -20.85 -4.63 -29.38
C ALA D 137 -20.40 -5.46 -28.15
N ALA D 138 -20.10 -4.77 -27.05
CA ALA D 138 -19.84 -5.42 -25.76
C ALA D 138 -20.18 -4.42 -24.68
N ASP D 139 -20.72 -4.91 -23.57
CA ASP D 139 -21.09 -4.03 -22.46
C ASP D 139 -19.86 -3.74 -21.61
N LYS D 140 -19.09 -2.74 -22.04
CA LYS D 140 -17.99 -2.15 -21.29
C LYS D 140 -16.70 -2.99 -21.33
N LEU D 141 -16.71 -4.16 -20.68
CA LEU D 141 -15.47 -4.88 -20.41
C LEU D 141 -15.74 -6.31 -20.01
N PHE D 142 -15.17 -7.25 -20.77
CA PHE D 142 -15.15 -8.67 -20.41
C PHE D 142 -13.70 -9.14 -20.27
N ILE D 143 -13.45 -10.12 -19.41
CA ILE D 143 -12.09 -10.64 -19.21
C ILE D 143 -12.12 -12.15 -19.24
N ASN D 144 -11.17 -12.76 -19.93
CA ASN D 144 -10.93 -14.18 -19.75
C ASN D 144 -9.56 -14.36 -19.12
N THR D 145 -9.48 -15.26 -18.14
CA THR D 145 -8.18 -15.65 -17.60
C THR D 145 -8.04 -17.15 -17.64
N ALA D 146 -6.82 -17.60 -17.89
CA ALA D 146 -6.50 -19.02 -17.85
C ALA D 146 -5.32 -19.15 -16.92
N GLY D 147 -5.24 -20.24 -16.17
CA GLY D 147 -4.20 -20.37 -15.15
C GLY D 147 -3.69 -21.77 -14.96
N MET D 148 -2.50 -21.88 -14.36
CA MET D 148 -1.89 -23.17 -14.14
C MET D 148 -1.04 -23.23 -12.86
N GLY D 149 -0.84 -24.44 -12.36
CA GLY D 149 0.08 -24.74 -11.25
C GLY D 149 0.24 -26.25 -11.19
N ALA D 150 1.26 -26.72 -10.47
CA ALA D 150 1.51 -28.16 -10.38
C ALA D 150 0.86 -28.78 -9.16
N ILE D 151 0.17 -29.90 -9.35
CA ILE D 151 -0.48 -30.62 -8.24
C ILE D 151 0.56 -31.56 -7.60
N PRO D 152 0.82 -31.42 -6.29
CA PRO D 152 1.73 -32.35 -5.59
C PRO D 152 1.33 -33.79 -5.83
N THR D 153 2.32 -34.66 -6.01
CA THR D 153 2.09 -36.06 -6.37
CA THR D 153 2.08 -36.06 -6.37
C THR D 153 1.22 -36.79 -5.33
N ASN D 154 1.30 -36.37 -4.08
CA ASN D 154 0.55 -37.02 -2.99
C ASN D 154 -0.91 -36.55 -2.82
N ILE D 155 -1.31 -35.53 -3.57
CA ILE D 155 -2.66 -34.99 -3.41
C ILE D 155 -3.59 -35.52 -4.50
N HIS D 156 -4.61 -36.24 -4.07
CA HIS D 156 -5.58 -36.86 -4.96
C HIS D 156 -7.01 -36.52 -4.55
N TRP D 157 -7.40 -35.28 -4.82
CA TRP D 157 -8.73 -34.81 -4.48
C TRP D 157 -9.66 -34.95 -5.68
N GLY D 158 -10.80 -35.60 -5.49
CA GLY D 158 -11.80 -35.74 -6.54
C GLY D 158 -13.07 -36.34 -6.00
N ALA D 159 -14.21 -35.86 -6.48
CA ALA D 159 -15.52 -36.32 -6.00
C ALA D 159 -15.80 -37.79 -6.32
N GLN D 160 -15.10 -38.33 -7.33
CA GLN D 160 -15.31 -39.73 -7.68
C GLN D 160 -14.90 -40.67 -6.53
N THR D 161 -14.10 -40.16 -5.60
CA THR D 161 -13.61 -40.96 -4.46
C THR D 161 -14.56 -41.04 -3.26
N LEU D 162 -15.66 -40.29 -3.29
CA LEU D 162 -16.53 -40.20 -2.11
C LEU D 162 -17.33 -41.47 -1.89
N THR D 163 -17.56 -41.80 -0.62
CA THR D 163 -18.33 -42.98 -0.23
C THR D 163 -19.27 -42.61 0.93
N ALA D 164 -20.27 -43.45 1.16
CA ALA D 164 -21.21 -43.24 2.26
C ALA D 164 -20.49 -43.06 3.58
N GLY D 165 -20.90 -42.05 4.34
CA GLY D 165 -20.27 -41.77 5.61
C GLY D 165 -19.37 -40.55 5.58
N ASP D 166 -18.85 -40.17 4.41
CA ASP D 166 -18.03 -38.95 4.26
C ASP D 166 -18.86 -37.73 4.67
N ILE D 167 -18.17 -36.71 5.17
CA ILE D 167 -18.84 -35.54 5.72
C ILE D 167 -18.62 -34.34 4.79
N LEU D 168 -19.64 -33.49 4.70
CA LEU D 168 -19.57 -32.31 3.86
CA LEU D 168 -19.61 -32.31 3.85
C LEU D 168 -19.49 -31.04 4.69
N LEU D 169 -18.52 -30.19 4.34
CA LEU D 169 -18.25 -28.92 4.98
C LEU D 169 -18.29 -27.80 3.97
N VAL D 170 -18.57 -26.59 4.45
CA VAL D 170 -18.30 -25.38 3.67
C VAL D 170 -17.30 -24.53 4.43
N SER D 171 -16.47 -23.78 3.71
CA SER D 171 -15.41 -23.00 4.36
C SER D 171 -15.88 -21.67 4.94
N GLY D 172 -17.11 -21.27 4.68
CA GLY D 172 -17.64 -20.02 5.24
C GLY D 172 -19.11 -19.82 4.91
N THR D 173 -19.62 -18.62 5.13
CA THR D 173 -21.01 -18.29 4.91
C THR D 173 -21.37 -18.32 3.41
N LEU D 174 -22.64 -18.64 3.11
CA LEU D 174 -23.02 -18.87 1.73
C LEU D 174 -23.74 -17.66 1.15
N GLY D 175 -23.42 -17.35 -0.10
CA GLY D 175 -24.22 -16.41 -0.86
C GLY D 175 -23.86 -14.95 -0.77
N ASP D 176 -22.78 -14.64 -0.07
CA ASP D 176 -22.36 -13.25 0.08
C ASP D 176 -22.17 -12.52 -1.24
N HIS D 177 -21.49 -13.16 -2.19
CA HIS D 177 -21.24 -12.51 -3.47
C HIS D 177 -22.54 -12.34 -4.24
N GLY D 178 -23.28 -13.42 -4.41
CA GLY D 178 -24.56 -13.41 -5.13
C GLY D 178 -25.50 -12.36 -4.57
N ALA D 179 -25.64 -12.34 -3.25
CA ALA D 179 -26.51 -11.35 -2.58
C ALA D 179 -26.06 -9.90 -2.77
N THR D 180 -24.75 -9.68 -2.71
CA THR D 180 -24.18 -8.35 -2.94
C THR D 180 -24.55 -7.82 -4.34
N ILE D 181 -24.43 -8.68 -5.36
CA ILE D 181 -24.73 -8.27 -6.72
C ILE D 181 -26.25 -8.11 -6.94
N LEU D 182 -27.04 -9.00 -6.35
CA LEU D 182 -28.51 -8.90 -6.46
C LEU D 182 -29.02 -7.59 -5.87
N ASN D 183 -28.46 -7.19 -4.72
CA ASN D 183 -28.82 -5.90 -4.11
C ASN D 183 -28.52 -4.72 -5.02
N LEU D 184 -27.35 -4.74 -5.66
CA LEU D 184 -26.99 -3.67 -6.62
C LEU D 184 -27.89 -3.67 -7.86
N ARG D 185 -28.10 -4.85 -8.44
CA ARG D 185 -28.81 -4.97 -9.72
C ARG D 185 -30.31 -4.76 -9.59
N GLU D 186 -30.88 -5.21 -8.47
CA GLU D 186 -32.32 -5.12 -8.24
C GLU D 186 -32.67 -3.97 -7.30
N GLN D 187 -31.66 -3.19 -6.91
CA GLN D 187 -31.82 -2.02 -6.03
C GLN D 187 -32.64 -2.36 -4.77
N LEU D 188 -32.11 -3.26 -3.95
CA LEU D 188 -32.90 -3.81 -2.83
C LEU D 188 -32.79 -2.95 -1.56
N GLY D 189 -32.05 -1.87 -1.64
CA GLY D 189 -31.98 -0.90 -0.55
C GLY D 189 -31.02 -1.27 0.55
N LEU D 190 -30.13 -2.22 0.27
CA LEU D 190 -29.26 -2.77 1.31
C LEU D 190 -27.78 -2.38 1.15
N ASP D 191 -27.52 -1.27 0.44
CA ASP D 191 -26.15 -0.76 0.33
C ASP D 191 -25.56 -0.58 1.72
N GLY D 192 -24.33 -1.05 1.90
CA GLY D 192 -23.67 -0.92 3.19
C GLY D 192 -23.83 -2.15 4.07
N GLU D 193 -24.73 -3.06 3.69
CA GLU D 193 -24.99 -4.25 4.49
C GLU D 193 -24.36 -5.52 3.94
N LEU D 194 -23.95 -5.48 2.67
CA LEU D 194 -23.47 -6.67 1.97
C LEU D 194 -22.10 -6.42 1.37
N VAL D 195 -21.21 -7.42 1.43
CA VAL D 195 -19.86 -7.33 0.85
C VAL D 195 -19.55 -8.65 0.18
N SER D 196 -19.02 -8.62 -1.03
CA SER D 196 -18.61 -9.83 -1.73
C SER D 196 -17.46 -10.50 -0.98
N ASP D 197 -17.38 -11.82 -1.07
CA ASP D 197 -16.30 -12.60 -0.45
C ASP D 197 -15.13 -12.89 -1.40
N CYS D 198 -15.12 -12.21 -2.55
N CYS D 198 -15.12 -12.24 -2.57
CA CYS D 198 -14.08 -12.38 -3.57
CA CYS D 198 -14.11 -12.55 -3.58
C CYS D 198 -12.66 -12.47 -2.97
C CYS D 198 -12.70 -12.49 -3.00
N ALA D 199 -12.00 -13.61 -3.10
CA ALA D 199 -10.66 -13.81 -2.52
C ALA D 199 -9.93 -14.97 -3.18
N VAL D 200 -8.61 -14.88 -3.21
CA VAL D 200 -7.78 -16.02 -3.61
C VAL D 200 -7.69 -16.99 -2.43
N LEU D 201 -8.04 -18.25 -2.65
CA LEU D 201 -8.21 -19.19 -1.53
C LEU D 201 -7.01 -20.08 -1.29
N THR D 202 -5.96 -19.89 -2.08
CA THR D 202 -4.73 -20.68 -1.96
C THR D 202 -4.24 -20.79 -0.50
N PRO D 203 -4.14 -19.66 0.23
CA PRO D 203 -3.63 -19.75 1.62
C PRO D 203 -4.49 -20.64 2.53
N LEU D 204 -5.80 -20.64 2.29
CA LEU D 204 -6.70 -21.51 3.04
C LEU D 204 -6.56 -22.98 2.60
N ILE D 205 -6.43 -23.22 1.30
CA ILE D 205 -6.31 -24.59 0.79
C ILE D 205 -4.99 -25.23 1.25
N GLN D 206 -3.98 -24.40 1.39
CA GLN D 206 -2.68 -24.91 1.84
C GLN D 206 -2.72 -25.45 3.28
N THR D 207 -3.63 -24.95 4.12
CA THR D 207 -3.87 -25.56 5.44
C THR D 207 -4.35 -27.00 5.31
N LEU D 208 -5.09 -27.27 4.23
CA LEU D 208 -5.68 -28.59 3.98
C LEU D 208 -4.72 -29.58 3.33
N ARG D 209 -3.66 -29.08 2.70
CA ARG D 209 -2.66 -29.96 2.09
C ARG D 209 -1.83 -30.64 3.20
N ASP D 210 -1.66 -29.96 4.33
CA ASP D 210 -0.76 -30.38 5.40
C ASP D 210 -1.32 -31.45 6.35
N ILE D 211 -2.64 -31.59 6.40
CA ILE D 211 -3.26 -32.57 7.29
C ILE D 211 -4.15 -33.56 6.54
N PRO D 212 -4.33 -34.77 7.08
CA PRO D 212 -5.18 -35.73 6.38
C PRO D 212 -6.67 -35.43 6.54
N GLY D 213 -7.45 -35.88 5.57
CA GLY D 213 -8.91 -35.85 5.70
C GLY D 213 -9.69 -35.46 4.46
N VAL D 214 -9.16 -34.55 3.66
CA VAL D 214 -9.88 -34.02 2.48
C VAL D 214 -9.93 -35.08 1.39
N LYS D 215 -11.12 -35.33 0.85
CA LYS D 215 -11.29 -36.27 -0.27
C LYS D 215 -11.68 -35.57 -1.57
N ALA D 216 -12.42 -34.46 -1.45
CA ALA D 216 -12.82 -33.67 -2.60
C ALA D 216 -12.98 -32.23 -2.20
N LEU D 217 -12.73 -31.33 -3.14
CA LEU D 217 -12.68 -29.90 -2.86
C LEU D 217 -13.02 -29.13 -4.12
N ARG D 218 -14.00 -28.23 -4.03
CA ARG D 218 -14.41 -27.42 -5.17
C ARG D 218 -14.80 -26.03 -4.70
N ASP D 219 -14.58 -25.03 -5.54
CA ASP D 219 -15.11 -23.71 -5.27
C ASP D 219 -16.58 -23.70 -5.72
N ALA D 220 -17.33 -22.66 -5.36
CA ALA D 220 -18.77 -22.69 -5.56
C ALA D 220 -19.29 -21.39 -6.16
N THR D 221 -18.96 -21.15 -7.44
CA THR D 221 -19.33 -19.91 -8.11
C THR D 221 -20.71 -20.03 -8.75
N ARG D 222 -20.78 -20.08 -10.09
CA ARG D 222 -22.06 -20.27 -10.78
C ARG D 222 -22.79 -21.49 -10.24
N GLY D 223 -24.04 -21.30 -9.84
CA GLY D 223 -24.84 -22.41 -9.31
C GLY D 223 -24.67 -22.64 -7.80
N GLY D 224 -23.71 -21.95 -7.19
CA GLY D 224 -23.53 -22.00 -5.75
C GLY D 224 -23.22 -23.39 -5.22
N VAL D 225 -23.49 -23.59 -3.95
CA VAL D 225 -23.27 -24.87 -3.28
C VAL D 225 -24.17 -25.99 -3.84
N ASN D 226 -25.40 -25.64 -4.19
CA ASN D 226 -26.35 -26.60 -4.74
C ASN D 226 -25.78 -27.29 -5.99
N ALA D 227 -25.14 -26.52 -6.86
CA ALA D 227 -24.53 -27.10 -8.07
C ALA D 227 -23.40 -28.05 -7.69
N VAL D 228 -22.57 -27.65 -6.72
CA VAL D 228 -21.43 -28.50 -6.30
C VAL D 228 -21.88 -29.84 -5.70
N VAL D 229 -22.89 -29.81 -4.83
CA VAL D 229 -23.33 -31.04 -4.18
C VAL D 229 -23.98 -31.99 -5.20
N HIS D 230 -24.69 -31.43 -6.17
CA HIS D 230 -25.19 -32.25 -7.28
C HIS D 230 -24.07 -32.87 -8.10
N GLU D 231 -23.00 -32.10 -8.32
CA GLU D 231 -21.82 -32.60 -9.02
C GLU D 231 -21.13 -33.72 -8.22
N PHE D 232 -20.97 -33.51 -6.91
CA PHE D 232 -20.42 -34.52 -6.00
C PHE D 232 -21.21 -35.83 -6.07
N ALA D 233 -22.54 -35.72 -5.95
CA ALA D 233 -23.42 -36.89 -5.95
C ALA D 233 -23.35 -37.69 -7.26
N ALA D 234 -23.32 -36.98 -8.38
CA ALA D 234 -23.26 -37.60 -9.69
C ALA D 234 -21.91 -38.32 -9.92
N ALA D 235 -20.83 -37.70 -9.44
CA ALA D 235 -19.48 -38.25 -9.59
C ALA D 235 -19.26 -39.54 -8.80
N CYS D 236 -19.83 -39.63 -7.61
CA CYS D 236 -19.59 -40.79 -6.75
C CYS D 236 -20.71 -41.83 -6.73
N GLY D 237 -21.86 -41.51 -7.33
CA GLY D 237 -23.00 -42.43 -7.34
C GLY D 237 -23.58 -42.70 -5.95
N CYS D 238 -23.38 -41.75 -5.04
CA CYS D 238 -23.99 -41.81 -3.71
C CYS D 238 -24.84 -40.56 -3.50
N GLY D 239 -25.73 -40.60 -2.53
CA GLY D 239 -26.55 -39.44 -2.21
C GLY D 239 -25.84 -38.47 -1.30
N ILE D 240 -26.39 -37.26 -1.21
CA ILE D 240 -25.87 -36.26 -0.31
C ILE D 240 -27.04 -35.64 0.42
N GLU D 241 -26.93 -35.57 1.74
CA GLU D 241 -27.98 -35.00 2.57
C GLU D 241 -27.43 -33.80 3.33
N ILE D 242 -28.09 -32.66 3.15
N ILE D 242 -28.01 -32.62 3.12
CA ILE D 242 -27.70 -31.37 3.73
CA ILE D 242 -27.57 -31.43 3.84
C ILE D 242 -28.70 -30.97 4.81
C ILE D 242 -28.66 -30.86 4.74
N SER D 243 -28.23 -30.36 5.89
CA SER D 243 -29.12 -29.82 6.92
C SER D 243 -29.35 -28.34 6.69
N GLU D 244 -30.62 -27.94 6.48
CA GLU D 244 -30.94 -26.53 6.24
C GLU D 244 -30.49 -25.63 7.40
N SER D 245 -30.76 -26.07 8.63
CA SER D 245 -30.43 -25.26 9.80
C SER D 245 -28.92 -25.11 10.03
N ALA D 246 -28.13 -26.04 9.50
CA ALA D 246 -26.66 -25.98 9.65
C ALA D 246 -25.99 -25.01 8.67
N LEU D 247 -26.69 -24.60 7.62
CA LEU D 247 -26.11 -23.72 6.62
C LEU D 247 -25.76 -22.38 7.24
N PRO D 248 -24.48 -21.97 7.14
CA PRO D 248 -24.08 -20.66 7.65
C PRO D 248 -24.44 -19.55 6.65
N VAL D 249 -25.32 -18.64 7.05
CA VAL D 249 -25.77 -17.58 6.15
C VAL D 249 -25.76 -16.29 6.95
N LYS D 250 -25.04 -15.28 6.46
CA LYS D 250 -24.98 -13.99 7.16
C LYS D 250 -26.36 -13.35 7.29
N PRO D 251 -26.61 -12.62 8.40
CA PRO D 251 -27.91 -11.92 8.62
C PRO D 251 -28.36 -11.12 7.38
N ALA D 252 -27.50 -10.30 6.78
CA ALA D 252 -27.90 -9.53 5.59
C ALA D 252 -28.28 -10.38 4.38
N VAL D 253 -27.61 -11.51 4.20
CA VAL D 253 -27.92 -12.43 3.11
C VAL D 253 -29.26 -13.12 3.36
N ARG D 254 -29.54 -13.47 4.62
CA ARG D 254 -30.86 -14.00 4.99
C ARG D 254 -31.97 -13.01 4.62
N GLY D 255 -31.70 -11.71 4.80
CA GLY D 255 -32.66 -10.66 4.43
C GLY D 255 -32.93 -10.64 2.93
N VAL D 256 -31.87 -10.84 2.13
CA VAL D 256 -32.01 -10.97 0.66
C VAL D 256 -32.81 -12.23 0.29
N CYS D 257 -32.52 -13.34 0.94
CA CYS D 257 -33.34 -14.56 0.77
C CYS D 257 -34.83 -14.29 1.04
N GLU D 258 -35.14 -13.58 2.13
CA GLU D 258 -36.53 -13.23 2.46
C GLU D 258 -37.17 -12.37 1.39
N LEU D 259 -36.46 -11.34 0.94
CA LEU D 259 -36.99 -10.43 -0.08
C LEU D 259 -37.32 -11.13 -1.39
N LEU D 260 -36.44 -12.03 -1.82
CA LEU D 260 -36.56 -12.63 -3.14
C LEU D 260 -37.20 -14.02 -3.13
N GLY D 261 -37.25 -14.65 -1.95
CA GLY D 261 -37.71 -16.03 -1.85
C GLY D 261 -36.71 -17.02 -2.42
N LEU D 262 -35.46 -16.57 -2.61
CA LEU D 262 -34.43 -17.40 -3.26
C LEU D 262 -33.42 -17.97 -2.26
N ASP D 263 -32.73 -19.03 -2.67
CA ASP D 263 -31.93 -19.90 -1.80
C ASP D 263 -30.46 -19.47 -1.79
N ALA D 264 -29.88 -19.21 -0.60
CA ALA D 264 -28.41 -18.96 -0.51
C ALA D 264 -27.60 -20.12 -1.10
N LEU D 265 -28.19 -21.33 -1.11
CA LEU D 265 -27.52 -22.49 -1.73
C LEU D 265 -27.32 -22.29 -3.24
N ASN D 266 -28.14 -21.44 -3.83
CA ASN D 266 -28.08 -21.13 -5.25
C ASN D 266 -27.30 -19.87 -5.58
N PHE D 267 -26.96 -19.07 -4.57
CA PHE D 267 -26.24 -17.81 -4.79
C PHE D 267 -24.76 -18.10 -5.03
N ALA D 268 -24.19 -17.47 -6.06
CA ALA D 268 -22.75 -17.58 -6.35
C ALA D 268 -21.87 -17.11 -5.19
N ASN D 269 -20.76 -17.81 -4.98
CA ASN D 269 -19.72 -17.42 -4.02
C ASN D 269 -18.46 -17.14 -4.79
N GLU D 270 -17.63 -16.23 -4.30
CA GLU D 270 -16.34 -16.00 -4.95
C GLU D 270 -15.17 -16.18 -3.97
N GLY D 271 -15.46 -16.74 -2.80
CA GLY D 271 -14.41 -17.02 -1.82
C GLY D 271 -14.74 -18.17 -0.88
N LYS D 272 -15.43 -19.19 -1.40
CA LYS D 272 -15.90 -20.30 -0.57
C LYS D 272 -15.57 -21.65 -1.19
N LEU D 273 -15.27 -22.62 -0.33
CA LEU D 273 -15.04 -24.00 -0.72
C LEU D 273 -16.13 -24.90 -0.19
N VAL D 274 -16.44 -25.95 -0.96
CA VAL D 274 -17.25 -27.06 -0.47
C VAL D 274 -16.25 -28.20 -0.36
N ILE D 275 -16.23 -28.83 0.81
CA ILE D 275 -15.20 -29.83 1.12
C ILE D 275 -15.83 -31.14 1.56
N ALA D 276 -15.41 -32.24 0.95
CA ALA D 276 -15.86 -33.55 1.41
C ALA D 276 -14.69 -34.24 2.10
N VAL D 277 -14.95 -34.80 3.29
CA VAL D 277 -13.87 -35.31 4.12
C VAL D 277 -14.19 -36.69 4.65
N GLU D 278 -13.13 -37.44 4.98
N GLU D 278 -13.14 -37.46 4.97
CA GLU D 278 -13.25 -38.65 5.77
CA GLU D 278 -13.28 -38.70 5.71
C GLU D 278 -14.01 -38.34 7.03
C GLU D 278 -13.97 -38.39 7.03
N ARG D 279 -14.92 -39.24 7.42
CA ARG D 279 -15.78 -38.99 8.59
C ARG D 279 -15.01 -38.63 9.86
N ASN D 280 -13.95 -39.39 10.16
CA ASN D 280 -13.18 -39.17 11.39
C ASN D 280 -12.24 -37.98 11.33
N ALA D 281 -12.18 -37.31 10.19
CA ALA D 281 -11.32 -36.15 10.04
C ALA D 281 -12.12 -34.83 9.99
N ALA D 282 -13.43 -34.90 10.20
CA ALA D 282 -14.24 -33.69 10.01
C ALA D 282 -13.79 -32.61 10.98
N GLU D 283 -13.52 -33.00 12.22
CA GLU D 283 -13.20 -32.00 13.25
C GLU D 283 -11.84 -31.35 13.02
N GLN D 284 -10.84 -32.15 12.63
CA GLN D 284 -9.51 -31.58 12.39
C GLN D 284 -9.47 -30.70 11.15
N VAL D 285 -10.25 -31.06 10.12
CA VAL D 285 -10.33 -30.21 8.91
C VAL D 285 -11.01 -28.88 9.26
N LEU D 286 -12.09 -28.95 10.03
N LEU D 286 -12.08 -28.96 10.04
CA LEU D 286 -12.75 -27.72 10.50
CA LEU D 286 -12.78 -27.77 10.53
C LEU D 286 -11.80 -26.84 11.31
C LEU D 286 -11.82 -26.86 11.30
N ALA D 287 -11.02 -27.45 12.18
CA ALA D 287 -10.00 -26.73 12.95
C ALA D 287 -8.96 -26.09 12.04
N ALA D 288 -8.53 -26.81 11.01
CA ALA D 288 -7.59 -26.26 10.02
C ALA D 288 -8.21 -25.04 9.31
N LEU D 289 -9.46 -25.16 8.88
CA LEU D 289 -10.15 -24.04 8.24
C LEU D 289 -10.26 -22.86 9.20
N HIS D 290 -10.69 -23.13 10.44
CA HIS D 290 -10.83 -22.07 11.46
C HIS D 290 -9.53 -21.38 11.84
N SER D 291 -8.39 -22.01 11.53
CA SER D 291 -7.07 -21.47 11.88
C SER D 291 -6.64 -20.33 10.94
N HIS D 292 -7.30 -20.21 9.79
CA HIS D 292 -6.99 -19.16 8.83
C HIS D 292 -8.20 -18.22 8.70
N PRO D 293 -7.94 -16.90 8.60
CA PRO D 293 -9.06 -15.93 8.47
C PRO D 293 -10.10 -16.25 7.39
N LEU D 294 -9.68 -16.86 6.28
CA LEU D 294 -10.59 -17.17 5.19
C LEU D 294 -11.56 -18.32 5.54
N GLY D 295 -11.21 -19.09 6.56
CA GLY D 295 -12.05 -20.21 7.00
C GLY D 295 -12.74 -20.04 8.34
N LYS D 296 -12.76 -18.80 8.86
CA LYS D 296 -13.25 -18.57 10.21
C LYS D 296 -14.71 -18.98 10.45
N ASP D 297 -15.53 -18.95 9.41
CA ASP D 297 -16.94 -19.33 9.51
C ASP D 297 -17.26 -20.74 8.99
N ALA D 298 -16.22 -21.56 8.78
CA ALA D 298 -16.40 -22.94 8.30
C ALA D 298 -17.35 -23.75 9.16
N ALA D 299 -18.14 -24.62 8.52
CA ALA D 299 -19.17 -25.38 9.24
C ALA D 299 -19.47 -26.70 8.55
N LEU D 300 -19.83 -27.70 9.36
CA LEU D 300 -20.32 -28.98 8.85
CA LEU D 300 -20.32 -28.97 8.82
C LEU D 300 -21.75 -28.76 8.35
N ILE D 301 -22.05 -29.21 7.14
CA ILE D 301 -23.42 -29.00 6.62
C ILE D 301 -24.12 -30.28 6.17
N GLY D 302 -23.39 -31.38 6.05
CA GLY D 302 -24.03 -32.60 5.58
C GLY D 302 -23.18 -33.84 5.53
N GLU D 303 -23.69 -34.84 4.82
CA GLU D 303 -23.08 -36.15 4.79
C GLU D 303 -23.40 -36.83 3.47
N VAL D 304 -22.47 -37.69 3.04
CA VAL D 304 -22.68 -38.57 1.88
C VAL D 304 -23.35 -39.84 2.39
N VAL D 305 -24.39 -40.29 1.68
CA VAL D 305 -25.17 -41.45 2.11
C VAL D 305 -25.35 -42.44 0.96
N GLU D 306 -25.78 -43.66 1.28
CA GLU D 306 -25.97 -44.68 0.24
C GLU D 306 -27.10 -44.36 -0.72
N ARG D 307 -28.24 -43.91 -0.20
CA ARG D 307 -29.39 -43.61 -1.06
C ARG D 307 -29.09 -42.43 -1.99
N LYS D 308 -29.19 -42.68 -3.29
CA LYS D 308 -28.85 -41.69 -4.32
C LYS D 308 -29.74 -40.47 -4.27
N GLY D 309 -29.25 -39.37 -4.82
CA GLY D 309 -30.00 -38.10 -4.89
C GLY D 309 -29.50 -37.09 -3.89
N VAL D 310 -29.95 -35.84 -4.03
CA VAL D 310 -29.55 -34.76 -3.11
C VAL D 310 -30.80 -34.31 -2.36
N ARG D 311 -30.73 -34.34 -1.03
CA ARG D 311 -31.87 -33.98 -0.18
C ARG D 311 -31.52 -32.91 0.84
N LEU D 312 -32.49 -32.08 1.17
CA LEU D 312 -32.33 -31.04 2.18
C LEU D 312 -33.22 -31.31 3.39
N ALA D 313 -32.61 -31.43 4.57
CA ALA D 313 -33.38 -31.67 5.80
C ALA D 313 -33.92 -30.37 6.35
N GLY D 314 -35.24 -30.28 6.44
CA GLY D 314 -35.90 -29.09 6.97
C GLY D 314 -36.36 -29.36 8.39
N LEU D 315 -37.54 -28.88 8.73
CA LEU D 315 -38.09 -29.07 10.08
CA LEU D 315 -38.07 -29.08 10.08
C LEU D 315 -38.34 -30.55 10.39
N TYR D 316 -38.10 -30.92 11.66
CA TYR D 316 -38.37 -32.27 12.17
C TYR D 316 -37.55 -33.35 11.44
N GLY D 317 -36.39 -32.96 10.92
CA GLY D 317 -35.51 -33.88 10.18
C GLY D 317 -36.11 -34.43 8.90
N VAL D 318 -37.09 -33.73 8.34
CA VAL D 318 -37.71 -34.18 7.07
C VAL D 318 -36.77 -33.89 5.91
N LYS D 319 -36.38 -34.94 5.19
CA LYS D 319 -35.43 -34.85 4.10
C LYS D 319 -36.13 -34.81 2.74
N ARG D 320 -36.04 -33.66 2.07
CA ARG D 320 -36.74 -33.48 0.80
C ARG D 320 -35.75 -33.28 -0.33
N THR D 321 -36.05 -33.87 -1.49
CA THR D 321 -35.24 -33.69 -2.68
C THR D 321 -34.97 -32.20 -2.92
N LEU D 322 -33.69 -31.86 -3.16
CA LEU D 322 -33.28 -30.50 -3.41
C LEU D 322 -33.04 -30.35 -4.91
N ASP D 323 -33.93 -29.65 -5.60
CA ASP D 323 -33.81 -29.48 -7.05
C ASP D 323 -32.79 -28.43 -7.40
N LEU D 324 -32.15 -28.59 -8.55
CA LEU D 324 -31.34 -27.53 -9.15
C LEU D 324 -32.28 -26.53 -9.83
N PRO D 325 -31.97 -25.23 -9.77
CA PRO D 325 -32.80 -24.24 -10.48
C PRO D 325 -32.52 -24.28 -11.98
N HIS D 326 -33.43 -23.73 -12.77
CA HIS D 326 -33.29 -23.79 -14.22
C HIS D 326 -32.30 -22.75 -14.74
N ALA D 327 -32.14 -21.66 -13.99
CA ALA D 327 -31.26 -20.56 -14.35
C ALA D 327 -30.72 -19.90 -13.08
N GLU D 328 -29.63 -19.15 -13.22
CA GLU D 328 -29.08 -18.35 -12.12
C GLU D 328 -30.09 -17.28 -11.70
N PRO D 329 -30.00 -16.76 -10.46
CA PRO D 329 -30.98 -15.75 -10.03
C PRO D 329 -31.06 -14.55 -10.98
N LEU D 330 -29.94 -14.19 -11.59
CA LEU D 330 -29.85 -13.12 -12.60
C LEU D 330 -28.66 -13.44 -13.48
N PRO D 331 -28.66 -12.96 -14.73
CA PRO D 331 -27.45 -13.13 -15.53
C PRO D 331 -26.32 -12.23 -15.05
N ARG D 332 -25.09 -12.59 -15.38
CA ARG D 332 -23.90 -11.73 -15.16
C ARG D 332 -23.65 -11.39 -13.69
N ILE D 333 -23.84 -12.38 -12.81
CA ILE D 333 -23.46 -12.27 -11.40
C ILE D 333 -21.95 -12.51 -11.22
N CYS D 334 -21.32 -13.15 -12.20
CA CYS D 334 -19.87 -13.44 -12.19
C CYS D 334 -19.15 -13.11 -13.52
#